data_4WJB
#
_entry.id   4WJB
#
_cell.length_a   64.660
_cell.length_b   113.060
_cell.length_c   126.670
_cell.angle_alpha   90.00
_cell.angle_beta   95.50
_cell.angle_gamma   90.00
#
_symmetry.space_group_name_H-M   'P 1 21 1'
#
loop_
_entity.id
_entity.type
_entity.pdbx_description
1 polymer 'Putative amidohydrolase/peptidase'
2 non-polymer 'ZINC ION'
3 non-polymer 'SULFATE ION'
4 non-polymer 1,2-ETHANEDIOL
5 water water
#
_entity_poly.entity_id   1
_entity_poly.type   'polypeptide(L)'
_entity_poly.pdbx_seq_one_letter_code
;MAHHHHHHMRDAPASMPRVDGDRLWASLERMAQIGATPKGGVCRLALTDLDRESRDLFVQWAREAGCTVRVDRMGNVFAR
RAGRRPDAAPVMTGSHADSQPTGGRYDGIYGVLGGLEVVRALNDAAIETERPVDVVIWTNEEGSRFAPAMVSAGVFSGVY
TLEYGLSRTDGAGRTIGEELERIGYAGAEPVGGYPVHAAYELHIEQGAILERAGKTIGVVTAGQGQRWYEVTLTGVDAHA
GTTPMAFRRDALVGAARMISFVEVLGRRYAPDARATVGMIEARPNSRNTVPGGCFFTVEFRHPDDAVLDELDAALRAELA
RVADETGLGAQIEQIFTYAPVPFAPRCIDTVRDAARSLGLSHMDIVSGAGHDACYVARVAPTGMIFVPCVDGLSHNEAEA
ITPEWATAGADVLLRAVLQSAQEA
;
_entity_poly.pdbx_strand_id   A,B,C,D
#
loop_
_chem_comp.id
_chem_comp.type
_chem_comp.name
_chem_comp.formula
EDO non-polymer 1,2-ETHANEDIOL 'C2 H6 O2'
SO4 non-polymer 'SULFATE ION' 'O4 S -2'
ZN non-polymer 'ZINC ION' 'Zn 2'
#
# COMPACT_ATOMS: atom_id res chain seq x y z
N MET A 16 -29.04 -40.82 32.77
CA MET A 16 -27.67 -40.63 32.30
C MET A 16 -27.04 -39.38 32.93
N PRO A 17 -25.81 -39.53 33.45
CA PRO A 17 -25.12 -38.46 34.18
C PRO A 17 -24.76 -37.28 33.29
N ARG A 18 -24.47 -36.14 33.91
CA ARG A 18 -24.11 -34.92 33.18
C ARG A 18 -22.95 -34.24 33.86
N VAL A 19 -22.07 -33.61 33.08
CA VAL A 19 -20.94 -32.91 33.67
C VAL A 19 -21.42 -31.61 34.34
N ASP A 20 -20.63 -31.15 35.31
CA ASP A 20 -20.82 -29.85 35.93
C ASP A 20 -19.96 -28.82 35.20
N GLY A 21 -20.59 -28.04 34.33
CA GLY A 21 -19.86 -27.11 33.47
C GLY A 21 -19.12 -26.03 34.22
N ASP A 22 -19.73 -25.50 35.27
CA ASP A 22 -19.09 -24.47 36.07
C ASP A 22 -17.86 -25.01 36.81
N ARG A 23 -17.96 -26.24 37.28
CA ARG A 23 -16.85 -26.91 37.97
C ARG A 23 -15.69 -27.11 37.01
N LEU A 24 -16.00 -27.64 35.83
CA LEU A 24 -14.99 -27.85 34.80
C LEU A 24 -14.32 -26.53 34.42
N TRP A 25 -15.13 -25.48 34.30
CA TRP A 25 -14.60 -24.18 33.90
C TRP A 25 -13.69 -23.61 34.99
N ALA A 26 -14.10 -23.79 36.24
CA ALA A 26 -13.29 -23.35 37.37
C ALA A 26 -11.93 -24.04 37.38
N SER A 27 -11.92 -25.33 37.04
CA SER A 27 -10.67 -26.09 37.04
C SER A 27 -9.74 -25.60 35.92
N LEU A 28 -10.32 -25.19 34.80
CA LEU A 28 -9.55 -24.65 33.68
C LEU A 28 -8.97 -23.27 34.02
N GLU A 29 -9.77 -22.42 34.65
CA GLU A 29 -9.29 -21.11 35.08
C GLU A 29 -8.16 -21.24 36.09
N ARG A 30 -8.31 -22.16 37.03
CA ARG A 30 -7.30 -22.37 38.08
C ARG A 30 -5.99 -22.91 37.51
N MET A 31 -6.09 -23.89 36.62
CA MET A 31 -4.89 -24.48 36.05
C MET A 31 -4.17 -23.46 35.15
N ALA A 32 -4.95 -22.58 34.52
CA ALA A 32 -4.40 -21.58 33.61
C ALA A 32 -3.56 -20.53 34.33
N GLN A 33 -3.65 -20.51 35.65
CA GLN A 33 -2.83 -19.62 36.46
C GLN A 33 -1.37 -20.08 36.43
N ILE A 34 -1.17 -21.39 36.33
CA ILE A 34 0.17 -21.96 36.38
C ILE A 34 0.88 -21.73 35.05
N GLY A 35 1.77 -20.74 35.03
CA GLY A 35 2.47 -20.36 33.82
C GLY A 35 1.72 -19.30 33.02
N ALA A 36 0.83 -18.57 33.69
CA ALA A 36 0.06 -17.51 33.05
C ALA A 36 0.97 -16.44 32.44
N THR A 37 0.64 -16.01 31.22
CA THR A 37 1.39 -14.95 30.56
C THR A 37 0.56 -13.66 30.55
N PRO A 38 1.21 -12.50 30.46
CA PRO A 38 0.47 -11.23 30.43
C PRO A 38 -0.55 -11.15 29.30
N LYS A 39 -0.28 -11.82 28.19
CA LYS A 39 -1.19 -11.82 27.04
C LYS A 39 -2.39 -12.73 27.25
N GLY A 40 -2.44 -13.40 28.42
CA GLY A 40 -3.55 -14.25 28.76
C GLY A 40 -3.35 -15.70 28.36
N GLY A 41 -2.13 -16.06 28.01
CA GLY A 41 -1.83 -17.41 27.58
C GLY A 41 -1.16 -18.23 28.66
N VAL A 42 -0.53 -19.32 28.25
CA VAL A 42 0.19 -20.20 29.17
C VAL A 42 1.56 -20.57 28.62
N CYS A 43 2.59 -20.34 29.43
CA CYS A 43 3.95 -20.76 29.09
C CYS A 43 4.41 -21.79 30.11
N ARG A 44 4.08 -23.05 29.84
CA ARG A 44 4.33 -24.14 30.77
C ARG A 44 5.04 -25.28 30.04
N LEU A 45 6.34 -25.11 29.82
CA LEU A 45 7.12 -26.08 29.07
C LEU A 45 7.26 -27.39 29.84
N ALA A 46 7.38 -28.48 29.10
CA ALA A 46 7.44 -29.82 29.69
C ALA A 46 8.58 -29.97 30.71
N LEU A 47 8.25 -30.55 31.86
CA LEU A 47 9.22 -30.90 32.90
C LEU A 47 9.90 -29.70 33.55
N THR A 48 9.36 -28.51 33.32
CA THR A 48 9.74 -27.34 34.12
C THR A 48 9.06 -27.43 35.49
N ASP A 49 9.41 -26.52 36.39
CA ASP A 49 8.75 -26.47 37.70
C ASP A 49 7.26 -26.12 37.55
N LEU A 50 6.94 -25.34 36.51
CA LEU A 50 5.55 -25.02 36.22
C LEU A 50 4.77 -26.25 35.77
N ASP A 51 5.42 -27.11 34.98
CA ASP A 51 4.81 -28.37 34.57
C ASP A 51 4.59 -29.25 35.79
N ARG A 52 5.60 -29.29 36.66
CA ARG A 52 5.54 -30.05 37.90
C ARG A 52 4.39 -29.60 38.79
N GLU A 53 4.23 -28.28 38.92
CA GLU A 53 3.15 -27.72 39.72
C GLU A 53 1.80 -28.16 39.16
N SER A 54 1.69 -28.12 37.83
CA SER A 54 0.48 -28.54 37.14
C SER A 54 0.19 -30.02 37.36
N ARG A 55 1.24 -30.83 37.28
CA ARG A 55 1.12 -32.27 37.51
C ARG A 55 0.69 -32.55 38.95
N ASP A 56 1.32 -31.87 39.90
CA ASP A 56 1.02 -32.06 41.31
C ASP A 56 -0.42 -31.71 41.64
N LEU A 57 -0.93 -30.66 41.00
CA LEU A 57 -2.30 -30.23 41.23
C LEU A 57 -3.30 -31.24 40.68
N PHE A 58 -3.02 -31.76 39.49
CA PHE A 58 -3.87 -32.79 38.90
C PHE A 58 -3.88 -34.03 39.80
N VAL A 59 -2.70 -34.43 40.24
CA VAL A 59 -2.56 -35.59 41.09
C VAL A 59 -3.34 -35.38 42.39
N GLN A 60 -3.24 -34.19 42.97
N GLN A 60 -3.23 -34.19 42.96
CA GLN A 60 -3.98 -33.90 44.19
CA GLN A 60 -3.98 -33.85 44.17
C GLN A 60 -5.49 -33.98 43.96
C GLN A 60 -5.47 -33.99 43.95
N TRP A 61 -5.97 -33.38 42.87
CA TRP A 61 -7.40 -33.41 42.57
C TRP A 61 -7.91 -34.83 42.28
N ALA A 62 -7.09 -35.61 41.58
CA ALA A 62 -7.45 -36.99 41.25
C ALA A 62 -7.60 -37.85 42.49
N ARG A 63 -6.67 -37.71 43.44
CA ARG A 63 -6.73 -38.47 44.68
C ARG A 63 -7.93 -38.06 45.51
N GLU A 64 -8.19 -36.75 45.58
CA GLU A 64 -9.35 -36.24 46.29
C GLU A 64 -10.65 -36.77 45.68
N ALA A 65 -10.60 -37.13 44.39
CA ALA A 65 -11.75 -37.73 43.71
C ALA A 65 -11.71 -39.26 43.77
N GLY A 66 -10.84 -39.79 44.62
CA GLY A 66 -10.81 -41.21 44.90
C GLY A 66 -10.01 -42.08 43.93
N CYS A 67 -9.24 -41.45 43.05
CA CYS A 67 -8.42 -42.19 42.10
C CYS A 67 -7.12 -42.69 42.71
N THR A 68 -6.63 -43.83 42.20
CA THR A 68 -5.29 -44.28 42.50
C THR A 68 -4.34 -43.81 41.40
N VAL A 69 -3.34 -43.03 41.79
CA VAL A 69 -2.40 -42.45 40.82
C VAL A 69 -1.14 -43.29 40.70
N ARG A 70 -0.73 -43.57 39.46
CA ARG A 70 0.55 -44.23 39.20
C ARG A 70 1.32 -43.41 38.18
N VAL A 71 2.63 -43.55 38.17
CA VAL A 71 3.50 -42.82 37.24
C VAL A 71 4.45 -43.81 36.56
N ASP A 72 4.60 -43.73 35.24
CA ASP A 72 5.51 -44.66 34.56
C ASP A 72 6.88 -44.02 34.32
N ARG A 73 7.78 -44.77 33.68
CA ARG A 73 9.17 -44.36 33.57
C ARG A 73 9.37 -43.15 32.65
N MET A 74 8.36 -42.84 31.85
CA MET A 74 8.40 -41.64 31.01
C MET A 74 7.68 -40.49 31.67
N GLY A 75 7.26 -40.68 32.92
CA GLY A 75 6.60 -39.64 33.69
C GLY A 75 5.13 -39.45 33.32
N ASN A 76 4.59 -40.36 32.53
CA ASN A 76 3.16 -40.33 32.26
C ASN A 76 2.38 -40.55 33.54
N VAL A 77 1.36 -39.74 33.77
CA VAL A 77 0.59 -39.82 35.00
C VAL A 77 -0.77 -40.43 34.72
N PHE A 78 -1.10 -41.49 35.45
CA PHE A 78 -2.38 -42.17 35.28
C PHE A 78 -3.18 -42.13 36.58
N ALA A 79 -4.36 -41.51 36.52
CA ALA A 79 -5.27 -41.51 37.67
C ALA A 79 -6.37 -42.52 37.42
N ARG A 80 -6.43 -43.57 38.23
CA ARG A 80 -7.38 -44.64 37.96
C ARG A 80 -8.60 -44.59 38.87
N ARG A 81 -9.78 -44.50 38.25
CA ARG A 81 -11.04 -44.67 38.95
C ARG A 81 -11.40 -46.15 38.89
N ALA A 82 -11.52 -46.78 40.06
CA ALA A 82 -11.75 -48.22 40.14
C ALA A 82 -12.96 -48.68 39.33
N GLY A 83 -12.88 -49.91 38.82
CA GLY A 83 -14.02 -50.55 38.17
C GLY A 83 -14.42 -51.77 38.97
N ARG A 84 -15.57 -52.35 38.64
CA ARG A 84 -16.05 -53.55 39.33
C ARG A 84 -15.06 -54.71 39.18
N ARG A 85 -14.49 -54.84 37.99
CA ARG A 85 -13.44 -55.83 37.75
C ARG A 85 -12.09 -55.14 37.65
N PRO A 86 -11.31 -55.14 38.74
CA PRO A 86 -10.04 -54.42 38.80
C PRO A 86 -9.01 -54.87 37.76
N ASP A 87 -9.06 -56.12 37.34
CA ASP A 87 -8.08 -56.62 36.40
C ASP A 87 -8.54 -56.47 34.95
N ALA A 88 -9.70 -55.85 34.75
CA ALA A 88 -10.20 -55.60 33.39
C ALA A 88 -9.38 -54.53 32.67
N ALA A 89 -9.26 -54.66 31.36
CA ALA A 89 -8.60 -53.63 30.55
C ALA A 89 -9.31 -52.30 30.74
N PRO A 90 -8.53 -51.24 30.99
CA PRO A 90 -9.14 -49.94 31.31
C PRO A 90 -9.63 -49.18 30.10
N VAL A 91 -10.57 -48.27 30.35
CA VAL A 91 -10.86 -47.21 29.40
C VAL A 91 -10.00 -46.02 29.80
N MET A 92 -9.27 -45.45 28.85
CA MET A 92 -8.33 -44.38 29.13
C MET A 92 -8.75 -43.09 28.44
N THR A 93 -8.54 -41.97 29.12
CA THR A 93 -8.80 -40.68 28.51
C THR A 93 -7.84 -39.66 29.06
N GLY A 94 -7.51 -38.65 28.27
CA GLY A 94 -6.58 -37.63 28.74
C GLY A 94 -5.84 -37.00 27.60
N SER A 95 -4.80 -36.24 27.94
CA SER A 95 -4.11 -35.43 26.97
C SER A 95 -2.80 -34.97 27.59
N HIS A 96 -2.34 -33.79 27.20
CA HIS A 96 -1.09 -33.27 27.73
C HIS A 96 -1.32 -31.99 28.53
N ALA A 97 -0.47 -31.73 29.50
CA ALA A 97 -0.60 -30.53 30.31
C ALA A 97 0.41 -29.47 29.89
N ASP A 98 1.49 -29.91 29.24
CA ASP A 98 2.55 -29.01 28.84
C ASP A 98 2.12 -28.16 27.64
N SER A 99 2.79 -27.03 27.44
CA SER A 99 2.40 -26.10 26.38
C SER A 99 3.56 -25.68 25.50
N GLN A 100 3.20 -24.96 24.44
CA GLN A 100 4.16 -24.21 23.62
C GLN A 100 4.58 -22.97 24.39
N PRO A 101 5.72 -22.36 24.01
CA PRO A 101 6.19 -21.12 24.65
C PRO A 101 5.11 -20.02 24.66
N THR A 102 4.33 -19.93 23.58
CA THR A 102 3.20 -19.00 23.54
C THR A 102 1.88 -19.76 23.48
N GLY A 103 1.68 -20.67 24.43
CA GLY A 103 0.53 -21.54 24.42
C GLY A 103 -0.77 -20.90 24.86
N GLY A 104 -1.87 -21.60 24.58
CA GLY A 104 -3.19 -21.14 25.01
C GLY A 104 -3.61 -21.82 26.30
N ARG A 105 -4.78 -21.45 26.80
CA ARG A 105 -5.28 -22.00 28.06
C ARG A 105 -5.98 -23.35 27.89
N TYR A 106 -6.04 -23.85 26.66
CA TYR A 106 -6.88 -25.02 26.38
C TYR A 106 -6.22 -26.16 25.58
N ASP A 107 -5.15 -25.87 24.84
CA ASP A 107 -4.32 -26.88 24.13
C ASP A 107 -3.87 -27.92 25.15
N GLY A 108 -4.37 -29.14 25.01
CA GLY A 108 -4.00 -30.25 25.87
C GLY A 108 -4.69 -30.33 27.22
N ILE A 109 -4.59 -29.26 28.00
CA ILE A 109 -5.07 -29.28 29.39
C ILE A 109 -6.60 -29.49 29.46
N TYR A 110 -7.30 -29.06 28.42
CA TYR A 110 -8.75 -29.22 28.35
C TYR A 110 -9.12 -30.71 28.37
N GLY A 111 -8.36 -31.52 27.65
CA GLY A 111 -8.59 -32.96 27.64
C GLY A 111 -8.29 -33.63 28.97
N VAL A 112 -7.26 -33.14 29.66
CA VAL A 112 -6.88 -33.67 30.96
C VAL A 112 -7.96 -33.37 32.00
N LEU A 113 -8.37 -32.11 32.09
CA LEU A 113 -9.38 -31.68 33.05
C LEU A 113 -10.77 -32.17 32.65
N GLY A 114 -10.97 -32.39 31.35
CA GLY A 114 -12.19 -33.03 30.88
C GLY A 114 -12.27 -34.43 31.47
N GLY A 115 -11.16 -35.16 31.42
CA GLY A 115 -11.09 -36.48 32.03
C GLY A 115 -11.31 -36.46 33.53
N LEU A 116 -10.76 -35.45 34.20
CA LEU A 116 -10.98 -35.32 35.64
C LEU A 116 -12.47 -35.06 35.93
N GLU A 117 -13.08 -34.21 35.11
CA GLU A 117 -14.49 -33.89 35.30
C GLU A 117 -15.35 -35.13 35.09
N VAL A 118 -14.95 -36.00 34.17
CA VAL A 118 -15.65 -37.25 33.94
C VAL A 118 -15.65 -38.10 35.21
N VAL A 119 -14.50 -38.17 35.86
CA VAL A 119 -14.37 -38.92 37.11
C VAL A 119 -15.28 -38.32 38.19
N ARG A 120 -15.19 -37.00 38.36
CA ARG A 120 -16.02 -36.29 39.34
C ARG A 120 -17.51 -36.49 39.05
N ALA A 121 -17.89 -36.47 37.78
CA ALA A 121 -19.30 -36.60 37.41
C ALA A 121 -19.82 -38.01 37.69
N LEU A 122 -18.98 -39.00 37.43
CA LEU A 122 -19.32 -40.38 37.75
C LEU A 122 -19.47 -40.56 39.27
N ASN A 123 -18.61 -39.90 40.03
CA ASN A 123 -18.70 -39.92 41.49
C ASN A 123 -20.01 -39.30 41.99
N ASP A 124 -20.37 -38.14 41.44
CA ASP A 124 -21.58 -37.44 41.86
C ASP A 124 -22.83 -38.27 41.60
N ALA A 125 -22.81 -39.07 40.54
CA ALA A 125 -23.95 -39.91 40.21
C ALA A 125 -23.85 -41.28 40.87
N ALA A 126 -22.79 -41.48 41.66
CA ALA A 126 -22.54 -42.75 42.35
C ALA A 126 -22.57 -43.92 41.37
N ILE A 127 -21.92 -43.75 40.22
CA ILE A 127 -21.92 -44.78 39.21
C ILE A 127 -20.73 -45.74 39.35
N GLU A 128 -21.01 -47.04 39.31
CA GLU A 128 -19.97 -48.06 39.23
C GLU A 128 -19.84 -48.55 37.78
N THR A 129 -18.61 -48.61 37.28
CA THR A 129 -18.35 -49.10 35.93
C THR A 129 -17.74 -50.49 35.97
N GLU A 130 -17.93 -51.26 34.90
CA GLU A 130 -17.34 -52.59 34.81
C GLU A 130 -15.82 -52.49 34.78
N ARG A 131 -15.34 -51.56 33.97
CA ARG A 131 -13.91 -51.37 33.76
C ARG A 131 -13.39 -50.17 34.51
N PRO A 132 -12.15 -50.26 35.00
CA PRO A 132 -11.50 -49.07 35.55
C PRO A 132 -11.33 -48.01 34.46
N VAL A 133 -11.35 -46.75 34.87
CA VAL A 133 -11.10 -45.64 33.97
C VAL A 133 -9.79 -44.94 34.33
N ASP A 134 -8.87 -44.83 33.37
CA ASP A 134 -7.62 -44.11 33.59
C ASP A 134 -7.71 -42.70 32.99
N VAL A 135 -7.37 -41.68 33.77
CA VAL A 135 -7.18 -40.34 33.22
C VAL A 135 -5.69 -40.06 33.16
N VAL A 136 -5.19 -39.72 31.97
CA VAL A 136 -3.75 -39.68 31.76
C VAL A 136 -3.22 -38.29 31.37
N ILE A 137 -2.06 -37.94 31.92
CA ILE A 137 -1.25 -36.87 31.39
C ILE A 137 -0.03 -37.44 30.68
N TRP A 138 0.07 -37.19 29.38
CA TRP A 138 1.24 -37.60 28.61
C TRP A 138 2.35 -36.56 28.72
N THR A 139 3.57 -37.03 28.98
CA THR A 139 4.75 -36.19 29.11
C THR A 139 5.14 -35.57 27.76
N ASN A 140 5.46 -34.27 27.78
CA ASN A 140 6.05 -33.57 26.63
C ASN A 140 5.37 -33.85 25.29
N GLU A 141 4.10 -33.49 25.16
CA GLU A 141 3.44 -33.66 23.87
C GLU A 141 3.95 -32.64 22.86
N GLU A 142 4.09 -31.38 23.26
CA GLU A 142 4.27 -30.31 22.29
C GLU A 142 5.67 -30.31 21.68
N GLY A 143 6.62 -30.98 22.34
CA GLY A 143 7.94 -31.19 21.75
C GLY A 143 8.72 -29.91 21.48
N SER A 144 8.59 -28.94 22.38
CA SER A 144 9.30 -27.68 22.25
C SER A 144 10.61 -27.67 23.05
N ARG A 145 10.55 -28.10 24.31
CA ARG A 145 11.76 -28.13 25.13
C ARG A 145 12.64 -29.32 24.75
N PHE A 146 12.00 -30.47 24.55
CA PHE A 146 12.68 -31.66 24.02
C PHE A 146 11.99 -32.08 22.74
N ALA A 147 12.76 -32.38 21.70
CA ALA A 147 12.20 -32.94 20.48
C ALA A 147 12.33 -34.46 20.55
N PRO A 148 11.42 -35.20 19.89
CA PRO A 148 10.27 -34.75 19.08
C PRO A 148 8.99 -34.60 19.90
N ALA A 149 7.95 -34.10 19.25
CA ALA A 149 6.61 -34.02 19.84
C ALA A 149 6.03 -35.39 20.11
N MET A 150 5.11 -35.47 21.06
CA MET A 150 4.37 -36.71 21.33
C MET A 150 5.31 -37.88 21.64
N VAL A 151 6.45 -37.58 22.25
CA VAL A 151 7.47 -38.61 22.44
C VAL A 151 7.05 -39.66 23.47
N SER A 152 6.27 -39.26 24.47
CA SER A 152 5.96 -40.16 25.59
C SER A 152 4.80 -41.10 25.26
N ALA A 153 3.76 -40.56 24.64
CA ALA A 153 2.71 -41.41 24.10
C ALA A 153 3.34 -42.30 23.03
N GLY A 154 4.39 -41.80 22.39
CA GLY A 154 5.15 -42.56 21.42
C GLY A 154 5.79 -43.80 22.03
N VAL A 155 6.51 -43.62 23.13
CA VAL A 155 7.10 -44.76 23.84
C VAL A 155 5.99 -45.72 24.30
N PHE A 156 4.89 -45.15 24.79
CA PHE A 156 3.75 -45.94 25.25
C PHE A 156 3.22 -46.80 24.11
N SER A 157 3.33 -46.29 22.89
CA SER A 157 2.66 -46.90 21.75
C SER A 157 3.61 -47.62 20.79
N GLY A 158 4.88 -47.72 21.16
CA GLY A 158 5.84 -48.47 20.35
C GLY A 158 6.48 -47.66 19.23
N VAL A 159 6.19 -46.37 19.17
CA VAL A 159 6.80 -45.50 18.17
C VAL A 159 8.29 -45.31 18.49
N TYR A 160 8.59 -45.14 19.76
CA TYR A 160 9.97 -44.91 20.20
C TYR A 160 10.35 -45.86 21.33
N THR A 161 11.64 -46.15 21.44
CA THR A 161 12.11 -46.94 22.58
C THR A 161 12.13 -46.06 23.83
N LEU A 162 12.11 -46.70 24.99
CA LEU A 162 12.24 -45.99 26.25
C LEU A 162 13.59 -45.28 26.34
N GLU A 163 14.64 -45.94 25.86
CA GLU A 163 15.98 -45.35 25.85
C GLU A 163 15.99 -44.06 25.04
N TYR A 164 15.31 -44.08 23.90
CA TYR A 164 15.21 -42.89 23.05
C TYR A 164 14.46 -41.78 23.76
N GLY A 165 13.32 -42.12 24.35
CA GLY A 165 12.48 -41.13 25.02
C GLY A 165 13.18 -40.46 26.18
N LEU A 166 13.93 -41.24 26.95
CA LEU A 166 14.57 -40.72 28.16
C LEU A 166 15.79 -39.87 27.85
N SER A 167 16.36 -40.06 26.66
CA SER A 167 17.62 -39.42 26.32
C SER A 167 17.45 -38.13 25.52
N ARG A 168 16.21 -37.76 25.21
CA ARG A 168 15.98 -36.50 24.51
C ARG A 168 16.44 -35.34 25.40
N THR A 169 17.22 -34.43 24.83
CA THR A 169 17.84 -33.37 25.63
C THR A 169 17.29 -32.00 25.29
N ASP A 170 17.36 -31.06 26.24
CA ASP A 170 16.99 -29.67 25.99
C ASP A 170 18.23 -28.83 25.69
N GLY A 171 18.03 -27.55 25.43
CA GLY A 171 19.13 -26.66 25.10
C GLY A 171 20.18 -26.53 26.20
N ALA A 172 19.82 -26.93 27.42
CA ALA A 172 20.74 -26.88 28.55
C ALA A 172 21.54 -28.18 28.69
N GLY A 173 21.24 -29.17 27.85
CA GLY A 173 21.96 -30.42 27.87
C GLY A 173 21.35 -31.42 28.85
N ARG A 174 20.14 -31.10 29.28
CA ARG A 174 19.46 -31.94 30.25
C ARG A 174 18.50 -32.88 29.56
N THR A 175 18.51 -34.15 29.94
CA THR A 175 17.65 -35.15 29.32
C THR A 175 16.30 -35.25 30.00
N ILE A 176 15.35 -35.85 29.30
CA ILE A 176 14.01 -36.07 29.84
C ILE A 176 14.09 -36.92 31.09
N GLY A 177 14.93 -37.96 31.05
CA GLY A 177 15.15 -38.80 32.21
C GLY A 177 15.64 -38.01 33.42
N GLU A 178 16.61 -37.13 33.19
CA GLU A 178 17.17 -36.34 34.28
C GLU A 178 16.13 -35.38 34.86
N GLU A 179 15.34 -34.77 33.99
CA GLU A 179 14.33 -33.81 34.43
C GLU A 179 13.16 -34.50 35.14
N LEU A 180 12.80 -35.69 34.69
CA LEU A 180 11.80 -36.50 35.37
C LEU A 180 12.23 -36.75 36.82
N GLU A 181 13.50 -37.09 37.00
CA GLU A 181 14.01 -37.37 38.34
C GLU A 181 14.01 -36.11 39.19
N ARG A 182 14.34 -34.97 38.58
CA ARG A 182 14.40 -33.70 39.29
C ARG A 182 13.05 -33.30 39.87
N ILE A 183 11.98 -33.46 39.09
CA ILE A 183 10.66 -32.99 39.52
C ILE A 183 9.84 -34.09 40.19
N GLY A 184 10.41 -35.28 40.34
CA GLY A 184 9.78 -36.34 41.10
C GLY A 184 8.77 -37.17 40.32
N TYR A 185 8.93 -37.22 39.00
CA TYR A 185 8.06 -38.02 38.14
C TYR A 185 8.81 -39.08 37.34
N ALA A 186 9.96 -39.52 37.85
CA ALA A 186 10.61 -40.70 37.32
C ALA A 186 9.91 -41.92 37.91
N GLY A 187 8.77 -42.26 37.34
CA GLY A 187 7.91 -43.31 37.87
C GLY A 187 8.47 -44.71 37.70
N ALA A 188 7.87 -45.65 38.42
CA ALA A 188 8.33 -47.03 38.44
C ALA A 188 7.60 -47.93 37.44
N GLU A 189 6.43 -47.49 37.00
CA GLU A 189 5.60 -48.33 36.13
C GLU A 189 6.19 -48.50 34.74
N PRO A 190 6.02 -49.68 34.15
CA PRO A 190 6.40 -49.85 32.75
C PRO A 190 5.60 -48.91 31.86
N VAL A 191 6.23 -48.45 30.78
CA VAL A 191 5.55 -47.56 29.84
C VAL A 191 4.82 -48.39 28.78
N GLY A 192 3.50 -48.38 28.83
CA GLY A 192 2.71 -49.15 27.88
C GLY A 192 2.91 -50.64 28.05
N GLY A 193 2.57 -51.40 27.02
CA GLY A 193 2.74 -52.85 27.03
C GLY A 193 1.66 -53.63 27.73
N TYR A 194 0.51 -53.00 27.98
CA TYR A 194 -0.61 -53.70 28.61
C TYR A 194 -1.90 -53.41 27.83
N PRO A 195 -2.88 -54.33 27.90
CA PRO A 195 -4.15 -54.17 27.17
C PRO A 195 -4.95 -52.94 27.60
N VAL A 196 -5.40 -52.16 26.64
CA VAL A 196 -6.30 -51.04 26.89
C VAL A 196 -7.61 -51.26 26.13
N HIS A 197 -8.74 -51.19 26.83
CA HIS A 197 -10.02 -51.49 26.21
C HIS A 197 -10.38 -50.48 25.14
N ALA A 198 -10.25 -49.20 25.49
CA ALA A 198 -10.50 -48.12 24.54
C ALA A 198 -9.85 -46.85 25.06
N ALA A 199 -9.58 -45.92 24.15
CA ALA A 199 -8.99 -44.64 24.53
C ALA A 199 -9.73 -43.50 23.84
N TYR A 200 -9.91 -42.41 24.56
CA TYR A 200 -10.55 -41.22 24.02
C TYR A 200 -9.77 -39.98 24.41
N GLU A 201 -9.53 -39.08 23.46
CA GLU A 201 -8.90 -37.80 23.78
C GLU A 201 -9.81 -36.64 23.34
N LEU A 202 -10.12 -35.78 24.30
CA LEU A 202 -10.88 -34.57 24.06
C LEU A 202 -9.91 -33.42 23.79
N HIS A 203 -10.11 -32.66 22.71
CA HIS A 203 -9.14 -31.63 22.33
C HIS A 203 -9.84 -30.53 21.51
N ILE A 204 -9.36 -29.30 21.62
CA ILE A 204 -9.87 -28.24 20.76
C ILE A 204 -9.43 -28.52 19.33
N GLU A 205 -10.19 -28.03 18.37
CA GLU A 205 -9.94 -28.35 16.96
C GLU A 205 -8.57 -27.84 16.47
N GLN A 206 -8.18 -26.64 16.92
CA GLN A 206 -7.00 -25.93 16.41
C GLN A 206 -7.21 -25.56 14.94
N GLY A 207 -8.47 -25.33 14.60
CA GLY A 207 -8.87 -24.96 13.27
C GLY A 207 -10.27 -24.37 13.33
N ALA A 208 -10.75 -23.85 12.21
CA ALA A 208 -11.99 -23.08 12.18
C ALA A 208 -13.15 -23.84 11.53
N ILE A 209 -12.99 -25.13 11.31
CA ILE A 209 -14.02 -25.91 10.61
C ILE A 209 -15.31 -26.01 11.44
N LEU A 210 -15.18 -26.36 12.71
CA LEU A 210 -16.35 -26.49 13.57
C LEU A 210 -17.00 -25.14 13.79
N GLU A 211 -16.19 -24.13 14.06
CA GLU A 211 -16.69 -22.79 14.36
C GLU A 211 -17.47 -22.22 13.19
N ARG A 212 -16.94 -22.38 11.98
CA ARG A 212 -17.58 -21.79 10.81
C ARG A 212 -18.79 -22.59 10.35
N ALA A 213 -18.80 -23.88 10.65
CA ALA A 213 -19.92 -24.73 10.27
C ALA A 213 -21.04 -24.62 11.29
N GLY A 214 -20.73 -24.04 12.44
CA GLY A 214 -21.72 -23.88 13.50
C GLY A 214 -22.02 -25.20 14.18
N LYS A 215 -21.02 -26.08 14.25
CA LYS A 215 -21.16 -27.37 14.88
C LYS A 215 -20.34 -27.41 16.15
N THR A 216 -20.94 -27.92 17.22
CA THR A 216 -20.30 -27.92 18.52
C THR A 216 -19.30 -29.07 18.68
N ILE A 217 -19.66 -30.24 18.16
CA ILE A 217 -18.85 -31.43 18.36
C ILE A 217 -18.23 -31.97 17.08
N GLY A 218 -16.92 -32.14 17.07
CA GLY A 218 -16.25 -32.79 15.96
C GLY A 218 -16.02 -34.26 16.24
N VAL A 219 -16.69 -35.12 15.47
CA VAL A 219 -16.44 -36.55 15.52
C VAL A 219 -15.21 -36.87 14.69
N VAL A 220 -14.07 -37.05 15.34
CA VAL A 220 -12.81 -37.25 14.63
C VAL A 220 -12.71 -38.66 14.07
N THR A 221 -12.60 -38.76 12.75
CA THR A 221 -12.61 -40.04 12.07
C THR A 221 -11.19 -40.55 11.83
N ALA A 222 -10.24 -39.64 11.76
CA ALA A 222 -8.86 -39.97 11.38
C ALA A 222 -7.91 -38.82 11.60
N GLY A 223 -6.62 -39.14 11.70
CA GLY A 223 -5.56 -38.15 11.60
C GLY A 223 -5.02 -38.24 10.19
N GLN A 224 -4.55 -37.12 9.64
CA GLN A 224 -4.11 -37.04 8.25
C GLN A 224 -2.83 -37.82 7.94
N GLY A 225 -2.80 -38.45 6.77
CA GLY A 225 -1.55 -38.94 6.22
C GLY A 225 -0.82 -37.76 5.60
N GLN A 226 0.49 -37.89 5.40
CA GLN A 226 1.29 -36.81 4.85
C GLN A 226 2.34 -37.32 3.87
N ARG A 227 2.53 -36.57 2.78
CA ARG A 227 3.66 -36.79 1.87
C ARG A 227 4.35 -35.45 1.61
N TRP A 228 5.63 -35.36 1.90
CA TRP A 228 6.39 -34.12 1.68
C TRP A 228 7.38 -34.30 0.54
N TYR A 229 7.57 -33.23 -0.24
CA TYR A 229 8.46 -33.25 -1.39
C TYR A 229 9.37 -32.03 -1.44
N GLU A 230 10.52 -32.19 -2.07
CA GLU A 230 11.35 -31.06 -2.45
C GLU A 230 11.53 -31.09 -3.97
N VAL A 231 11.33 -29.94 -4.61
CA VAL A 231 11.40 -29.84 -6.05
C VAL A 231 12.40 -28.77 -6.48
N THR A 232 13.33 -29.15 -7.34
CA THR A 232 14.27 -28.19 -7.90
C THR A 232 14.10 -28.08 -9.41
N LEU A 233 13.80 -26.86 -9.87
CA LEU A 233 13.72 -26.59 -11.30
C LEU A 233 14.98 -25.87 -11.76
N THR A 234 15.57 -26.35 -12.86
CA THR A 234 16.81 -25.78 -13.36
C THR A 234 16.60 -25.16 -14.74
N GLY A 235 16.86 -23.87 -14.84
CA GLY A 235 16.75 -23.16 -16.10
C GLY A 235 18.05 -22.52 -16.50
N VAL A 236 17.97 -21.33 -17.09
CA VAL A 236 19.16 -20.64 -17.56
C VAL A 236 19.18 -19.19 -17.08
N ASP A 237 20.20 -18.85 -16.29
CA ASP A 237 20.41 -17.46 -15.89
C ASP A 237 20.54 -16.59 -17.14
N ALA A 238 19.73 -15.53 -17.21
CA ALA A 238 19.75 -14.67 -18.39
C ALA A 238 19.32 -13.25 -18.04
N HIS A 239 20.03 -12.28 -18.61
CA HIS A 239 19.68 -10.88 -18.47
C HIS A 239 18.35 -10.61 -19.17
N ALA A 240 17.41 -10.02 -18.45
CA ALA A 240 16.04 -9.88 -18.93
C ALA A 240 15.90 -9.01 -20.18
N GLY A 241 16.64 -7.91 -20.23
CA GLY A 241 16.54 -6.98 -21.35
C GLY A 241 17.03 -7.53 -22.67
N THR A 242 18.09 -8.33 -22.63
CA THR A 242 18.73 -8.82 -23.85
C THR A 242 18.22 -10.18 -24.29
N THR A 243 17.34 -10.79 -23.48
CA THR A 243 16.85 -12.13 -23.77
C THR A 243 15.36 -12.15 -24.13
N PRO A 244 15.05 -12.34 -25.42
CA PRO A 244 13.66 -12.46 -25.87
C PRO A 244 12.96 -13.63 -25.18
N MET A 245 11.64 -13.50 -24.98
CA MET A 245 10.84 -14.53 -24.32
C MET A 245 11.09 -15.92 -24.90
N ALA A 246 11.16 -16.00 -26.23
CA ALA A 246 11.31 -17.29 -26.91
C ALA A 246 12.62 -18.00 -26.58
N PHE A 247 13.60 -17.28 -26.04
CA PHE A 247 14.90 -17.88 -25.71
C PHE A 247 14.99 -18.32 -24.25
N ARG A 248 13.98 -17.96 -23.47
CA ARG A 248 14.07 -18.07 -22.02
C ARG A 248 13.82 -19.47 -21.45
N ARG A 249 14.57 -19.78 -20.39
CA ARG A 249 14.35 -20.96 -19.59
C ARG A 249 14.12 -20.51 -18.15
N ASP A 250 12.96 -19.90 -17.92
CA ASP A 250 12.65 -19.28 -16.64
C ASP A 250 12.19 -20.31 -15.62
N ALA A 251 13.03 -20.57 -14.63
CA ALA A 251 12.74 -21.54 -13.58
C ALA A 251 11.61 -21.10 -12.66
N LEU A 252 11.46 -19.79 -12.47
CA LEU A 252 10.43 -19.28 -11.57
C LEU A 252 9.04 -19.39 -12.19
N VAL A 253 8.95 -19.22 -13.50
CA VAL A 253 7.67 -19.38 -14.18
C VAL A 253 7.24 -20.84 -14.11
N GLY A 254 8.21 -21.75 -14.26
CA GLY A 254 7.94 -23.17 -14.11
C GLY A 254 7.39 -23.48 -12.73
N ALA A 255 8.01 -22.90 -11.71
CA ALA A 255 7.56 -23.08 -10.34
C ALA A 255 6.14 -22.54 -10.15
N ALA A 256 5.89 -21.36 -10.74
CA ALA A 256 4.56 -20.75 -10.67
C ALA A 256 3.49 -21.69 -11.20
N ARG A 257 3.77 -22.32 -12.34
CA ARG A 257 2.86 -23.30 -12.92
C ARG A 257 2.59 -24.45 -11.94
N MET A 258 3.63 -24.91 -11.26
CA MET A 258 3.48 -26.03 -10.31
C MET A 258 2.73 -25.61 -9.05
N ILE A 259 3.00 -24.40 -8.58
CA ILE A 259 2.33 -23.86 -7.40
C ILE A 259 0.82 -23.77 -7.63
N SER A 260 0.45 -23.27 -8.81
CA SER A 260 -0.94 -23.17 -9.20
C SER A 260 -1.59 -24.55 -9.32
N PHE A 261 -0.81 -25.51 -9.82
CA PHE A 261 -1.33 -26.86 -10.00
C PHE A 261 -1.53 -27.56 -8.66
N VAL A 262 -0.63 -27.29 -7.72
CA VAL A 262 -0.74 -27.87 -6.39
C VAL A 262 -2.05 -27.44 -5.76
N GLU A 263 -2.40 -26.16 -5.92
CA GLU A 263 -3.69 -25.67 -5.43
C GLU A 263 -4.84 -26.39 -6.11
N VAL A 264 -4.71 -26.59 -7.42
CA VAL A 264 -5.72 -27.33 -8.19
C VAL A 264 -5.91 -28.74 -7.62
N LEU A 265 -4.81 -29.39 -7.28
CA LEU A 265 -4.88 -30.73 -6.71
C LEU A 265 -5.60 -30.76 -5.36
N GLY A 266 -5.28 -29.81 -4.48
CA GLY A 266 -5.94 -29.74 -3.19
C GLY A 266 -7.44 -29.55 -3.34
N ARG A 267 -7.82 -28.64 -4.22
CA ARG A 267 -9.23 -28.33 -4.45
C ARG A 267 -9.95 -29.45 -5.19
N ARG A 268 -9.19 -30.25 -5.94
CA ARG A 268 -9.77 -31.36 -6.69
C ARG A 268 -10.23 -32.47 -5.76
N TYR A 269 -9.49 -32.68 -4.66
CA TYR A 269 -9.81 -33.73 -3.71
C TYR A 269 -10.42 -33.15 -2.42
N ALA A 270 -11.25 -32.11 -2.58
CA ALA A 270 -11.99 -31.53 -1.46
C ALA A 270 -12.97 -32.55 -0.91
N PRO A 271 -13.34 -32.42 0.38
CA PRO A 271 -12.95 -31.36 1.32
C PRO A 271 -11.71 -31.67 2.15
N ASP A 272 -11.19 -32.88 2.11
CA ASP A 272 -10.18 -33.29 3.10
C ASP A 272 -8.73 -33.16 2.65
N ALA A 273 -8.51 -32.99 1.35
CA ALA A 273 -7.14 -32.84 0.88
C ALA A 273 -6.54 -31.52 1.36
N ARG A 274 -5.27 -31.57 1.73
CA ARG A 274 -4.47 -30.37 1.93
C ARG A 274 -3.31 -30.39 0.96
N ALA A 275 -3.16 -29.33 0.16
CA ALA A 275 -2.06 -29.27 -0.80
C ALA A 275 -1.42 -27.91 -0.73
N THR A 276 -0.12 -27.86 -0.44
CA THR A 276 0.52 -26.60 -0.09
C THR A 276 1.97 -26.48 -0.58
N VAL A 277 2.29 -25.33 -1.15
CA VAL A 277 3.68 -24.95 -1.39
C VAL A 277 3.98 -23.85 -0.39
N GLY A 278 4.74 -24.18 0.66
CA GLY A 278 4.95 -23.24 1.75
C GLY A 278 6.28 -22.52 1.68
N MET A 279 7.20 -23.06 0.90
CA MET A 279 8.55 -22.52 0.81
C MET A 279 9.04 -22.44 -0.63
N ILE A 280 9.62 -21.30 -0.99
CA ILE A 280 10.20 -21.15 -2.32
C ILE A 280 11.51 -20.37 -2.25
N GLU A 281 12.47 -20.79 -3.06
CA GLU A 281 13.76 -20.11 -3.15
C GLU A 281 14.17 -19.99 -4.61
N ALA A 282 14.12 -18.76 -5.12
CA ALA A 282 14.54 -18.50 -6.48
C ALA A 282 16.01 -18.10 -6.51
N ARG A 283 16.69 -18.41 -7.60
CA ARG A 283 18.06 -17.95 -7.76
C ARG A 283 18.32 -17.55 -9.22
N PRO A 284 19.10 -16.48 -9.41
CA PRO A 284 19.79 -15.71 -8.37
C PRO A 284 18.87 -14.75 -7.62
N ASN A 285 17.61 -14.68 -8.03
CA ASN A 285 16.58 -13.87 -7.36
C ASN A 285 16.88 -12.37 -7.47
N SER A 286 17.38 -11.95 -8.63
CA SER A 286 17.57 -10.52 -8.89
C SER A 286 16.52 -10.05 -9.89
N ARG A 287 16.03 -8.83 -9.67
N ARG A 287 16.03 -8.83 -9.69
CA ARG A 287 14.87 -8.31 -10.39
CA ARG A 287 14.84 -8.37 -10.41
C ARG A 287 15.08 -8.21 -11.90
C ARG A 287 15.06 -8.12 -11.91
N ASN A 288 16.31 -7.93 -12.33
CA ASN A 288 16.59 -7.71 -13.74
C ASN A 288 17.08 -8.95 -14.49
N THR A 289 16.97 -10.12 -13.87
CA THR A 289 17.40 -11.33 -14.55
C THR A 289 16.32 -12.42 -14.56
N VAL A 290 16.32 -13.21 -15.63
CA VAL A 290 15.48 -14.39 -15.71
C VAL A 290 16.03 -15.45 -14.77
N PRO A 291 15.22 -15.88 -13.78
CA PRO A 291 15.66 -16.88 -12.79
C PRO A 291 16.05 -18.21 -13.43
N GLY A 292 17.26 -18.68 -13.16
CA GLY A 292 17.74 -19.92 -13.73
C GLY A 292 17.61 -21.10 -12.78
N GLY A 293 17.20 -20.81 -11.56
CA GLY A 293 17.01 -21.85 -10.57
C GLY A 293 15.86 -21.56 -9.62
N CYS A 294 15.14 -22.59 -9.24
CA CYS A 294 14.06 -22.40 -8.29
C CYS A 294 13.78 -23.65 -7.47
N PHE A 295 13.88 -23.52 -6.16
CA PHE A 295 13.56 -24.60 -5.23
C PHE A 295 12.23 -24.30 -4.55
N PHE A 296 11.39 -25.31 -4.39
CA PHE A 296 10.17 -25.17 -3.61
C PHE A 296 9.71 -26.49 -3.03
N THR A 297 8.91 -26.40 -1.97
CA THR A 297 8.43 -27.59 -1.27
C THR A 297 6.97 -27.87 -1.63
N VAL A 298 6.59 -29.14 -1.51
CA VAL A 298 5.19 -29.54 -1.68
C VAL A 298 4.82 -30.47 -0.54
N GLU A 299 3.65 -30.27 0.04
CA GLU A 299 3.15 -31.27 0.98
C GLU A 299 1.68 -31.56 0.71
N PHE A 300 1.35 -32.85 0.75
CA PHE A 300 -0.02 -33.33 0.63
C PHE A 300 -0.45 -33.89 1.97
N ARG A 301 -1.70 -33.61 2.36
CA ARG A 301 -2.27 -34.25 3.55
C ARG A 301 -3.69 -34.72 3.27
N HIS A 302 -4.01 -35.94 3.71
CA HIS A 302 -5.32 -36.55 3.45
C HIS A 302 -5.47 -37.80 4.31
N PRO A 303 -6.70 -38.07 4.79
CA PRO A 303 -6.93 -39.27 5.61
C PRO A 303 -6.87 -40.58 4.83
N ASP A 304 -6.82 -40.51 3.51
CA ASP A 304 -6.85 -41.71 2.66
C ASP A 304 -5.52 -41.88 1.94
N ASP A 305 -4.83 -42.99 2.19
CA ASP A 305 -3.54 -43.24 1.57
C ASP A 305 -3.66 -43.44 0.05
N ALA A 306 -4.80 -43.95 -0.39
CA ALA A 306 -5.05 -44.13 -1.83
C ALA A 306 -5.08 -42.78 -2.53
N VAL A 307 -5.72 -41.80 -1.89
CA VAL A 307 -5.78 -40.44 -2.42
C VAL A 307 -4.37 -39.82 -2.44
N LEU A 308 -3.62 -40.03 -1.37
CA LEU A 308 -2.23 -39.56 -1.31
C LEU A 308 -1.41 -40.16 -2.45
N ASP A 309 -1.68 -41.43 -2.78
CA ASP A 309 -1.02 -42.07 -3.92
C ASP A 309 -1.39 -41.37 -5.22
N GLU A 310 -2.66 -41.00 -5.35
CA GLU A 310 -3.12 -40.32 -6.56
C GLU A 310 -2.52 -38.91 -6.67
N LEU A 311 -2.42 -38.23 -5.53
CA LEU A 311 -1.81 -36.91 -5.49
C LEU A 311 -0.33 -36.99 -5.87
N ASP A 312 0.35 -38.02 -5.38
CA ASP A 312 1.75 -38.24 -5.71
C ASP A 312 1.92 -38.41 -7.21
N ALA A 313 1.11 -39.29 -7.79
CA ALA A 313 1.16 -39.57 -9.22
C ALA A 313 0.85 -38.32 -10.03
N ALA A 314 -0.15 -37.55 -9.60
CA ALA A 314 -0.57 -36.38 -10.34
C ALA A 314 0.51 -35.30 -10.34
N LEU A 315 1.13 -35.09 -9.18
CA LEU A 315 2.20 -34.12 -9.04
C LEU A 315 3.39 -34.49 -9.92
N ARG A 316 3.80 -35.74 -9.86
CA ARG A 316 4.94 -36.22 -10.64
C ARG A 316 4.66 -36.18 -12.14
N ALA A 317 3.42 -36.45 -12.54
CA ALA A 317 3.06 -36.43 -13.95
C ALA A 317 3.08 -35.01 -14.49
N GLU A 318 2.52 -34.07 -13.74
CA GLU A 318 2.46 -32.68 -14.19
C GLU A 318 3.83 -32.05 -14.17
N LEU A 319 4.66 -32.41 -13.19
CA LEU A 319 6.02 -31.91 -13.14
C LEU A 319 6.78 -32.30 -14.40
N ALA A 320 6.62 -33.55 -14.82
CA ALA A 320 7.25 -34.04 -16.05
C ALA A 320 6.73 -33.30 -17.28
N ARG A 321 5.42 -33.05 -17.31
CA ARG A 321 4.80 -32.34 -18.41
C ARG A 321 5.33 -30.91 -18.50
N VAL A 322 5.49 -30.26 -17.35
CA VAL A 322 5.96 -28.89 -17.30
C VAL A 322 7.43 -28.79 -17.69
N ALA A 323 8.25 -29.71 -17.19
CA ALA A 323 9.66 -29.73 -17.54
C ALA A 323 9.83 -29.90 -19.04
N ASP A 324 9.06 -30.82 -19.61
CA ASP A 324 9.05 -31.06 -21.06
C ASP A 324 8.69 -29.79 -21.84
N GLU A 325 7.57 -29.17 -21.46
CA GLU A 325 7.02 -28.04 -22.22
C GLU A 325 7.82 -26.75 -22.04
N THR A 326 8.51 -26.62 -20.92
CA THR A 326 9.26 -25.41 -20.63
C THR A 326 10.74 -25.54 -20.96
N GLY A 327 11.21 -26.77 -21.07
CA GLY A 327 12.61 -27.02 -21.34
C GLY A 327 13.46 -26.93 -20.09
N LEU A 328 12.79 -26.90 -18.94
CA LEU A 328 13.44 -26.85 -17.64
C LEU A 328 13.88 -28.24 -17.19
N GLY A 329 15.02 -28.30 -16.50
CA GLY A 329 15.42 -29.51 -15.82
C GLY A 329 14.63 -29.62 -14.52
N ALA A 330 14.20 -30.82 -14.18
CA ALA A 330 13.38 -31.01 -12.99
C ALA A 330 13.93 -32.13 -12.11
N GLN A 331 13.87 -31.90 -10.80
CA GLN A 331 14.26 -32.89 -9.81
C GLN A 331 13.21 -32.89 -8.71
N ILE A 332 12.81 -34.06 -8.25
CA ILE A 332 11.84 -34.16 -7.17
C ILE A 332 12.20 -35.28 -6.22
N GLU A 333 12.08 -35.01 -4.91
CA GLU A 333 12.37 -36.00 -3.89
C GLU A 333 11.31 -35.99 -2.81
N GLN A 334 10.71 -37.14 -2.59
CA GLN A 334 9.81 -37.30 -1.45
C GLN A 334 10.66 -37.50 -0.20
N ILE A 335 10.65 -36.52 0.68
CA ILE A 335 11.56 -36.53 1.83
C ILE A 335 10.88 -36.94 3.13
N PHE A 336 9.56 -37.06 3.12
CA PHE A 336 8.81 -37.51 4.28
C PHE A 336 7.53 -38.21 3.88
N THR A 337 7.27 -39.33 4.54
CA THR A 337 6.07 -40.11 4.32
C THR A 337 5.45 -40.48 5.67
N TYR A 338 4.15 -40.25 5.81
CA TYR A 338 3.44 -40.56 7.05
C TYR A 338 2.07 -41.15 6.73
N ALA A 339 1.85 -42.39 7.17
CA ALA A 339 0.58 -43.07 6.89
C ALA A 339 -0.57 -42.45 7.70
N PRO A 340 -1.76 -42.40 7.10
CA PRO A 340 -2.94 -41.88 7.79
C PRO A 340 -3.26 -42.71 9.03
N VAL A 341 -3.86 -42.07 10.03
CA VAL A 341 -4.22 -42.77 11.25
C VAL A 341 -5.74 -42.81 11.37
N PRO A 342 -6.36 -43.86 10.84
CA PRO A 342 -7.78 -44.05 11.09
C PRO A 342 -8.01 -44.37 12.56
N PHE A 343 -9.04 -43.79 13.15
CA PHE A 343 -9.38 -44.16 14.53
C PHE A 343 -10.34 -45.34 14.50
N ALA A 344 -10.59 -45.91 15.67
CA ALA A 344 -11.39 -47.11 15.77
C ALA A 344 -12.87 -46.82 15.48
N PRO A 345 -13.46 -47.57 14.54
CA PRO A 345 -14.87 -47.43 14.18
C PRO A 345 -15.81 -47.43 15.39
N ARG A 346 -15.57 -48.33 16.34
CA ARG A 346 -16.41 -48.41 17.53
C ARG A 346 -16.27 -47.16 18.40
N CYS A 347 -15.06 -46.60 18.47
CA CYS A 347 -14.84 -45.39 19.24
C CYS A 347 -15.49 -44.18 18.56
N ILE A 348 -15.35 -44.13 17.24
CA ILE A 348 -15.95 -43.07 16.43
C ILE A 348 -17.47 -43.07 16.57
N ASP A 349 -18.08 -44.23 16.39
CA ASP A 349 -19.52 -44.38 16.55
C ASP A 349 -19.97 -44.04 17.96
N THR A 350 -19.18 -44.42 18.95
CA THR A 350 -19.51 -44.14 20.34
C THR A 350 -19.56 -42.63 20.58
N VAL A 351 -18.59 -41.92 20.02
CA VAL A 351 -18.54 -40.47 20.11
C VAL A 351 -19.75 -39.82 19.43
N ARG A 352 -20.02 -40.23 18.20
CA ARG A 352 -21.14 -39.68 17.44
C ARG A 352 -22.45 -39.96 18.16
N ASP A 353 -22.63 -41.18 18.63
CA ASP A 353 -23.85 -41.54 19.36
C ASP A 353 -24.01 -40.70 20.61
N ALA A 354 -22.90 -40.41 21.29
CA ALA A 354 -22.94 -39.59 22.49
C ALA A 354 -23.45 -38.18 22.16
N ALA A 355 -22.83 -37.54 21.17
CA ALA A 355 -23.23 -36.21 20.73
C ALA A 355 -24.73 -36.17 20.40
N ARG A 356 -25.19 -37.19 19.69
CA ARG A 356 -26.62 -37.31 19.35
C ARG A 356 -27.53 -37.34 20.57
N SER A 357 -27.20 -38.20 21.53
N SER A 357 -27.21 -38.21 21.52
CA SER A 357 -28.05 -38.38 22.71
CA SER A 357 -28.02 -38.39 22.71
C SER A 357 -28.05 -37.14 23.60
C SER A 357 -28.10 -37.11 23.53
N LEU A 358 -27.07 -36.27 23.41
CA LEU A 358 -27.01 -35.01 24.14
C LEU A 358 -27.68 -33.87 23.37
N GLY A 359 -28.18 -34.18 22.18
CA GLY A 359 -28.82 -33.17 21.35
C GLY A 359 -27.85 -32.10 20.89
N LEU A 360 -26.58 -32.47 20.77
CA LEU A 360 -25.53 -31.53 20.39
C LEU A 360 -25.29 -31.53 18.89
N SER A 361 -25.11 -30.36 18.31
CA SER A 361 -24.74 -30.27 16.91
C SER A 361 -23.38 -30.91 16.71
N HIS A 362 -23.21 -31.65 15.62
CA HIS A 362 -21.98 -32.39 15.40
C HIS A 362 -21.70 -32.64 13.92
N MET A 363 -20.45 -32.95 13.60
CA MET A 363 -20.06 -33.33 12.25
C MET A 363 -18.79 -34.16 12.29
N ASP A 364 -18.59 -35.00 11.29
CA ASP A 364 -17.33 -35.72 11.14
C ASP A 364 -16.22 -34.75 10.75
N ILE A 365 -15.02 -35.00 11.27
CA ILE A 365 -13.91 -34.12 10.99
C ILE A 365 -12.59 -34.90 11.05
N VAL A 366 -11.62 -34.47 10.24
CA VAL A 366 -10.31 -35.10 10.25
C VAL A 366 -9.33 -34.21 11.00
N SER A 367 -8.55 -34.79 11.92
CA SER A 367 -7.54 -34.01 12.65
C SER A 367 -6.42 -33.55 11.73
N GLY A 368 -6.12 -32.25 11.77
CA GLY A 368 -5.10 -31.68 10.91
C GLY A 368 -3.78 -31.49 11.64
N ALA A 369 -3.74 -31.93 12.89
CA ALA A 369 -2.52 -31.86 13.68
C ALA A 369 -2.34 -33.16 14.44
N GLY A 370 -1.08 -33.48 14.78
CA GLY A 370 -0.79 -34.67 15.55
C GLY A 370 -1.23 -34.51 16.99
N HIS A 371 -1.73 -35.58 17.58
CA HIS A 371 -2.05 -35.62 19.01
C HIS A 371 -1.53 -36.92 19.59
N ASP A 372 -1.44 -36.99 20.91
CA ASP A 372 -1.03 -38.22 21.58
C ASP A 372 -1.89 -39.40 21.14
N ALA A 373 -3.19 -39.15 20.94
CA ALA A 373 -4.13 -40.20 20.56
C ALA A 373 -3.78 -40.86 19.23
N CYS A 374 -3.11 -40.11 18.35
CA CYS A 374 -2.71 -40.65 17.05
C CYS A 374 -1.75 -41.83 17.20
N TYR A 375 -0.91 -41.77 18.22
CA TYR A 375 0.03 -42.85 18.51
C TYR A 375 -0.66 -43.95 19.34
N VAL A 376 -1.50 -43.54 20.29
CA VAL A 376 -2.18 -44.49 21.15
C VAL A 376 -3.09 -45.39 20.32
N ALA A 377 -3.55 -44.86 19.19
CA ALA A 377 -4.37 -45.64 18.27
C ALA A 377 -3.68 -46.92 17.80
N ARG A 378 -2.34 -46.95 17.88
CA ARG A 378 -1.58 -48.14 17.50
C ARG A 378 -1.71 -49.30 18.49
N VAL A 379 -2.03 -48.99 19.74
CA VAL A 379 -2.02 -50.02 20.79
C VAL A 379 -3.35 -50.13 21.53
N ALA A 380 -4.36 -49.43 21.04
CA ALA A 380 -5.68 -49.46 21.67
C ALA A 380 -6.72 -48.92 20.71
N PRO A 381 -7.97 -49.44 20.80
CA PRO A 381 -9.05 -48.81 20.05
C PRO A 381 -9.20 -47.37 20.53
N THR A 382 -9.00 -46.41 19.64
CA THR A 382 -8.92 -45.02 20.06
C THR A 382 -9.86 -44.14 19.23
N GLY A 383 -10.40 -43.10 19.87
CA GLY A 383 -11.15 -42.07 19.17
C GLY A 383 -10.84 -40.69 19.73
N MET A 384 -11.27 -39.65 19.02
CA MET A 384 -11.08 -38.28 19.50
C MET A 384 -12.38 -37.49 19.43
N ILE A 385 -12.46 -36.46 20.27
CA ILE A 385 -13.60 -35.55 20.32
C ILE A 385 -13.07 -34.12 20.21
N PHE A 386 -13.55 -33.38 19.20
CA PHE A 386 -13.16 -31.99 19.02
C PHE A 386 -14.27 -31.04 19.48
N VAL A 387 -13.86 -29.91 20.06
CA VAL A 387 -14.75 -28.75 20.23
C VAL A 387 -14.18 -27.62 19.37
N PRO A 388 -15.01 -26.61 19.05
CA PRO A 388 -14.47 -25.54 18.22
C PRO A 388 -13.52 -24.64 19.01
N CYS A 389 -12.78 -23.79 18.33
CA CYS A 389 -12.08 -22.72 19.02
C CYS A 389 -12.26 -21.43 18.22
N VAL A 390 -12.28 -20.31 18.92
CA VAL A 390 -12.53 -19.01 18.31
C VAL A 390 -11.49 -18.71 17.23
N ASP A 391 -11.98 -18.43 16.02
CA ASP A 391 -11.14 -18.10 14.86
C ASP A 391 -10.21 -19.26 14.47
N GLY A 392 -10.38 -20.41 15.11
CA GLY A 392 -9.53 -21.56 14.86
C GLY A 392 -8.14 -21.42 15.45
N LEU A 393 -7.94 -20.35 16.23
CA LEU A 393 -6.65 -20.02 16.78
C LEU A 393 -6.16 -21.03 17.82
N SER A 394 -4.90 -21.41 17.69
CA SER A 394 -4.26 -22.26 18.68
C SER A 394 -2.74 -22.04 18.65
N HIS A 395 -2.09 -22.48 19.72
CA HIS A 395 -0.66 -22.24 19.98
C HIS A 395 -0.40 -20.78 19.80
N ASN A 396 -1.32 -20.02 20.42
CA ASN A 396 -1.30 -18.58 20.53
C ASN A 396 -1.99 -18.27 21.85
N GLU A 397 -1.53 -17.24 22.53
CA GLU A 397 -2.04 -16.91 23.86
C GLU A 397 -3.51 -16.47 23.87
N ALA A 398 -4.02 -16.08 22.70
CA ALA A 398 -5.40 -15.63 22.58
C ALA A 398 -6.36 -16.76 22.23
N GLU A 399 -5.84 -17.98 22.18
CA GLU A 399 -6.64 -19.18 21.94
C GLU A 399 -7.77 -19.31 22.95
N ALA A 400 -8.98 -19.56 22.48
CA ALA A 400 -10.14 -19.54 23.36
C ALA A 400 -11.28 -20.47 22.95
N ILE A 401 -11.96 -21.02 23.95
CA ILE A 401 -13.24 -21.68 23.76
C ILE A 401 -14.26 -21.03 24.71
N THR A 402 -15.54 -21.25 24.42
CA THR A 402 -16.61 -20.77 25.29
C THR A 402 -16.91 -21.81 26.37
N PRO A 403 -17.48 -21.37 27.51
CA PRO A 403 -17.97 -22.33 28.51
C PRO A 403 -18.92 -23.38 27.92
N GLU A 404 -19.79 -22.96 27.02
CA GLU A 404 -20.75 -23.85 26.37
C GLU A 404 -20.04 -24.98 25.62
N TRP A 405 -19.04 -24.62 24.81
CA TRP A 405 -18.24 -25.60 24.10
C TRP A 405 -17.46 -26.50 25.05
N ALA A 406 -16.87 -25.91 26.08
CA ALA A 406 -16.09 -26.68 27.05
C ALA A 406 -16.95 -27.75 27.70
N THR A 407 -18.15 -27.34 28.13
CA THR A 407 -19.11 -28.26 28.76
C THR A 407 -19.57 -29.35 27.81
N ALA A 408 -19.82 -28.98 26.56
CA ALA A 408 -20.33 -29.94 25.57
C ALA A 408 -19.31 -31.03 25.26
N GLY A 409 -18.05 -30.65 25.10
CA GLY A 409 -17.00 -31.61 24.83
C GLY A 409 -16.87 -32.58 25.98
N ALA A 410 -16.95 -32.05 27.20
CA ALA A 410 -16.82 -32.88 28.38
C ALA A 410 -18.01 -33.81 28.56
N ASP A 411 -19.20 -33.34 28.19
CA ASP A 411 -20.40 -34.16 28.26
C ASP A 411 -20.33 -35.35 27.29
N VAL A 412 -19.83 -35.10 26.08
CA VAL A 412 -19.64 -36.16 25.09
C VAL A 412 -18.60 -37.17 25.59
N LEU A 413 -17.49 -36.67 26.15
CA LEU A 413 -16.45 -37.54 26.71
C LEU A 413 -17.01 -38.41 27.83
N LEU A 414 -17.79 -37.80 28.71
CA LEU A 414 -18.43 -38.51 29.80
C LEU A 414 -19.26 -39.69 29.29
N ARG A 415 -20.12 -39.44 28.30
CA ARG A 415 -20.99 -40.51 27.79
C ARG A 415 -20.22 -41.58 27.02
N ALA A 416 -19.23 -41.15 26.25
CA ALA A 416 -18.38 -42.08 25.52
C ALA A 416 -17.61 -43.00 26.46
N VAL A 417 -16.97 -42.40 27.46
CA VAL A 417 -16.17 -43.14 28.43
C VAL A 417 -17.07 -44.09 29.20
N LEU A 418 -18.23 -43.57 29.62
CA LEU A 418 -19.18 -44.37 30.37
C LEU A 418 -19.62 -45.60 29.56
N GLN A 419 -20.00 -45.39 28.31
CA GLN A 419 -20.47 -46.51 27.48
C GLN A 419 -19.38 -47.60 27.33
N SER A 420 -18.15 -47.18 27.06
CA SER A 420 -17.06 -48.12 26.81
C SER A 420 -16.62 -48.82 28.09
N ALA A 421 -16.75 -48.14 29.22
CA ALA A 421 -16.37 -48.71 30.52
C ALA A 421 -17.41 -49.69 31.05
N GLN A 422 -18.57 -49.73 30.41
CA GLN A 422 -19.61 -50.67 30.83
C GLN A 422 -19.71 -51.86 29.87
N GLU A 423 -18.86 -51.85 28.85
CA GLU A 423 -18.79 -52.95 27.89
C GLU A 423 -18.08 -54.17 28.48
N ALA A 424 -18.69 -55.34 28.35
CA ALA A 424 -18.15 -56.57 28.92
C ALA A 424 -17.00 -57.11 28.08
N MET B 16 -33.31 -7.97 50.43
CA MET B 16 -33.40 -7.26 49.16
C MET B 16 -33.59 -8.23 48.00
N PRO B 17 -34.54 -7.92 47.09
CA PRO B 17 -34.91 -8.79 45.98
C PRO B 17 -33.84 -8.84 44.89
N ARG B 18 -34.00 -9.74 43.93
CA ARG B 18 -33.09 -9.85 42.79
C ARG B 18 -33.87 -10.07 41.50
N VAL B 19 -33.35 -9.58 40.38
CA VAL B 19 -34.00 -9.80 39.11
C VAL B 19 -33.83 -11.24 38.63
N ASP B 20 -34.77 -11.70 37.81
CA ASP B 20 -34.63 -12.96 37.11
C ASP B 20 -33.90 -12.66 35.79
N GLY B 21 -32.60 -12.95 35.76
CA GLY B 21 -31.78 -12.64 34.60
C GLY B 21 -32.18 -13.34 33.31
N ASP B 22 -32.56 -14.61 33.43
CA ASP B 22 -33.01 -15.39 32.28
C ASP B 22 -34.31 -14.82 31.69
N ARG B 23 -35.20 -14.39 32.57
CA ARG B 23 -36.47 -13.80 32.18
C ARG B 23 -36.25 -12.48 31.46
N LEU B 24 -35.41 -11.64 32.04
CA LEU B 24 -35.03 -10.39 31.39
C LEU B 24 -34.45 -10.65 30.00
N TRP B 25 -33.54 -11.61 29.92
CA TRP B 25 -32.85 -11.88 28.65
C TRP B 25 -33.85 -12.38 27.61
N ALA B 26 -34.80 -13.19 28.05
CA ALA B 26 -35.84 -13.71 27.16
C ALA B 26 -36.66 -12.57 26.58
N SER B 27 -37.00 -11.58 27.41
CA SER B 27 -37.82 -10.47 26.94
C SER B 27 -37.06 -9.63 25.91
N LEU B 28 -35.74 -9.54 26.07
CA LEU B 28 -34.92 -8.77 25.14
C LEU B 28 -34.83 -9.47 23.79
N GLU B 29 -34.68 -10.79 23.82
CA GLU B 29 -34.66 -11.60 22.61
C GLU B 29 -35.99 -11.55 21.86
N ARG B 30 -37.09 -11.60 22.60
CA ARG B 30 -38.42 -11.56 21.99
C ARG B 30 -38.69 -10.20 21.34
N MET B 31 -38.41 -9.13 22.08
CA MET B 31 -38.62 -7.78 21.58
C MET B 31 -37.72 -7.50 20.37
N ALA B 32 -36.51 -8.05 20.38
CA ALA B 32 -35.55 -7.84 19.29
C ALA B 32 -36.03 -8.40 17.95
N GLN B 33 -37.02 -9.29 17.98
CA GLN B 33 -37.58 -9.81 16.74
C GLN B 33 -38.33 -8.74 15.96
N ILE B 34 -38.89 -7.78 16.70
CA ILE B 34 -39.71 -6.74 16.11
C ILE B 34 -38.84 -5.69 15.41
N GLY B 35 -38.81 -5.75 14.09
CA GLY B 35 -37.98 -4.86 13.29
C GLY B 35 -36.59 -5.40 13.08
N ALA B 36 -36.40 -6.69 13.31
CA ALA B 36 -35.09 -7.34 13.19
C ALA B 36 -34.49 -7.17 11.80
N THR B 37 -33.20 -6.86 11.74
CA THR B 37 -32.49 -6.70 10.48
C THR B 37 -31.54 -7.88 10.24
N PRO B 38 -31.23 -8.18 8.96
CA PRO B 38 -30.33 -9.27 8.59
C PRO B 38 -29.03 -9.33 9.39
N LYS B 39 -28.44 -8.18 9.68
CA LYS B 39 -27.17 -8.14 10.42
C LYS B 39 -27.36 -8.37 11.92
N GLY B 40 -28.62 -8.49 12.36
CA GLY B 40 -28.91 -8.78 13.75
C GLY B 40 -29.24 -7.55 14.59
N GLY B 41 -29.56 -6.45 13.90
CA GLY B 41 -29.91 -5.22 14.56
C GLY B 41 -31.41 -5.00 14.54
N VAL B 42 -31.82 -3.75 14.72
CA VAL B 42 -33.24 -3.42 14.78
C VAL B 42 -33.49 -2.11 14.04
N CYS B 43 -34.44 -2.13 13.12
CA CYS B 43 -34.93 -0.88 12.53
C CYS B 43 -36.39 -0.70 12.94
N ARG B 44 -36.59 0.09 13.98
CA ARG B 44 -37.92 0.34 14.52
C ARG B 44 -38.12 1.84 14.67
N LEU B 45 -38.36 2.52 13.55
CA LEU B 45 -38.47 3.97 13.54
C LEU B 45 -39.73 4.44 14.28
N ALA B 46 -39.62 5.56 14.98
CA ALA B 46 -40.67 6.04 15.85
C ALA B 46 -42.01 6.19 15.13
N LEU B 47 -43.04 5.62 15.76
CA LEU B 47 -44.43 5.74 15.32
C LEU B 47 -44.70 5.08 13.97
N THR B 48 -43.86 4.13 13.59
CA THR B 48 -44.18 3.19 12.52
C THR B 48 -45.04 2.06 13.08
N ASP B 49 -45.49 1.16 12.20
CA ASP B 49 -46.26 0.00 12.63
C ASP B 49 -45.42 -0.92 13.51
N LEU B 50 -44.12 -0.97 13.24
CA LEU B 50 -43.21 -1.78 14.04
C LEU B 50 -43.06 -1.19 15.45
N ASP B 51 -43.00 0.14 15.52
CA ASP B 51 -42.95 0.82 16.80
C ASP B 51 -44.22 0.49 17.60
N ARG B 52 -45.37 0.55 16.93
CA ARG B 52 -46.65 0.21 17.56
C ARG B 52 -46.63 -1.23 18.11
N GLU B 53 -46.11 -2.15 17.30
CA GLU B 53 -46.05 -3.56 17.67
C GLU B 53 -45.20 -3.75 18.92
N SER B 54 -44.09 -3.02 18.99
CA SER B 54 -43.20 -3.04 20.14
C SER B 54 -43.90 -2.50 21.39
N ARG B 55 -44.57 -1.36 21.23
CA ARG B 55 -45.38 -0.77 22.29
C ARG B 55 -46.45 -1.75 22.78
N ASP B 56 -47.19 -2.35 21.84
CA ASP B 56 -48.28 -3.26 22.20
C ASP B 56 -47.78 -4.45 23.01
N LEU B 57 -46.59 -4.94 22.68
CA LEU B 57 -46.02 -6.08 23.41
C LEU B 57 -45.62 -5.67 24.82
N PHE B 58 -45.03 -4.48 24.96
CA PHE B 58 -44.73 -3.93 26.28
C PHE B 58 -46.00 -3.77 27.11
N VAL B 59 -47.04 -3.21 26.49
CA VAL B 59 -48.32 -3.02 27.17
C VAL B 59 -48.90 -4.35 27.63
N GLN B 60 -48.87 -5.36 26.77
CA GLN B 60 -49.34 -6.70 27.11
C GLN B 60 -48.62 -7.26 28.35
N TRP B 61 -47.29 -7.12 28.37
CA TRP B 61 -46.48 -7.63 29.46
C TRP B 61 -46.76 -6.87 30.76
N ALA B 62 -46.92 -5.55 30.65
CA ALA B 62 -47.24 -4.72 31.81
C ALA B 62 -48.56 -5.15 32.45
N ARG B 63 -49.54 -5.46 31.61
CA ARG B 63 -50.84 -5.89 32.09
C ARG B 63 -50.78 -7.26 32.74
N GLU B 64 -49.91 -8.11 32.21
CA GLU B 64 -49.67 -9.40 32.83
C GLU B 64 -49.09 -9.24 34.23
N ALA B 65 -48.34 -8.16 34.44
CA ALA B 65 -47.74 -7.91 35.76
C ALA B 65 -48.68 -7.14 36.70
N GLY B 66 -49.91 -6.92 36.27
CA GLY B 66 -50.88 -6.20 37.09
C GLY B 66 -50.74 -4.68 37.07
N CYS B 67 -50.01 -4.15 36.10
CA CYS B 67 -49.81 -2.70 36.02
C CYS B 67 -51.02 -1.99 35.42
N THR B 68 -51.23 -0.74 35.82
CA THR B 68 -52.16 0.16 35.15
C THR B 68 -51.41 0.88 34.03
N VAL B 69 -51.82 0.67 32.78
CA VAL B 69 -51.16 1.33 31.66
C VAL B 69 -51.94 2.58 31.25
N ARG B 70 -51.22 3.69 31.12
CA ARG B 70 -51.80 4.94 30.65
C ARG B 70 -50.91 5.53 29.56
N VAL B 71 -51.52 6.35 28.69
CA VAL B 71 -50.83 6.96 27.55
C VAL B 71 -51.11 8.48 27.53
N ASP B 72 -50.08 9.30 27.35
CA ASP B 72 -50.33 10.75 27.32
C ASP B 72 -50.44 11.26 25.88
N ARG B 73 -50.66 12.56 25.74
CA ARG B 73 -50.96 13.12 24.43
C ARG B 73 -49.75 13.08 23.47
N MET B 74 -48.57 12.82 24.00
CA MET B 74 -47.40 12.66 23.13
C MET B 74 -47.11 11.18 22.90
N GLY B 75 -48.03 10.33 23.34
CA GLY B 75 -47.89 8.89 23.16
C GLY B 75 -46.91 8.22 24.10
N ASN B 76 -46.45 8.94 25.13
CA ASN B 76 -45.62 8.31 26.14
C ASN B 76 -46.44 7.23 26.83
N VAL B 77 -45.84 6.07 27.05
CA VAL B 77 -46.54 4.97 27.68
C VAL B 77 -46.04 4.80 29.09
N PHE B 78 -46.95 4.80 30.06
CA PHE B 78 -46.60 4.60 31.46
C PHE B 78 -47.28 3.35 32.00
N ALA B 79 -46.48 2.41 32.50
CA ALA B 79 -47.03 1.25 33.21
C ALA B 79 -46.81 1.44 34.69
N ARG B 80 -47.90 1.61 35.44
CA ARG B 80 -47.78 1.94 36.85
C ARG B 80 -47.98 0.72 37.76
N ARG B 81 -46.99 0.48 38.60
CA ARG B 81 -47.11 -0.47 39.69
C ARG B 81 -47.44 0.32 40.97
N ALA B 82 -48.67 0.17 41.44
CA ALA B 82 -49.17 0.99 42.55
C ALA B 82 -48.36 0.79 43.82
N GLY B 83 -48.27 1.84 44.61
CA GLY B 83 -47.66 1.75 45.93
C GLY B 83 -48.75 1.81 46.98
N ARG B 84 -48.35 1.78 48.25
CA ARG B 84 -49.30 1.91 49.35
C ARG B 84 -50.03 3.25 49.27
N ARG B 85 -49.32 4.28 48.80
CA ARG B 85 -49.91 5.61 48.70
C ARG B 85 -50.37 5.93 47.28
N PRO B 86 -51.69 5.98 47.07
CA PRO B 86 -52.23 6.23 45.72
C PRO B 86 -51.79 7.55 45.11
N ASP B 87 -51.67 8.61 45.92
CA ASP B 87 -51.42 9.93 45.37
C ASP B 87 -49.98 10.40 45.55
N ALA B 88 -49.11 9.51 46.01
CA ALA B 88 -47.70 9.88 46.20
C ALA B 88 -47.02 10.08 44.86
N ALA B 89 -46.05 11.00 44.82
CA ALA B 89 -45.25 11.18 43.61
C ALA B 89 -44.51 9.88 43.29
N PRO B 90 -44.57 9.45 42.03
CA PRO B 90 -43.98 8.17 41.61
C PRO B 90 -42.47 8.20 41.43
N VAL B 91 -41.87 7.02 41.50
CA VAL B 91 -40.52 6.82 40.99
C VAL B 91 -40.65 6.33 39.55
N MET B 92 -40.03 7.03 38.62
CA MET B 92 -40.17 6.70 37.21
C MET B 92 -38.90 6.07 36.67
N THR B 93 -39.05 5.00 35.89
CA THR B 93 -37.91 4.43 35.21
C THR B 93 -38.32 4.00 33.83
N GLY B 94 -37.35 3.95 32.92
CA GLY B 94 -37.63 3.55 31.56
C GLY B 94 -36.76 4.27 30.57
N SER B 95 -37.14 4.17 29.30
CA SER B 95 -36.28 4.63 28.23
C SER B 95 -37.12 4.75 26.96
N HIS B 96 -36.53 4.44 25.81
CA HIS B 96 -37.27 4.52 24.54
C HIS B 96 -37.26 3.17 23.85
N ALA B 97 -38.28 2.89 23.04
CA ALA B 97 -38.32 1.63 22.29
C ALA B 97 -37.96 1.84 20.84
N ASP B 98 -38.02 3.09 20.36
CA ASP B 98 -37.73 3.36 18.95
C ASP B 98 -36.23 3.34 18.71
N SER B 99 -35.83 3.16 17.46
CA SER B 99 -34.43 2.97 17.14
C SER B 99 -33.95 3.91 16.05
N GLN B 100 -32.62 3.91 15.84
CA GLN B 100 -32.02 4.48 14.65
C GLN B 100 -32.32 3.55 13.47
N PRO B 101 -32.22 4.07 12.23
CA PRO B 101 -32.43 3.22 11.05
C PRO B 101 -31.57 1.96 11.06
N THR B 102 -30.35 2.07 11.55
CA THR B 102 -29.47 0.90 11.70
C THR B 102 -29.10 0.71 13.18
N GLY B 103 -30.11 0.59 14.03
CA GLY B 103 -29.87 0.49 15.46
C GLY B 103 -29.60 -0.92 15.97
N GLY B 104 -29.23 -1.01 17.25
CA GLY B 104 -28.93 -2.28 17.85
C GLY B 104 -30.07 -2.81 18.70
N ARG B 105 -29.90 -4.01 19.22
CA ARG B 105 -30.96 -4.68 19.98
C ARG B 105 -31.14 -4.16 21.40
N TYR B 106 -30.34 -3.18 21.81
CA TYR B 106 -30.36 -2.74 23.21
C TYR B 106 -30.47 -1.22 23.47
N ASP B 107 -30.17 -0.37 22.48
CA ASP B 107 -30.37 1.10 22.55
C ASP B 107 -31.81 1.36 22.97
N GLY B 108 -31.99 1.96 24.14
CA GLY B 108 -33.32 2.28 24.62
C GLY B 108 -34.14 1.13 25.19
N ILE B 109 -34.30 0.06 24.41
CA ILE B 109 -35.23 -1.00 24.82
C ILE B 109 -34.75 -1.73 26.09
N TYR B 110 -33.44 -1.77 26.30
CA TYR B 110 -32.88 -2.44 27.48
C TYR B 110 -33.39 -1.78 28.77
N GLY B 111 -33.45 -0.45 28.77
CA GLY B 111 -33.97 0.30 29.90
C GLY B 111 -35.47 0.16 30.09
N VAL B 112 -36.20 -0.01 29.00
CA VAL B 112 -37.63 -0.25 29.10
C VAL B 112 -37.90 -1.62 29.72
N LEU B 113 -37.23 -2.64 29.21
CA LEU B 113 -37.46 -4.00 29.68
C LEU B 113 -36.80 -4.24 31.04
N GLY B 114 -35.78 -3.45 31.34
CA GLY B 114 -35.18 -3.44 32.66
C GLY B 114 -36.19 -2.99 33.68
N GLY B 115 -36.89 -1.89 33.39
CA GLY B 115 -37.95 -1.41 34.25
C GLY B 115 -39.06 -2.44 34.42
N LEU B 116 -39.43 -3.10 33.32
CA LEU B 116 -40.43 -4.15 33.40
C LEU B 116 -39.98 -5.27 34.33
N GLU B 117 -38.71 -5.67 34.23
CA GLU B 117 -38.20 -6.72 35.10
C GLU B 117 -38.20 -6.30 36.56
N VAL B 118 -37.99 -5.01 36.82
CA VAL B 118 -38.08 -4.48 38.18
C VAL B 118 -39.47 -4.73 38.75
N VAL B 119 -40.50 -4.43 37.96
CA VAL B 119 -41.89 -4.66 38.38
C VAL B 119 -42.11 -6.14 38.66
N ARG B 120 -41.61 -7.00 37.77
CA ARG B 120 -41.79 -8.43 37.94
C ARG B 120 -41.07 -8.95 39.18
N ALA B 121 -39.87 -8.43 39.44
CA ALA B 121 -39.07 -8.84 40.59
C ALA B 121 -39.74 -8.40 41.89
N LEU B 122 -40.32 -7.20 41.88
CA LEU B 122 -41.02 -6.69 43.05
C LEU B 122 -42.25 -7.54 43.37
N ASN B 123 -42.97 -7.95 42.32
CA ASN B 123 -44.10 -8.85 42.50
C ASN B 123 -43.66 -10.21 43.04
N ASP B 124 -42.64 -10.79 42.43
CA ASP B 124 -42.15 -12.11 42.85
C ASP B 124 -41.78 -12.13 44.34
N ALA B 125 -41.22 -11.02 44.83
CA ALA B 125 -40.84 -10.91 46.23
C ALA B 125 -41.98 -10.39 47.11
N ALA B 126 -43.16 -10.23 46.52
CA ALA B 126 -44.34 -9.73 47.22
C ALA B 126 -44.08 -8.40 47.93
N ILE B 127 -43.33 -7.51 47.30
CA ILE B 127 -42.96 -6.26 47.93
C ILE B 127 -44.01 -5.17 47.74
N GLU B 128 -44.35 -4.47 48.81
CA GLU B 128 -45.17 -3.26 48.70
C GLU B 128 -44.27 -2.04 48.88
N THR B 129 -44.32 -1.13 47.91
CA THR B 129 -43.58 0.11 48.03
C THR B 129 -44.50 1.20 48.54
N GLU B 130 -43.90 2.24 49.12
CA GLU B 130 -44.66 3.40 49.55
C GLU B 130 -45.21 4.13 48.32
N ARG B 131 -44.32 4.37 47.36
CA ARG B 131 -44.66 5.17 46.19
C ARG B 131 -44.98 4.30 44.98
N PRO B 132 -45.84 4.80 44.08
CA PRO B 132 -46.03 4.07 42.82
C PRO B 132 -44.77 4.10 41.96
N VAL B 133 -44.57 3.06 41.16
CA VAL B 133 -43.46 3.01 40.21
C VAL B 133 -43.99 3.04 38.79
N ASP B 134 -43.54 4.01 38.01
CA ASP B 134 -43.92 4.14 36.60
C ASP B 134 -42.80 3.63 35.70
N VAL B 135 -43.12 2.68 34.83
CA VAL B 135 -42.19 2.26 33.79
C VAL B 135 -42.60 2.92 32.49
N VAL B 136 -41.72 3.74 31.92
CA VAL B 136 -42.11 4.61 30.82
C VAL B 136 -41.41 4.28 29.49
N ILE B 137 -42.16 4.42 28.40
CA ILE B 137 -41.60 4.47 27.07
C ILE B 137 -41.76 5.88 26.51
N TRP B 138 -40.64 6.56 26.29
CA TRP B 138 -40.70 7.90 25.69
C TRP B 138 -40.84 7.80 24.18
N THR B 139 -41.76 8.59 23.62
CA THR B 139 -41.96 8.67 22.18
C THR B 139 -40.76 9.33 21.49
N ASN B 140 -40.35 8.76 20.36
CA ASN B 140 -39.34 9.35 19.47
C ASN B 140 -38.12 9.94 20.17
N GLU B 141 -37.40 9.13 20.93
CA GLU B 141 -36.16 9.62 21.52
C GLU B 141 -35.11 9.91 20.45
N GLU B 142 -35.02 9.05 19.44
CA GLU B 142 -33.83 9.07 18.56
C GLU B 142 -33.84 10.23 17.55
N GLY B 143 -35.01 10.80 17.27
CA GLY B 143 -35.09 11.97 16.42
C GLY B 143 -34.67 11.75 14.97
N SER B 144 -34.95 10.56 14.47
CA SER B 144 -34.57 10.19 13.11
C SER B 144 -35.67 10.49 12.10
N ARG B 145 -36.85 9.92 12.32
CA ARG B 145 -38.00 10.16 11.46
C ARG B 145 -38.59 11.56 11.66
N PHE B 146 -38.65 11.99 12.91
CA PHE B 146 -39.07 13.35 13.26
C PHE B 146 -37.95 14.01 14.04
N ALA B 147 -37.64 15.26 13.71
CA ALA B 147 -36.70 16.05 14.50
C ALA B 147 -37.50 16.92 15.46
N PRO B 148 -36.94 17.20 16.65
CA PRO B 148 -35.63 16.82 17.17
C PRO B 148 -35.62 15.52 17.97
N ALA B 149 -34.45 15.12 18.42
CA ALA B 149 -34.33 13.99 19.34
C ALA B 149 -34.94 14.33 20.70
N MET B 150 -35.33 13.29 21.43
CA MET B 150 -35.81 13.42 22.81
C MET B 150 -36.99 14.39 22.93
N VAL B 151 -37.77 14.52 21.85
CA VAL B 151 -38.80 15.54 21.78
C VAL B 151 -39.90 15.35 22.83
N SER B 152 -40.22 14.09 23.13
CA SER B 152 -41.37 13.80 23.98
C SER B 152 -41.03 13.92 25.46
N ALA B 153 -39.88 13.40 25.85
CA ALA B 153 -39.35 13.65 27.18
C ALA B 153 -39.17 15.17 27.36
N GLY B 154 -38.88 15.84 26.26
CA GLY B 154 -38.76 17.29 26.27
C GLY B 154 -40.07 17.99 26.61
N VAL B 155 -41.16 17.58 25.94
CA VAL B 155 -42.47 18.14 26.25
C VAL B 155 -42.81 17.84 27.70
N PHE B 156 -42.54 16.60 28.13
CA PHE B 156 -42.79 16.17 29.53
C PHE B 156 -42.05 17.09 30.50
N SER B 157 -40.82 17.44 30.13
CA SER B 157 -39.92 18.15 31.03
C SER B 157 -39.91 19.66 30.83
N GLY B 158 -40.82 20.16 30.00
CA GLY B 158 -40.96 21.59 29.80
C GLY B 158 -39.93 22.22 28.87
N VAL B 159 -39.24 21.38 28.11
CA VAL B 159 -38.28 21.85 27.12
C VAL B 159 -39.02 22.40 25.89
N TYR B 160 -40.06 21.69 25.50
CA TYR B 160 -40.86 22.07 24.34
C TYR B 160 -42.33 22.15 24.70
N THR B 161 -43.09 22.95 23.97
CA THR B 161 -44.53 22.97 24.16
C THR B 161 -45.14 21.71 23.56
N LEU B 162 -46.32 21.33 24.05
CA LEU B 162 -47.07 20.21 23.47
C LEU B 162 -47.35 20.47 21.98
N GLU B 163 -47.71 21.71 21.66
CA GLU B 163 -47.99 22.10 20.28
C GLU B 163 -46.77 21.85 19.38
N TYR B 164 -45.59 22.15 19.89
CA TYR B 164 -44.36 21.91 19.15
C TYR B 164 -44.10 20.41 18.96
N GLY B 165 -44.31 19.63 20.02
CA GLY B 165 -44.10 18.20 19.95
C GLY B 165 -45.00 17.52 18.93
N LEU B 166 -46.28 17.88 18.93
CA LEU B 166 -47.25 17.24 18.06
C LEU B 166 -47.09 17.63 16.58
N SER B 167 -46.52 18.80 16.34
CA SER B 167 -46.45 19.33 14.98
C SER B 167 -45.16 18.94 14.24
N ARG B 168 -44.28 18.18 14.89
CA ARG B 168 -43.06 17.73 14.22
C ARG B 168 -43.41 16.81 13.06
N THR B 169 -42.77 17.02 11.92
N THR B 169 -42.81 17.07 11.91
CA THR B 169 -43.21 16.40 10.67
CA THR B 169 -43.15 16.37 10.68
C THR B 169 -42.13 15.55 9.98
C THR B 169 -42.09 15.35 10.28
N ASP B 170 -42.50 14.37 9.48
CA ASP B 170 -41.54 13.46 8.86
C ASP B 170 -41.36 13.79 7.38
N GLY B 171 -40.63 12.94 6.67
CA GLY B 171 -40.32 13.19 5.27
C GLY B 171 -41.50 13.14 4.33
N ALA B 172 -42.60 12.57 4.79
CA ALA B 172 -43.80 12.44 3.97
C ALA B 172 -44.89 13.39 4.42
N GLY B 173 -44.54 14.35 5.26
CA GLY B 173 -45.48 15.37 5.67
C GLY B 173 -46.42 14.97 6.79
N ARG B 174 -46.14 13.85 7.45
CA ARG B 174 -46.99 13.39 8.55
C ARG B 174 -46.48 13.89 9.89
N THR B 175 -47.38 14.42 10.72
CA THR B 175 -47.00 14.94 12.03
C THR B 175 -46.97 13.82 13.06
N ILE B 176 -46.27 14.05 14.17
CA ILE B 176 -46.27 13.13 15.28
C ILE B 176 -47.70 12.93 15.77
N GLY B 177 -48.45 14.03 15.91
CA GLY B 177 -49.84 13.98 16.31
C GLY B 177 -50.70 13.08 15.43
N GLU B 178 -50.48 13.15 14.12
CA GLU B 178 -51.23 12.32 13.18
C GLU B 178 -50.83 10.85 13.26
N GLU B 179 -49.54 10.59 13.42
CA GLU B 179 -49.05 9.21 13.51
C GLU B 179 -49.46 8.56 14.82
N LEU B 180 -49.55 9.34 15.89
CA LEU B 180 -50.04 8.84 17.17
C LEU B 180 -51.47 8.33 17.05
N GLU B 181 -52.34 9.15 16.47
CA GLU B 181 -53.71 8.75 16.20
C GLU B 181 -53.74 7.52 15.30
N ARG B 182 -52.87 7.48 14.30
CA ARG B 182 -52.86 6.38 13.33
C ARG B 182 -52.54 5.04 13.98
N ILE B 183 -51.61 5.02 14.93
CA ILE B 183 -51.21 3.77 15.55
C ILE B 183 -51.93 3.53 16.87
N GLY B 184 -52.84 4.42 17.23
CA GLY B 184 -53.66 4.23 18.41
C GLY B 184 -52.99 4.60 19.72
N TYR B 185 -52.04 5.53 19.67
CA TYR B 185 -51.35 5.97 20.87
C TYR B 185 -51.49 7.47 21.08
N ALA B 186 -52.59 8.02 20.58
CA ALA B 186 -52.95 9.40 20.88
C ALA B 186 -53.66 9.43 22.23
N GLY B 187 -52.88 9.45 23.30
CA GLY B 187 -53.41 9.29 24.65
C GLY B 187 -54.14 10.50 25.22
N ALA B 188 -54.86 10.28 26.31
CA ALA B 188 -55.67 11.33 26.92
C ALA B 188 -54.95 12.04 28.06
N GLU B 189 -53.92 11.42 28.61
CA GLU B 189 -53.22 11.99 29.78
C GLU B 189 -52.44 13.24 29.44
N PRO B 190 -52.44 14.22 30.37
CA PRO B 190 -51.57 15.39 30.20
C PRO B 190 -50.11 14.96 30.10
N VAL B 191 -49.30 15.68 29.31
CA VAL B 191 -47.89 15.32 29.19
C VAL B 191 -47.08 16.04 30.27
N GLY B 192 -46.66 15.30 31.29
CA GLY B 192 -45.91 15.88 32.39
C GLY B 192 -46.77 16.81 33.24
N GLY B 193 -46.13 17.70 33.97
CA GLY B 193 -46.85 18.67 34.78
C GLY B 193 -47.29 18.17 36.15
N TYR B 194 -46.81 16.98 36.53
CA TYR B 194 -47.13 16.42 37.85
C TYR B 194 -45.84 16.07 38.59
N PRO B 195 -45.89 16.08 39.94
CA PRO B 195 -44.70 15.77 40.74
C PRO B 195 -44.15 14.37 40.47
N VAL B 196 -42.83 14.27 40.30
CA VAL B 196 -42.16 12.99 40.18
C VAL B 196 -41.07 12.91 41.24
N HIS B 197 -41.12 11.88 42.08
CA HIS B 197 -40.20 11.78 43.21
C HIS B 197 -38.76 11.61 42.75
N ALA B 198 -38.57 10.68 41.81
CA ALA B 198 -37.25 10.43 41.24
C ALA B 198 -37.40 9.68 39.93
N ALA B 199 -36.36 9.77 39.10
CA ALA B 199 -36.33 9.05 37.85
C ALA B 199 -34.97 8.40 37.63
N TYR B 200 -34.99 7.18 37.11
CA TYR B 200 -33.76 6.47 36.77
C TYR B 200 -33.86 5.90 35.37
N GLU B 201 -32.84 6.12 34.56
CA GLU B 201 -32.78 5.47 33.26
C GLU B 201 -31.60 4.53 33.17
N LEU B 202 -31.90 3.26 32.92
CA LEU B 202 -30.88 2.25 32.61
C LEU B 202 -30.63 2.26 31.10
N HIS B 203 -29.35 2.26 30.70
CA HIS B 203 -29.01 2.36 29.28
C HIS B 203 -27.62 1.76 29.06
N ILE B 204 -27.39 1.18 27.89
CA ILE B 204 -26.05 0.74 27.54
C ILE B 204 -25.18 1.98 27.34
N GLU B 205 -23.88 1.84 27.57
CA GLU B 205 -22.97 2.98 27.52
C GLU B 205 -22.88 3.63 26.13
N GLN B 206 -22.96 2.80 25.08
CA GLN B 206 -22.71 3.22 23.70
C GLN B 206 -21.25 3.66 23.54
N GLY B 207 -20.37 3.04 24.32
CA GLY B 207 -18.96 3.35 24.27
C GLY B 207 -18.17 2.20 24.87
N ALA B 208 -16.85 2.34 24.92
CA ALA B 208 -15.99 1.25 25.37
C ALA B 208 -15.33 1.48 26.73
N ILE B 209 -15.71 2.54 27.43
CA ILE B 209 -15.07 2.90 28.70
C ILE B 209 -15.22 1.79 29.74
N LEU B 210 -16.45 1.37 29.99
CA LEU B 210 -16.71 0.34 30.98
C LEU B 210 -16.03 -0.97 30.59
N GLU B 211 -16.20 -1.35 29.33
CA GLU B 211 -15.65 -2.61 28.83
C GLU B 211 -14.13 -2.67 28.96
N ARG B 212 -13.45 -1.58 28.61
CA ARG B 212 -12.01 -1.56 28.67
C ARG B 212 -11.51 -1.46 30.11
N ALA B 213 -12.29 -0.83 30.97
CA ALA B 213 -11.91 -0.68 32.37
C ALA B 213 -12.22 -1.93 33.18
N GLY B 214 -12.99 -2.85 32.60
CA GLY B 214 -13.37 -4.06 33.29
C GLY B 214 -14.34 -3.78 34.43
N LYS B 215 -15.18 -2.77 34.22
CA LYS B 215 -16.19 -2.36 35.20
C LYS B 215 -17.57 -2.66 34.64
N THR B 216 -18.43 -3.25 35.46
CA THR B 216 -19.74 -3.67 35.01
C THR B 216 -20.75 -2.53 35.02
N ILE B 217 -20.70 -1.71 36.06
CA ILE B 217 -21.71 -0.67 36.22
C ILE B 217 -21.13 0.73 36.10
N GLY B 218 -21.68 1.53 35.20
CA GLY B 218 -21.31 2.92 35.11
C GLY B 218 -22.26 3.75 35.95
N VAL B 219 -21.71 4.51 36.90
CA VAL B 219 -22.50 5.44 37.69
C VAL B 219 -22.43 6.80 37.00
N VAL B 220 -23.50 7.14 36.29
CA VAL B 220 -23.51 8.31 35.42
C VAL B 220 -23.71 9.57 36.23
N THR B 221 -22.70 10.44 36.20
CA THR B 221 -22.72 11.66 36.99
C THR B 221 -23.33 12.85 36.24
N ALA B 222 -23.26 12.80 34.91
CA ALA B 222 -23.65 13.95 34.10
C ALA B 222 -23.75 13.60 32.63
N GLY B 223 -24.40 14.48 31.87
CA GLY B 223 -24.36 14.43 30.41
C GLY B 223 -23.48 15.58 29.96
N GLN B 224 -22.77 15.40 28.86
CA GLN B 224 -21.84 16.42 28.38
C GLN B 224 -22.52 17.69 27.88
N GLY B 225 -21.87 18.82 28.14
CA GLY B 225 -22.19 20.04 27.41
C GLY B 225 -21.51 19.94 26.06
N GLN B 226 -21.95 20.76 25.10
CA GLN B 226 -21.37 20.75 23.76
C GLN B 226 -21.17 22.16 23.22
N ARG B 227 -20.11 22.34 22.43
CA ARG B 227 -19.96 23.53 21.61
C ARG B 227 -19.45 23.11 20.24
N TRP B 228 -20.14 23.55 19.20
CA TRP B 228 -19.81 23.22 17.82
C TRP B 228 -19.39 24.48 17.06
N TYR B 229 -18.33 24.36 16.26
CA TYR B 229 -17.83 25.47 15.47
C TYR B 229 -17.70 25.13 13.99
N GLU B 230 -17.77 26.16 13.16
CA GLU B 230 -17.34 26.06 11.78
C GLU B 230 -16.22 27.07 11.57
N VAL B 231 -15.14 26.64 10.93
CA VAL B 231 -13.96 27.47 10.71
C VAL B 231 -13.63 27.52 9.22
N THR B 232 -13.38 28.72 8.71
CA THR B 232 -12.94 28.87 7.33
C THR B 232 -11.59 29.57 7.27
N LEU B 233 -10.62 28.92 6.62
CA LEU B 233 -9.31 29.51 6.39
C LEU B 233 -9.19 29.92 4.93
N THR B 234 -8.70 31.13 4.71
CA THR B 234 -8.59 31.64 3.36
C THR B 234 -7.14 31.96 3.02
N GLY B 235 -6.61 31.29 2.01
CA GLY B 235 -5.28 31.56 1.53
C GLY B 235 -5.33 31.98 0.08
N VAL B 236 -4.36 31.52 -0.71
CA VAL B 236 -4.25 31.90 -2.12
C VAL B 236 -4.05 30.66 -2.99
N ASP B 237 -4.99 30.41 -3.90
CA ASP B 237 -4.84 29.36 -4.90
C ASP B 237 -3.54 29.58 -5.67
N ALA B 238 -2.70 28.56 -5.78
CA ALA B 238 -1.46 28.71 -6.54
C ALA B 238 -1.00 27.40 -7.15
N HIS B 239 -0.37 27.49 -8.32
CA HIS B 239 0.26 26.34 -8.94
C HIS B 239 1.46 25.90 -8.10
N ALA B 240 1.47 24.63 -7.69
CA ALA B 240 2.52 24.13 -6.78
C ALA B 240 3.92 24.26 -7.36
N GLY B 241 4.05 23.94 -8.65
CA GLY B 241 5.35 23.95 -9.30
C GLY B 241 6.00 25.31 -9.36
N THR B 242 5.23 26.34 -9.69
CA THR B 242 5.79 27.66 -9.95
C THR B 242 5.80 28.56 -8.72
N THR B 243 5.25 28.07 -7.62
CA THR B 243 5.14 28.86 -6.41
C THR B 243 6.03 28.34 -5.29
N PRO B 244 7.15 29.03 -5.02
CA PRO B 244 8.04 28.62 -3.94
C PRO B 244 7.36 28.72 -2.58
N MET B 245 7.85 27.96 -1.61
CA MET B 245 7.20 27.83 -0.31
C MET B 245 7.00 29.18 0.37
N ALA B 246 7.99 30.07 0.23
CA ALA B 246 7.94 31.36 0.90
C ALA B 246 6.80 32.27 0.40
N PHE B 247 6.30 32.02 -0.81
CA PHE B 247 5.26 32.87 -1.39
C PHE B 247 3.86 32.35 -1.04
N ARG B 248 3.80 31.17 -0.43
CA ARG B 248 2.53 30.47 -0.30
C ARG B 248 1.65 30.92 0.85
N ARG B 249 0.35 30.82 0.62
CA ARG B 249 -0.67 30.98 1.65
C ARG B 249 -1.55 29.73 1.60
N ASP B 250 -1.06 28.65 2.20
CA ASP B 250 -1.66 27.33 2.10
C ASP B 250 -2.68 27.10 3.22
N ALA B 251 -3.96 27.16 2.87
CA ALA B 251 -5.04 27.04 3.84
C ALA B 251 -5.12 25.63 4.42
N LEU B 252 -4.73 24.62 3.66
CA LEU B 252 -4.81 23.26 4.17
C LEU B 252 -3.76 23.02 5.25
N VAL B 253 -2.56 23.57 5.06
CA VAL B 253 -1.52 23.50 6.08
C VAL B 253 -1.99 24.21 7.35
N GLY B 254 -2.68 25.34 7.18
CA GLY B 254 -3.25 26.05 8.29
C GLY B 254 -4.28 25.20 9.03
N ALA B 255 -5.10 24.49 8.26
CA ALA B 255 -6.10 23.61 8.86
C ALA B 255 -5.45 22.43 9.58
N ALA B 256 -4.36 21.90 9.03
CA ALA B 256 -3.66 20.78 9.63
C ALA B 256 -3.14 21.15 11.01
N ARG B 257 -2.59 22.35 11.11
CA ARG B 257 -2.11 22.87 12.38
C ARG B 257 -3.23 22.94 13.41
N MET B 258 -4.40 23.44 12.98
CA MET B 258 -5.57 23.51 13.86
C MET B 258 -6.10 22.13 14.26
N ILE B 259 -6.11 21.20 13.32
CA ILE B 259 -6.57 19.84 13.59
C ILE B 259 -5.71 19.17 14.65
N SER B 260 -4.39 19.33 14.54
CA SER B 260 -3.46 18.78 15.53
C SER B 260 -3.67 19.45 16.88
N PHE B 261 -3.94 20.75 16.87
CA PHE B 261 -4.14 21.49 18.10
C PHE B 261 -5.41 21.05 18.81
N VAL B 262 -6.47 20.79 18.04
CA VAL B 262 -7.72 20.32 18.60
C VAL B 262 -7.50 18.97 19.29
N GLU B 263 -6.73 18.09 18.67
CA GLU B 263 -6.42 16.81 19.31
C GLU B 263 -5.65 17.02 20.61
N VAL B 264 -4.66 17.91 20.56
CA VAL B 264 -3.86 18.21 21.75
C VAL B 264 -4.74 18.80 22.85
N LEU B 265 -5.69 19.65 22.47
CA LEU B 265 -6.61 20.23 23.44
C LEU B 265 -7.41 19.17 24.17
N GLY B 266 -7.95 18.21 23.42
CA GLY B 266 -8.73 17.15 24.02
C GLY B 266 -7.92 16.34 25.00
N ARG B 267 -6.69 16.04 24.62
CA ARG B 267 -5.79 15.25 25.44
C ARG B 267 -5.36 15.99 26.70
N ARG B 268 -5.18 17.31 26.59
CA ARG B 268 -4.82 18.13 27.74
C ARG B 268 -5.90 18.13 28.81
N TYR B 269 -7.15 17.96 28.39
CA TYR B 269 -8.27 18.00 29.33
C TYR B 269 -8.88 16.62 29.55
N ALA B 270 -8.05 15.59 29.38
CA ALA B 270 -8.44 14.22 29.69
C ALA B 270 -8.73 14.09 31.19
N PRO B 271 -9.61 13.14 31.58
CA PRO B 271 -10.26 12.11 30.77
C PRO B 271 -11.57 12.51 30.11
N ASP B 272 -12.19 13.62 30.53
CA ASP B 272 -13.58 13.85 30.15
C ASP B 272 -13.80 14.71 28.91
N ALA B 273 -12.75 15.40 28.45
CA ALA B 273 -12.89 16.23 27.24
C ALA B 273 -13.03 15.39 25.98
N ARG B 274 -13.87 15.89 25.07
CA ARG B 274 -13.94 15.34 23.72
C ARG B 274 -13.64 16.50 22.75
N ALA B 275 -12.58 16.36 21.95
CA ALA B 275 -12.24 17.41 20.99
C ALA B 275 -11.99 16.80 19.62
N THR B 276 -12.74 17.26 18.63
CA THR B 276 -12.80 16.55 17.36
C THR B 276 -13.01 17.45 16.15
N VAL B 277 -12.19 17.23 15.13
CA VAL B 277 -12.47 17.76 13.80
C VAL B 277 -12.96 16.61 12.95
N GLY B 278 -14.27 16.55 12.70
CA GLY B 278 -14.83 15.43 11.96
C GLY B 278 -15.08 15.69 10.49
N MET B 279 -15.10 16.96 10.11
CA MET B 279 -15.43 17.34 8.74
C MET B 279 -14.44 18.36 8.20
N ILE B 280 -13.94 18.12 6.99
CA ILE B 280 -13.02 19.06 6.35
C ILE B 280 -13.29 19.12 4.85
N GLU B 281 -13.16 20.32 4.29
CA GLU B 281 -13.29 20.52 2.84
C GLU B 281 -12.22 21.49 2.38
N ALA B 282 -11.29 21.02 1.55
CA ALA B 282 -10.28 21.90 0.98
C ALA B 282 -10.69 22.35 -0.42
N ARG B 283 -10.21 23.51 -0.83
CA ARG B 283 -10.44 23.98 -2.19
C ARG B 283 -9.17 24.59 -2.77
N PRO B 284 -8.93 24.40 -4.08
CA PRO B 284 -9.78 23.65 -5.02
C PRO B 284 -9.71 22.13 -4.85
N ASN B 285 -8.85 21.66 -3.93
CA ASN B 285 -8.66 20.23 -3.67
C ASN B 285 -8.11 19.47 -4.88
N SER B 286 -7.25 20.14 -5.65
CA SER B 286 -6.56 19.48 -6.75
C SER B 286 -5.10 19.25 -6.36
N ARG B 287 -4.57 18.09 -6.71
CA ARG B 287 -3.29 17.64 -6.15
C ARG B 287 -2.09 18.48 -6.56
N ASN B 288 -2.20 19.22 -7.66
CA ASN B 288 -1.07 20.01 -8.14
C ASN B 288 -1.19 21.49 -7.81
N THR B 289 -2.08 21.82 -6.88
CA THR B 289 -2.29 23.22 -6.50
C THR B 289 -2.25 23.42 -4.99
N VAL B 290 -1.68 24.55 -4.57
CA VAL B 290 -1.73 24.94 -3.17
C VAL B 290 -3.17 25.33 -2.83
N PRO B 291 -3.75 24.67 -1.82
CA PRO B 291 -5.14 24.97 -1.44
C PRO B 291 -5.30 26.40 -0.92
N GLY B 292 -6.21 27.17 -1.52
CA GLY B 292 -6.40 28.54 -1.11
C GLY B 292 -7.57 28.73 -0.16
N GLY B 293 -8.31 27.65 0.08
CA GLY B 293 -9.39 27.68 1.05
C GLY B 293 -9.54 26.34 1.74
N CYS B 294 -9.96 26.37 3.00
CA CYS B 294 -10.24 25.14 3.71
C CYS B 294 -11.27 25.38 4.79
N PHE B 295 -12.33 24.57 4.77
CA PHE B 295 -13.39 24.62 5.76
C PHE B 295 -13.26 23.41 6.66
N PHE B 296 -13.45 23.58 7.96
CA PHE B 296 -13.54 22.42 8.84
C PHE B 296 -14.39 22.72 10.07
N THR B 297 -14.83 21.65 10.72
CA THR B 297 -15.68 21.77 11.88
C THR B 297 -14.91 21.43 13.13
N VAL B 298 -15.32 22.01 14.26
CA VAL B 298 -14.75 21.66 15.55
C VAL B 298 -15.90 21.41 16.52
N GLU B 299 -15.78 20.34 17.30
CA GLU B 299 -16.73 20.18 18.41
C GLU B 299 -16.00 19.84 19.70
N PHE B 300 -16.41 20.51 20.77
CA PHE B 300 -15.93 20.23 22.11
C PHE B 300 -17.07 19.65 22.93
N ARG B 301 -16.77 18.65 23.75
CA ARG B 301 -17.73 18.17 24.74
C ARG B 301 -17.03 18.00 26.08
N HIS B 302 -17.73 18.35 27.15
CA HIS B 302 -17.20 18.23 28.51
C HIS B 302 -18.35 18.39 29.51
N PRO B 303 -18.26 17.72 30.65
CA PRO B 303 -19.30 17.84 31.69
C PRO B 303 -19.24 19.15 32.50
N ASP B 304 -18.14 19.88 32.38
CA ASP B 304 -17.96 21.13 33.11
C ASP B 304 -18.00 22.30 32.13
N ASP B 305 -18.99 23.17 32.27
CA ASP B 305 -19.15 24.25 31.28
C ASP B 305 -18.04 25.28 31.40
N ALA B 306 -17.41 25.35 32.56
CA ALA B 306 -16.26 26.23 32.76
C ALA B 306 -15.06 25.74 31.96
N VAL B 307 -14.94 24.42 31.83
CA VAL B 307 -13.88 23.84 31.01
C VAL B 307 -14.18 24.09 29.54
N LEU B 308 -15.46 24.00 29.16
CA LEU B 308 -15.86 24.35 27.80
C LEU B 308 -15.51 25.82 27.50
N ASP B 309 -15.66 26.69 28.50
CA ASP B 309 -15.25 28.09 28.35
C ASP B 309 -13.76 28.21 28.04
N GLU B 310 -12.96 27.41 28.75
CA GLU B 310 -11.51 27.39 28.53
C GLU B 310 -11.15 26.85 27.14
N LEU B 311 -11.86 25.82 26.69
CA LEU B 311 -11.59 25.23 25.41
C LEU B 311 -11.93 26.20 24.29
N ASP B 312 -13.06 26.90 24.45
CA ASP B 312 -13.46 27.94 23.50
C ASP B 312 -12.40 29.04 23.36
N ALA B 313 -11.94 29.55 24.50
CA ALA B 313 -10.93 30.60 24.51
C ALA B 313 -9.63 30.12 23.87
N ALA B 314 -9.25 28.88 24.14
CA ALA B 314 -8.01 28.33 23.59
C ALA B 314 -8.09 28.15 22.08
N LEU B 315 -9.23 27.66 21.60
CA LEU B 315 -9.45 27.47 20.17
C LEU B 315 -9.35 28.79 19.42
N ARG B 316 -10.04 29.80 19.94
CA ARG B 316 -10.10 31.10 19.29
C ARG B 316 -8.74 31.80 19.31
N ALA B 317 -8.02 31.66 20.41
CA ALA B 317 -6.69 32.27 20.53
C ALA B 317 -5.71 31.61 19.56
N GLU B 318 -5.82 30.29 19.43
CA GLU B 318 -4.91 29.55 18.56
C GLU B 318 -5.20 29.86 17.10
N LEU B 319 -6.48 29.98 16.78
CA LEU B 319 -6.89 30.33 15.42
C LEU B 319 -6.35 31.70 15.06
N ALA B 320 -6.43 32.65 15.98
CA ALA B 320 -5.91 33.99 15.75
C ALA B 320 -4.40 33.97 15.54
N ARG B 321 -3.71 33.12 16.30
CA ARG B 321 -2.27 32.98 16.18
C ARG B 321 -1.87 32.36 14.85
N VAL B 322 -2.59 31.31 14.46
CA VAL B 322 -2.33 30.64 13.20
C VAL B 322 -2.51 31.59 12.03
N ALA B 323 -3.58 32.38 12.08
CA ALA B 323 -3.82 33.38 11.03
C ALA B 323 -2.73 34.43 10.99
N ASP B 324 -2.30 34.89 12.16
CA ASP B 324 -1.25 35.91 12.23
C ASP B 324 0.08 35.41 11.68
N GLU B 325 0.46 34.19 12.05
CA GLU B 325 1.76 33.66 11.69
C GLU B 325 1.82 33.19 10.24
N THR B 326 0.71 32.66 9.74
CA THR B 326 0.67 32.11 8.38
C THR B 326 0.26 33.16 7.33
N GLY B 327 -0.36 34.25 7.78
CA GLY B 327 -0.91 35.23 6.86
C GLY B 327 -2.24 34.80 6.26
N LEU B 328 -2.81 33.71 6.77
CA LEU B 328 -4.12 33.25 6.30
C LEU B 328 -5.24 34.09 6.90
N GLY B 329 -6.32 34.29 6.14
CA GLY B 329 -7.55 34.83 6.70
C GLY B 329 -8.26 33.74 7.49
N ALA B 330 -8.87 34.10 8.61
CA ALA B 330 -9.59 33.11 9.42
C ALA B 330 -10.96 33.61 9.83
N GLN B 331 -11.94 32.72 9.75
CA GLN B 331 -13.31 33.00 10.15
C GLN B 331 -13.81 31.84 11.02
N ILE B 332 -14.45 32.15 12.13
CA ILE B 332 -14.99 31.10 12.99
C ILE B 332 -16.36 31.48 13.50
N GLU B 333 -17.28 30.51 13.44
CA GLU B 333 -18.62 30.69 13.97
C GLU B 333 -18.98 29.56 14.91
N GLN B 334 -19.40 29.91 16.10
CA GLN B 334 -19.96 28.93 17.03
C GLN B 334 -21.41 28.73 16.63
N ILE B 335 -21.75 27.54 16.12
CA ILE B 335 -23.09 27.32 15.59
C ILE B 335 -24.02 26.59 16.55
N PHE B 336 -23.48 25.94 17.57
CA PHE B 336 -24.31 25.22 18.53
C PHE B 336 -23.72 25.28 19.93
N THR B 337 -24.60 25.53 20.91
CA THR B 337 -24.19 25.60 22.30
C THR B 337 -25.17 24.83 23.18
N TYR B 338 -24.65 23.98 24.04
CA TYR B 338 -25.47 23.12 24.90
C TYR B 338 -24.79 22.99 26.25
N ALA B 339 -25.49 23.40 27.32
CA ALA B 339 -24.93 23.32 28.67
C ALA B 339 -24.98 21.88 29.17
N PRO B 340 -23.97 21.48 29.95
CA PRO B 340 -23.97 20.12 30.50
C PRO B 340 -25.16 19.86 31.44
N VAL B 341 -25.46 18.58 31.64
CA VAL B 341 -26.59 18.19 32.48
C VAL B 341 -26.11 17.32 33.64
N PRO B 342 -25.88 17.94 34.80
CA PRO B 342 -25.51 17.11 35.95
C PRO B 342 -26.73 16.34 36.42
N PHE B 343 -26.56 15.09 36.82
CA PHE B 343 -27.69 14.37 37.40
C PHE B 343 -27.76 14.62 38.90
N ALA B 344 -28.84 14.20 39.53
CA ALA B 344 -29.09 14.50 40.93
C ALA B 344 -28.15 13.72 41.85
N PRO B 345 -27.51 14.42 42.80
CA PRO B 345 -26.58 13.79 43.74
C PRO B 345 -27.19 12.60 44.48
N ARG B 346 -28.44 12.73 44.92
CA ARG B 346 -29.12 11.65 45.64
C ARG B 346 -29.34 10.44 44.73
N CYS B 347 -29.60 10.69 43.45
CA CYS B 347 -29.80 9.60 42.50
C CYS B 347 -28.49 8.92 42.19
N ILE B 348 -27.47 9.73 41.87
CA ILE B 348 -26.12 9.25 41.64
C ILE B 348 -25.66 8.35 42.80
N ASP B 349 -25.78 8.86 44.02
CA ASP B 349 -25.39 8.11 45.21
C ASP B 349 -26.22 6.84 45.40
N THR B 350 -27.50 6.91 45.09
CA THR B 350 -28.36 5.74 45.22
C THR B 350 -27.92 4.64 44.26
N VAL B 351 -27.54 5.05 43.05
CA VAL B 351 -27.04 4.11 42.04
C VAL B 351 -25.71 3.49 42.48
N ARG B 352 -24.79 4.32 42.96
CA ARG B 352 -23.49 3.82 43.41
C ARG B 352 -23.66 2.87 44.61
N ASP B 353 -24.51 3.26 45.56
CA ASP B 353 -24.76 2.43 46.74
C ASP B 353 -25.35 1.08 46.35
N ALA B 354 -26.21 1.09 45.34
CA ALA B 354 -26.84 -0.14 44.87
C ALA B 354 -25.81 -1.10 44.29
N ALA B 355 -24.92 -0.58 43.45
CA ALA B 355 -23.86 -1.38 42.85
C ALA B 355 -22.95 -1.94 43.92
N ARG B 356 -22.61 -1.10 44.88
CA ARG B 356 -21.70 -1.50 45.96
C ARG B 356 -22.31 -2.60 46.84
N SER B 357 -23.60 -2.48 47.14
CA SER B 357 -24.23 -3.46 48.01
C SER B 357 -24.48 -4.78 47.27
N LEU B 358 -24.43 -4.73 45.94
CA LEU B 358 -24.57 -5.94 45.13
C LEU B 358 -23.20 -6.58 44.83
N GLY B 359 -22.14 -5.92 45.27
CA GLY B 359 -20.79 -6.42 45.00
C GLY B 359 -20.39 -6.31 43.54
N LEU B 360 -21.01 -5.39 42.81
CA LEU B 360 -20.69 -5.20 41.39
C LEU B 360 -19.58 -4.16 41.21
N SER B 361 -18.63 -4.46 40.33
CA SER B 361 -17.60 -3.47 39.98
C SER B 361 -18.28 -2.27 39.33
N HIS B 362 -17.77 -1.08 39.61
CA HIS B 362 -18.41 0.14 39.14
C HIS B 362 -17.42 1.29 39.06
N MET B 363 -17.82 2.33 38.33
CA MET B 363 -17.03 3.55 38.21
C MET B 363 -17.96 4.70 37.82
N ASP B 364 -17.57 5.91 38.21
CA ASP B 364 -18.25 7.11 37.75
C ASP B 364 -17.98 7.26 36.24
N ILE B 365 -18.98 7.69 35.50
CA ILE B 365 -18.84 7.86 34.07
C ILE B 365 -19.73 8.99 33.60
N VAL B 366 -19.30 9.66 32.52
CA VAL B 366 -20.08 10.72 31.91
C VAL B 366 -20.75 10.21 30.65
N SER B 367 -22.03 10.52 30.46
CA SER B 367 -22.73 10.11 29.24
C SER B 367 -22.25 10.92 28.04
N GLY B 368 -21.81 10.22 27.00
CA GLY B 368 -21.28 10.88 25.80
C GLY B 368 -22.35 11.11 24.75
N ALA B 369 -23.60 10.80 25.09
CA ALA B 369 -24.71 11.01 24.17
C ALA B 369 -25.95 11.43 24.93
N GLY B 370 -26.91 12.01 24.22
CA GLY B 370 -28.15 12.44 24.83
C GLY B 370 -29.08 11.29 25.15
N HIS B 371 -29.88 11.45 26.19
CA HIS B 371 -30.90 10.47 26.55
C HIS B 371 -32.13 11.22 27.05
N ASP B 372 -33.27 10.53 27.10
CA ASP B 372 -34.49 11.13 27.63
C ASP B 372 -34.26 11.67 29.03
N ALA B 373 -33.49 10.93 29.83
CA ALA B 373 -33.21 11.29 31.22
C ALA B 373 -32.56 12.67 31.36
N CYS B 374 -31.86 13.12 30.32
CA CYS B 374 -31.22 14.43 30.36
C CYS B 374 -32.26 15.54 30.47
N TYR B 375 -33.44 15.31 29.89
CA TYR B 375 -34.50 16.30 29.97
C TYR B 375 -35.33 16.13 31.25
N VAL B 376 -35.62 14.88 31.60
CA VAL B 376 -36.37 14.58 32.83
C VAL B 376 -35.71 15.20 34.06
N ALA B 377 -34.39 15.32 34.01
CA ALA B 377 -33.61 15.87 35.12
C ALA B 377 -33.99 17.32 35.46
N ARG B 378 -34.68 18.00 34.54
CA ARG B 378 -35.14 19.37 34.81
C ARG B 378 -36.36 19.42 35.73
N VAL B 379 -37.15 18.34 35.77
CA VAL B 379 -38.38 18.36 36.57
C VAL B 379 -38.39 17.34 37.69
N ALA B 380 -37.34 16.53 37.80
CA ALA B 380 -37.27 15.54 38.87
C ALA B 380 -35.83 15.14 39.16
N PRO B 381 -35.53 14.80 40.42
CA PRO B 381 -34.22 14.23 40.73
C PRO B 381 -34.02 12.98 39.89
N THR B 382 -32.97 12.99 39.06
CA THR B 382 -32.81 11.98 38.03
C THR B 382 -31.38 11.43 38.03
N GLY B 383 -31.24 10.14 37.73
CA GLY B 383 -29.93 9.51 37.59
C GLY B 383 -29.94 8.50 36.47
N MET B 384 -28.76 8.05 36.06
CA MET B 384 -28.67 7.01 35.05
C MET B 384 -27.74 5.88 35.49
N ILE B 385 -27.95 4.71 34.90
CA ILE B 385 -27.12 3.54 35.12
C ILE B 385 -26.64 3.03 33.76
N PHE B 386 -25.33 2.88 33.60
CA PHE B 386 -24.77 2.31 32.37
C PHE B 386 -24.30 0.88 32.56
N VAL B 387 -24.46 0.06 31.52
CA VAL B 387 -23.79 -1.22 31.43
C VAL B 387 -22.83 -1.15 30.24
N PRO B 388 -21.80 -2.00 30.21
CA PRO B 388 -20.87 -1.93 29.08
C PRO B 388 -21.52 -2.43 27.79
N CYS B 389 -20.83 -2.26 26.68
CA CYS B 389 -21.24 -2.92 25.45
C CYS B 389 -20.01 -3.16 24.60
N VAL B 390 -19.89 -4.36 24.04
CA VAL B 390 -18.74 -4.70 23.21
C VAL B 390 -18.85 -4.05 21.84
N LEU B 393 -19.90 0.39 21.11
CA LEU B 393 -20.53 0.09 19.82
C LEU B 393 -21.99 0.54 19.75
N SER B 394 -22.24 1.45 18.81
CA SER B 394 -23.52 2.13 18.60
C SER B 394 -23.19 3.26 17.62
N HIS B 395 -24.16 3.75 16.85
CA HIS B 395 -25.51 3.20 16.71
C HIS B 395 -25.47 2.08 15.67
N ASN B 396 -25.08 0.88 16.09
CA ASN B 396 -24.72 -0.18 15.17
C ASN B 396 -25.51 -1.46 15.39
N GLU B 397 -25.76 -2.18 14.29
CA GLU B 397 -26.55 -3.41 14.35
C GLU B 397 -25.86 -4.53 15.13
N ALA B 398 -24.54 -4.45 15.26
CA ALA B 398 -23.77 -5.46 15.98
C ALA B 398 -23.56 -5.10 17.44
N GLU B 399 -24.11 -3.96 17.85
CA GLU B 399 -24.08 -3.56 19.26
C GLU B 399 -24.63 -4.67 20.14
N ALA B 400 -23.90 -5.01 21.19
CA ALA B 400 -24.30 -6.14 22.03
C ALA B 400 -23.90 -5.96 23.49
N ILE B 401 -24.65 -6.63 24.37
CA ILE B 401 -24.28 -6.77 25.77
C ILE B 401 -24.31 -8.25 26.11
N THR B 402 -23.74 -8.62 27.25
CA THR B 402 -23.79 -10.01 27.69
C THR B 402 -24.98 -10.21 28.63
N PRO B 403 -25.46 -11.45 28.74
CA PRO B 403 -26.50 -11.73 29.74
C PRO B 403 -26.10 -11.24 31.14
N GLU B 404 -24.83 -11.41 31.49
CA GLU B 404 -24.35 -11.00 32.81
C GLU B 404 -24.43 -9.49 33.00
N TRP B 405 -24.09 -8.74 31.96
CA TRP B 405 -24.20 -7.28 32.03
C TRP B 405 -25.67 -6.84 32.12
N ALA B 406 -26.53 -7.48 31.34
CA ALA B 406 -27.94 -7.13 31.31
C ALA B 406 -28.56 -7.33 32.70
N THR B 407 -28.21 -8.44 33.32
CA THR B 407 -28.73 -8.78 34.65
C THR B 407 -28.23 -7.80 35.69
N ALA B 408 -26.93 -7.51 35.63
CA ALA B 408 -26.31 -6.61 36.59
C ALA B 408 -26.96 -5.23 36.56
N GLY B 409 -27.13 -4.67 35.37
CA GLY B 409 -27.77 -3.39 35.21
C GLY B 409 -29.17 -3.35 35.79
N ALA B 410 -29.94 -4.40 35.54
CA ALA B 410 -31.31 -4.46 36.03
C ALA B 410 -31.35 -4.71 37.54
N ASP B 411 -30.33 -5.38 38.07
CA ASP B 411 -30.25 -5.59 39.52
C ASP B 411 -29.98 -4.25 40.22
N VAL B 412 -29.09 -3.45 39.64
CA VAL B 412 -28.80 -2.13 40.18
C VAL B 412 -30.05 -1.23 40.07
N LEU B 413 -30.72 -1.29 38.93
CA LEU B 413 -31.95 -0.52 38.72
C LEU B 413 -33.00 -0.90 39.76
N LEU B 414 -33.17 -2.20 39.95
CA LEU B 414 -34.13 -2.70 40.95
C LEU B 414 -33.86 -2.13 42.34
N ARG B 415 -32.61 -2.21 42.79
CA ARG B 415 -32.28 -1.75 44.13
C ARG B 415 -32.45 -0.23 44.26
N ALA B 416 -32.07 0.51 43.22
CA ALA B 416 -32.19 1.97 43.25
C ALA B 416 -33.66 2.42 43.26
N VAL B 417 -34.47 1.83 42.39
CA VAL B 417 -35.87 2.18 42.30
C VAL B 417 -36.59 1.83 43.61
N LEU B 418 -36.26 0.66 44.15
CA LEU B 418 -36.86 0.22 45.41
C LEU B 418 -36.53 1.17 46.55
N GLN B 419 -35.26 1.53 46.70
CA GLN B 419 -34.87 2.46 47.75
C GLN B 419 -35.63 3.79 47.63
N SER B 420 -35.72 4.29 46.40
CA SER B 420 -36.38 5.56 46.15
C SER B 420 -37.88 5.49 46.42
N ALA B 421 -38.50 4.39 46.00
CA ALA B 421 -39.93 4.21 46.14
C ALA B 421 -40.37 3.94 47.59
N GLN B 422 -39.42 3.73 48.50
CA GLN B 422 -39.76 3.57 49.91
C GLN B 422 -39.51 4.85 50.71
N GLU B 423 -39.05 5.90 50.04
CA GLU B 423 -38.73 7.15 50.72
C GLU B 423 -39.97 7.96 51.08
N ALA B 424 -39.97 8.50 52.30
CA ALA B 424 -41.08 9.29 52.80
C ALA B 424 -41.29 10.58 52.01
N MET C 16 27.17 44.98 -32.19
CA MET C 16 26.19 43.96 -31.82
C MET C 16 24.78 44.52 -31.88
N PRO C 17 23.87 43.77 -32.53
CA PRO C 17 22.52 44.24 -32.84
C PRO C 17 21.61 44.35 -31.61
N ARG C 18 20.57 45.16 -31.73
CA ARG C 18 19.56 45.30 -30.68
C ARG C 18 18.17 45.15 -31.29
N VAL C 19 17.24 44.62 -30.52
CA VAL C 19 15.87 44.48 -31.02
C VAL C 19 15.15 45.82 -31.07
N ASP C 20 14.11 45.87 -31.89
CA ASP C 20 13.20 47.01 -31.91
C ASP C 20 12.04 46.69 -30.99
N GLY C 21 12.09 47.24 -29.78
CA GLY C 21 11.09 46.94 -28.76
C GLY C 21 9.68 47.35 -29.15
N ASP C 22 9.56 48.49 -29.81
CA ASP C 22 8.26 48.99 -30.24
C ASP C 22 7.68 48.10 -31.34
N ARG C 23 8.54 47.66 -32.25
CA ARG C 23 8.14 46.75 -33.31
C ARG C 23 7.69 45.41 -32.73
N LEU C 24 8.43 44.90 -31.77
CA LEU C 24 8.07 43.65 -31.09
C LEU C 24 6.72 43.79 -30.38
N TRP C 25 6.56 44.91 -29.68
CA TRP C 25 5.34 45.15 -28.91
C TRP C 25 4.13 45.24 -29.83
N ALA C 26 4.32 45.91 -30.97
CA ALA C 26 3.23 46.05 -31.95
C ALA C 26 2.78 44.69 -32.47
N SER C 27 3.74 43.78 -32.68
CA SER C 27 3.43 42.44 -33.16
C SER C 27 2.64 41.65 -32.10
N LEU C 28 2.99 41.85 -30.83
CA LEU C 28 2.28 41.19 -29.73
C LEU C 28 0.84 41.70 -29.60
N GLU C 29 0.67 43.00 -29.77
CA GLU C 29 -0.65 43.63 -29.69
C GLU C 29 -1.53 43.21 -30.86
N ARG C 30 -0.92 43.04 -32.03
CA ARG C 30 -1.64 42.61 -33.22
C ARG C 30 -2.07 41.15 -33.10
N MET C 31 -1.15 40.30 -32.64
CA MET C 31 -1.43 38.88 -32.55
C MET C 31 -2.47 38.58 -31.47
N ALA C 32 -2.51 39.42 -30.43
CA ALA C 32 -3.46 39.22 -29.33
C ALA C 32 -4.89 39.55 -29.74
N GLN C 33 -5.06 40.21 -30.88
CA GLN C 33 -6.38 40.48 -31.42
C GLN C 33 -7.06 39.20 -31.85
N ILE C 34 -6.26 38.22 -32.26
CA ILE C 34 -6.79 36.95 -32.74
C ILE C 34 -7.18 36.06 -31.56
N GLY C 35 -8.48 36.01 -31.28
CA GLY C 35 -8.99 35.22 -30.17
C GLY C 35 -9.13 36.04 -28.90
N ALA C 36 -9.09 37.36 -29.04
CA ALA C 36 -9.22 38.28 -27.90
C ALA C 36 -10.52 38.04 -27.13
N THR C 37 -10.41 38.03 -25.81
CA THR C 37 -11.56 37.83 -24.93
C THR C 37 -11.97 39.16 -24.30
N PRO C 38 -13.24 39.27 -23.87
CA PRO C 38 -13.71 40.51 -23.23
C PRO C 38 -12.87 40.91 -22.01
N LYS C 39 -12.34 39.92 -21.31
CA LYS C 39 -11.54 40.17 -20.11
C LYS C 39 -10.10 40.57 -20.45
N GLY C 40 -9.80 40.65 -21.75
CA GLY C 40 -8.50 41.13 -22.20
C GLY C 40 -7.46 40.06 -22.41
N GLY C 41 -7.90 38.81 -22.49
CA GLY C 41 -6.99 37.70 -22.69
C GLY C 41 -7.10 37.11 -24.08
N VAL C 42 -6.69 35.86 -24.22
CA VAL C 42 -6.71 35.19 -25.51
C VAL C 42 -7.25 33.77 -25.39
N CYS C 43 -8.32 33.49 -26.14
CA CYS C 43 -8.87 32.14 -26.21
C CYS C 43 -8.61 31.58 -27.61
N ARG C 44 -7.46 30.93 -27.78
CA ARG C 44 -7.01 30.48 -29.09
C ARG C 44 -6.56 29.02 -29.01
N LEU C 45 -7.53 28.12 -29.01
CA LEU C 45 -7.23 26.70 -28.80
C LEU C 45 -6.55 26.10 -30.01
N ALA C 46 -5.78 25.04 -29.78
CA ALA C 46 -4.98 24.41 -30.82
C ALA C 46 -5.81 23.93 -32.00
N LEU C 47 -5.36 24.31 -33.20
CA LEU C 47 -5.90 23.83 -34.48
C LEU C 47 -7.32 24.30 -34.75
N THR C 48 -7.77 25.32 -34.02
CA THR C 48 -9.00 26.03 -34.35
C THR C 48 -8.74 26.98 -35.51
N ASP C 49 -9.80 27.59 -36.03
CA ASP C 49 -9.64 28.58 -37.10
C ASP C 49 -8.83 29.78 -36.61
N LEU C 50 -9.01 30.11 -35.34
CA LEU C 50 -8.27 31.21 -34.73
C LEU C 50 -6.77 30.87 -34.64
N ASP C 51 -6.48 29.61 -34.35
CA ASP C 51 -5.09 29.15 -34.34
C ASP C 51 -4.52 29.25 -35.76
N ARG C 52 -5.31 28.85 -36.75
CA ARG C 52 -4.91 28.94 -38.15
C ARG C 52 -4.60 30.39 -38.54
N GLU C 53 -5.45 31.31 -38.09
CA GLU C 53 -5.26 32.71 -38.44
C GLU C 53 -3.94 33.22 -37.86
N SER C 54 -3.63 32.76 -36.65
CA SER C 54 -2.38 33.12 -35.99
C SER C 54 -1.18 32.54 -36.73
N ARG C 55 -1.29 31.26 -37.08
CA ARG C 55 -0.26 30.58 -37.87
C ARG C 55 -0.04 31.26 -39.23
N ASP C 56 -1.13 31.61 -39.90
CA ASP C 56 -1.02 32.22 -41.23
C ASP C 56 -0.33 33.57 -41.16
N LEU C 57 -0.64 34.33 -40.12
CA LEU C 57 -0.04 35.64 -39.92
C LEU C 57 1.46 35.52 -39.63
N PHE C 58 1.82 34.53 -38.82
CA PHE C 58 3.24 34.27 -38.58
C PHE C 58 3.96 33.91 -39.88
N VAL C 59 3.37 33.03 -40.67
CA VAL C 59 4.00 32.58 -41.89
C VAL C 59 4.17 33.75 -42.87
N GLN C 60 3.15 34.60 -42.96
N GLN C 60 3.14 34.59 -42.96
CA GLN C 60 3.21 35.78 -43.81
CA GLN C 60 3.19 35.78 -43.79
C GLN C 60 4.34 36.71 -43.38
C GLN C 60 4.34 36.71 -43.37
N TRP C 61 4.39 37.02 -42.08
CA TRP C 61 5.43 37.89 -41.52
C TRP C 61 6.83 37.32 -41.74
N ALA C 62 6.95 36.01 -41.56
CA ALA C 62 8.23 35.32 -41.71
C ALA C 62 8.74 35.38 -43.15
N ARG C 63 7.86 35.10 -44.11
CA ARG C 63 8.22 35.19 -45.53
C ARG C 63 8.60 36.62 -45.90
N GLU C 64 7.86 37.59 -45.37
CA GLU C 64 8.17 39.00 -45.61
C GLU C 64 9.54 39.38 -45.04
N ALA C 65 10.01 38.59 -44.08
CA ALA C 65 11.32 38.80 -43.48
C ALA C 65 12.38 37.91 -44.13
N GLY C 66 12.02 37.33 -45.26
CA GLY C 66 12.98 36.60 -46.08
C GLY C 66 13.17 35.15 -45.71
N CYS C 67 12.36 34.65 -44.78
CA CYS C 67 12.52 33.27 -44.33
C CYS C 67 11.89 32.28 -45.29
N THR C 68 12.47 31.07 -45.33
CA THR C 68 11.84 29.95 -46.00
C THR C 68 11.04 29.15 -44.98
N VAL C 69 9.73 29.10 -45.16
CA VAL C 69 8.86 28.42 -44.20
C VAL C 69 8.62 26.97 -44.62
N ARG C 70 8.67 26.07 -43.65
CA ARG C 70 8.32 24.67 -43.87
C ARG C 70 7.41 24.19 -42.75
N VAL C 71 6.59 23.19 -43.03
CA VAL C 71 5.66 22.65 -42.04
C VAL C 71 5.83 21.12 -41.98
N ASP C 72 5.89 20.56 -40.78
CA ASP C 72 6.06 19.10 -40.69
C ASP C 72 4.72 18.40 -40.50
N ARG C 73 4.76 17.09 -40.36
CA ARG C 73 3.55 16.27 -40.35
C ARG C 73 2.72 16.49 -39.09
N MET C 74 3.31 17.11 -38.07
CA MET C 74 2.56 17.44 -36.85
C MET C 74 2.12 18.90 -36.86
N GLY C 75 2.32 19.57 -37.98
CA GLY C 75 1.90 20.95 -38.14
C GLY C 75 2.86 21.97 -37.53
N ASN C 76 4.01 21.51 -37.07
CA ASN C 76 5.01 22.43 -36.55
C ASN C 76 5.48 23.34 -37.68
N VAL C 77 5.55 24.63 -37.41
CA VAL C 77 5.93 25.59 -38.44
C VAL C 77 7.35 26.08 -38.17
N PHE C 78 8.22 25.96 -39.18
CA PHE C 78 9.59 26.41 -39.05
C PHE C 78 9.88 27.48 -40.12
N ALA C 79 10.30 28.66 -39.67
CA ALA C 79 10.72 29.72 -40.57
C ALA C 79 12.23 29.83 -40.54
N ARG C 80 12.88 29.53 -41.66
CA ARG C 80 14.33 29.49 -41.68
C ARG C 80 14.97 30.74 -42.28
N ARG C 81 15.79 31.41 -41.47
CA ARG C 81 16.66 32.46 -41.96
C ARG C 81 17.97 31.80 -42.38
N ALA C 82 18.36 31.98 -43.64
CA ALA C 82 19.50 31.25 -44.20
C ALA C 82 20.82 31.54 -43.48
N GLY C 83 21.67 30.52 -43.41
CA GLY C 83 23.03 30.67 -42.93
C GLY C 83 24.01 30.49 -44.08
N ARG C 84 25.27 30.86 -43.86
CA ARG C 84 26.28 30.72 -44.91
C ARG C 84 26.50 29.24 -45.24
N ARG C 85 26.29 28.38 -44.27
CA ARG C 85 26.36 26.94 -44.47
C ARG C 85 24.97 26.31 -44.35
N PRO C 86 24.31 26.08 -45.49
CA PRO C 86 22.92 25.65 -45.50
C PRO C 86 22.70 24.25 -44.92
N ASP C 87 23.74 23.41 -44.94
CA ASP C 87 23.60 22.05 -44.46
C ASP C 87 23.97 21.91 -42.98
N ALA C 88 24.50 22.97 -42.39
CA ALA C 88 24.87 22.96 -40.97
C ALA C 88 23.64 22.85 -40.08
N ALA C 89 23.79 22.19 -38.94
CA ALA C 89 22.72 22.10 -37.95
C ALA C 89 22.33 23.49 -37.49
N PRO C 90 21.01 23.78 -37.45
CA PRO C 90 20.52 25.13 -37.17
C PRO C 90 20.45 25.48 -35.69
N VAL C 91 20.36 26.78 -35.44
CA VAL C 91 19.93 27.29 -34.15
C VAL C 91 18.44 27.48 -34.23
N MET C 92 17.70 26.87 -33.31
CA MET C 92 16.25 26.98 -33.33
C MET C 92 15.75 27.79 -32.14
N THR C 93 14.73 28.60 -32.37
CA THR C 93 14.10 29.30 -31.27
C THR C 93 12.62 29.42 -31.57
N GLY C 94 11.79 29.33 -30.54
CA GLY C 94 10.37 29.49 -30.75
C GLY C 94 9.59 28.96 -29.58
N SER C 95 8.28 28.87 -29.74
CA SER C 95 7.41 28.47 -28.64
C SER C 95 6.09 28.00 -29.24
N HIS C 96 4.99 28.29 -28.55
CA HIS C 96 3.68 27.91 -29.06
C HIS C 96 2.77 29.11 -29.28
N ALA C 97 1.81 28.98 -30.18
CA ALA C 97 0.86 30.07 -30.42
C ALA C 97 -0.48 29.81 -29.72
N ASP C 98 -0.82 28.53 -29.57
CA ASP C 98 -2.10 28.16 -28.99
C ASP C 98 -2.16 28.53 -27.52
N SER C 99 -3.37 28.60 -26.97
CA SER C 99 -3.56 29.07 -25.59
C SER C 99 -4.54 28.21 -24.81
N GLN C 100 -4.64 28.49 -23.52
CA GLN C 100 -5.68 27.91 -22.67
C GLN C 100 -6.99 28.65 -22.94
N PRO C 101 -8.13 28.03 -22.58
CA PRO C 101 -9.43 28.69 -22.71
C PRO C 101 -9.47 30.09 -22.09
N THR C 102 -8.74 30.28 -20.99
CA THR C 102 -8.59 31.59 -20.39
C THR C 102 -7.12 31.99 -20.41
N GLY C 103 -6.54 32.01 -21.60
CA GLY C 103 -5.12 32.29 -21.74
C GLY C 103 -4.79 33.77 -21.69
N GLY C 104 -3.54 34.07 -21.41
CA GLY C 104 -3.06 35.44 -21.43
C GLY C 104 -2.54 35.81 -22.81
N ARG C 105 -2.13 37.07 -22.96
CA ARG C 105 -1.64 37.55 -24.25
C ARG C 105 -0.17 37.18 -24.49
N TYR C 106 0.41 36.37 -23.61
CA TYR C 106 1.85 36.13 -23.67
C TYR C 106 2.41 34.68 -23.49
N ASP C 107 1.67 33.75 -22.85
CA ASP C 107 2.13 32.32 -22.78
C ASP C 107 2.33 31.89 -24.23
N GLY C 108 3.54 31.46 -24.54
CA GLY C 108 3.85 30.96 -25.85
C GLY C 108 4.14 31.99 -26.92
N ILE C 109 3.15 32.83 -27.23
CA ILE C 109 3.26 33.69 -28.41
C ILE C 109 4.42 34.67 -28.29
N TYR C 110 4.76 35.03 -27.05
CA TYR C 110 5.89 35.92 -26.81
C TYR C 110 7.20 35.32 -27.32
N GLY C 111 7.39 34.02 -27.09
CA GLY C 111 8.60 33.34 -27.52
C GLY C 111 8.64 33.18 -29.03
N VAL C 112 7.48 33.01 -29.62
CA VAL C 112 7.37 32.93 -31.07
C VAL C 112 7.72 34.27 -31.72
N LEU C 113 7.11 35.33 -31.21
CA LEU C 113 7.29 36.66 -31.79
C LEU C 113 8.66 37.23 -31.43
N GLY C 114 9.21 36.75 -30.32
CA GLY C 114 10.58 37.06 -29.97
C GLY C 114 11.52 36.55 -31.06
N GLY C 115 11.29 35.32 -31.49
CA GLY C 115 12.11 34.71 -32.53
C GLY C 115 11.96 35.45 -33.84
N LEU C 116 10.73 35.88 -34.14
CA LEU C 116 10.49 36.67 -35.33
C LEU C 116 11.26 37.99 -35.25
N GLU C 117 11.25 38.62 -34.08
CA GLU C 117 11.97 39.88 -33.89
C GLU C 117 13.47 39.70 -34.03
N VAL C 118 13.98 38.55 -33.60
CA VAL C 118 15.40 38.22 -33.80
C VAL C 118 15.75 38.21 -35.28
N VAL C 119 14.92 37.56 -36.09
CA VAL C 119 15.15 37.53 -37.54
C VAL C 119 15.12 38.95 -38.12
N ARG C 120 14.18 39.77 -37.67
CA ARG C 120 14.07 41.14 -38.15
C ARG C 120 15.26 41.99 -37.73
N ALA C 121 15.72 41.80 -36.50
CA ALA C 121 16.86 42.53 -35.98
C ALA C 121 18.14 42.18 -36.74
N LEU C 122 18.31 40.89 -37.03
CA LEU C 122 19.45 40.44 -37.83
C LEU C 122 19.38 41.03 -39.23
N ASN C 123 18.18 41.08 -39.79
CA ASN C 123 17.97 41.67 -41.10
C ASN C 123 18.28 43.16 -41.10
N ASP C 124 17.87 43.86 -40.05
CA ASP C 124 18.11 45.30 -39.93
C ASP C 124 19.61 45.62 -39.91
N ALA C 125 20.38 44.74 -39.27
CA ALA C 125 21.82 44.97 -39.16
C ALA C 125 22.59 44.32 -40.30
N ALA C 126 21.87 43.76 -41.27
CA ALA C 126 22.46 43.02 -42.39
C ALA C 126 23.49 41.99 -41.91
N ILE C 127 23.13 41.24 -40.89
CA ILE C 127 24.05 40.26 -40.33
C ILE C 127 23.89 38.90 -41.00
N GLU C 128 25.01 38.32 -41.40
CA GLU C 128 25.03 36.97 -41.92
C GLU C 128 25.55 35.98 -40.86
N THR C 129 24.80 34.90 -40.64
CA THR C 129 25.19 33.89 -39.68
C THR C 129 25.77 32.66 -40.36
N GLU C 130 26.67 31.97 -39.66
N GLU C 130 26.66 31.96 -39.66
CA GLU C 130 27.26 30.73 -40.16
CA GLU C 130 27.24 30.74 -40.19
C GLU C 130 26.16 29.69 -40.34
C GLU C 130 26.20 29.64 -40.33
N ARG C 131 25.41 29.46 -39.27
CA ARG C 131 24.34 28.47 -39.27
C ARG C 131 22.99 29.12 -39.57
N PRO C 132 22.08 28.37 -40.21
CA PRO C 132 20.71 28.86 -40.39
C PRO C 132 19.97 28.98 -39.05
N VAL C 133 18.94 29.83 -39.03
CA VAL C 133 18.16 30.04 -37.83
C VAL C 133 16.70 29.69 -38.07
N ASP C 134 16.20 28.70 -37.33
CA ASP C 134 14.80 28.30 -37.42
C ASP C 134 13.97 28.96 -36.32
N VAL C 135 12.88 29.62 -36.72
CA VAL C 135 11.89 30.09 -35.75
C VAL C 135 10.70 29.14 -35.79
N VAL C 136 10.35 28.55 -34.65
CA VAL C 136 9.39 27.46 -34.64
C VAL C 136 8.10 27.78 -33.86
N ILE C 137 6.97 27.32 -34.39
CA ILE C 137 5.74 27.23 -33.63
C ILE C 137 5.44 25.75 -33.42
N TRP C 138 5.41 25.34 -32.16
CA TRP C 138 5.04 23.98 -31.82
C TRP C 138 3.52 23.84 -31.74
N THR C 139 3.00 22.80 -32.38
CA THR C 139 1.58 22.49 -32.34
C THR C 139 1.11 22.04 -30.94
N ASN C 140 -0.02 22.60 -30.49
CA ASN C 140 -0.72 22.16 -29.27
C ASN C 140 0.16 21.97 -28.04
N GLU C 141 0.86 23.02 -27.61
CA GLU C 141 1.64 22.90 -26.39
C GLU C 141 0.75 22.78 -25.14
N GLU C 142 -0.31 23.58 -25.07
CA GLU C 142 -1.05 23.72 -23.81
C GLU C 142 -1.85 22.45 -23.49
N GLY C 143 -2.13 21.64 -24.50
CA GLY C 143 -2.77 20.36 -24.30
C GLY C 143 -4.17 20.42 -23.72
N SER C 144 -4.95 21.41 -24.17
CA SER C 144 -6.29 21.62 -23.64
C SER C 144 -7.36 20.99 -24.53
N ARG C 145 -7.29 21.28 -25.83
CA ARG C 145 -8.26 20.72 -26.76
C ARG C 145 -7.96 19.26 -27.03
N PHE C 146 -6.67 18.95 -27.19
CA PHE C 146 -6.19 17.58 -27.29
C PHE C 146 -5.19 17.33 -26.17
N ALA C 147 -5.24 16.14 -25.58
CA ALA C 147 -4.23 15.75 -24.60
C ALA C 147 -3.24 14.80 -25.27
N PRO C 148 -1.98 14.79 -24.82
CA PRO C 148 -1.41 15.55 -23.71
C PRO C 148 -0.78 16.87 -24.12
N ALA C 149 -0.27 17.61 -23.15
CA ALA C 149 0.45 18.85 -23.40
C ALA C 149 1.78 18.57 -24.12
N MET C 150 2.31 19.59 -24.80
CA MET C 150 3.63 19.49 -25.44
C MET C 150 3.76 18.27 -26.36
N VAL C 151 2.65 17.84 -26.95
CA VAL C 151 2.65 16.58 -27.71
C VAL C 151 3.50 16.65 -28.97
N SER C 152 3.51 17.81 -29.63
CA SER C 152 4.18 17.94 -30.91
C SER C 152 5.69 18.08 -30.75
N ALA C 153 6.11 18.88 -29.78
CA ALA C 153 7.53 18.93 -29.44
C ALA C 153 7.94 17.56 -28.92
N GLY C 154 6.98 16.86 -28.34
CA GLY C 154 7.19 15.49 -27.89
C GLY C 154 7.52 14.56 -29.05
N VAL C 155 6.74 14.64 -30.13
CA VAL C 155 7.01 13.82 -31.32
C VAL C 155 8.38 14.17 -31.92
N PHE C 156 8.64 15.47 -32.06
CA PHE C 156 9.91 15.99 -32.57
C PHE C 156 11.09 15.42 -31.79
N SER C 157 10.92 15.29 -30.47
CA SER C 157 12.02 14.92 -29.58
C SER C 157 12.03 13.43 -29.22
N GLY C 158 11.10 12.67 -29.80
CA GLY C 158 11.07 11.23 -29.58
C GLY C 158 10.31 10.79 -28.34
N VAL C 159 9.63 11.71 -27.66
CA VAL C 159 8.85 11.34 -26.48
C VAL C 159 7.65 10.51 -26.93
N TYR C 160 7.03 10.90 -28.03
CA TYR C 160 5.88 10.19 -28.59
C TYR C 160 6.14 9.82 -30.04
N THR C 161 5.42 8.83 -30.55
CA THR C 161 5.52 8.51 -31.97
C THR C 161 4.61 9.44 -32.76
N LEU C 162 4.85 9.53 -34.06
CA LEU C 162 4.02 10.32 -34.95
C LEU C 162 2.57 9.83 -34.94
N GLU C 163 2.41 8.52 -34.98
CA GLU C 163 1.08 7.88 -34.92
C GLU C 163 0.31 8.36 -33.70
N TYR C 164 0.97 8.30 -32.54
CA TYR C 164 0.35 8.73 -31.30
C TYR C 164 -0.03 10.21 -31.37
N GLY C 165 0.88 11.02 -31.92
CA GLY C 165 0.67 12.46 -32.01
C GLY C 165 -0.53 12.81 -32.85
N LEU C 166 -0.67 12.15 -34.00
CA LEU C 166 -1.74 12.46 -34.93
C LEU C 166 -3.12 11.94 -34.47
N SER C 167 -3.12 10.91 -33.65
CA SER C 167 -4.36 10.24 -33.27
C SER C 167 -5.03 10.86 -32.04
N ARG C 168 -4.42 11.90 -31.48
CA ARG C 168 -5.01 12.56 -30.32
C ARG C 168 -6.31 13.26 -30.71
N THR C 169 -7.38 12.97 -29.96
CA THR C 169 -8.72 13.45 -30.30
C THR C 169 -9.23 14.51 -29.34
N ASP C 170 -10.12 15.37 -29.82
CA ASP C 170 -10.76 16.36 -28.95
C ASP C 170 -12.12 15.86 -28.50
N GLY C 171 -12.86 16.73 -27.81
CA GLY C 171 -14.18 16.37 -27.30
C GLY C 171 -15.19 16.06 -28.37
N ALA C 172 -14.90 16.47 -29.61
CA ALA C 172 -15.82 16.24 -30.72
C ALA C 172 -15.39 15.04 -31.57
N GLY C 173 -14.37 14.32 -31.10
CA GLY C 173 -13.92 13.11 -31.76
C GLY C 173 -12.97 13.33 -32.93
N ARG C 174 -12.65 14.59 -33.20
CA ARG C 174 -11.73 14.96 -34.26
C ARG C 174 -10.28 14.80 -33.81
N THR C 175 -9.45 14.21 -34.66
CA THR C 175 -8.04 13.99 -34.31
C THR C 175 -7.17 15.17 -34.71
N ILE C 176 -5.91 15.15 -34.28
CA ILE C 176 -4.98 16.21 -34.62
C ILE C 176 -4.69 16.21 -36.12
N GLY C 177 -4.48 15.02 -36.67
CA GLY C 177 -4.21 14.86 -38.09
C GLY C 177 -5.34 15.33 -38.98
N GLU C 178 -6.58 15.09 -38.55
CA GLU C 178 -7.74 15.55 -39.29
C GLU C 178 -7.85 17.07 -39.22
N GLU C 179 -7.59 17.64 -38.05
CA GLU C 179 -7.65 19.09 -37.88
C GLU C 179 -6.50 19.78 -38.62
N LEU C 180 -5.33 19.14 -38.66
CA LEU C 180 -4.20 19.67 -39.42
C LEU C 180 -4.56 19.78 -40.91
N GLU C 181 -5.17 18.74 -41.45
CA GLU C 181 -5.60 18.75 -42.84
C GLU C 181 -6.70 19.79 -43.07
N ARG C 182 -7.53 20.03 -42.05
CA ARG C 182 -8.63 20.97 -42.18
C ARG C 182 -8.16 22.41 -42.30
N ILE C 183 -7.13 22.78 -41.52
CA ILE C 183 -6.65 24.15 -41.51
C ILE C 183 -5.44 24.34 -42.43
N GLY C 184 -5.05 23.27 -43.11
CA GLY C 184 -3.97 23.35 -44.09
C GLY C 184 -2.56 23.30 -43.51
N TYR C 185 -2.41 22.69 -42.35
CA TYR C 185 -1.08 22.57 -41.77
C TYR C 185 -0.66 21.11 -41.59
N ALA C 186 -1.15 20.26 -42.50
CA ALA C 186 -0.66 18.89 -42.60
C ALA C 186 0.57 18.87 -43.50
N GLY C 187 1.71 19.27 -42.94
CA GLY C 187 2.93 19.42 -43.70
C GLY C 187 3.56 18.12 -44.15
N ALA C 188 4.55 18.22 -45.04
CA ALA C 188 5.19 17.05 -45.61
C ALA C 188 6.48 16.69 -44.88
N GLU C 189 7.05 17.65 -44.16
CA GLU C 189 8.34 17.45 -43.51
C GLU C 189 8.28 16.41 -42.39
N PRO C 190 9.33 15.60 -42.28
CA PRO C 190 9.49 14.71 -41.12
C PRO C 190 9.47 15.50 -39.82
N VAL C 191 8.88 14.93 -38.77
CA VAL C 191 8.86 15.61 -37.48
C VAL C 191 10.14 15.26 -36.71
N GLY C 192 11.04 16.23 -36.59
CA GLY C 192 12.32 16.00 -35.95
C GLY C 192 13.18 15.03 -36.74
N GLY C 193 14.13 14.39 -36.04
CA GLY C 193 14.99 13.40 -36.66
C GLY C 193 16.21 13.98 -37.35
N TYR C 194 16.44 15.29 -37.18
CA TYR C 194 17.60 15.94 -37.79
C TYR C 194 18.35 16.72 -36.72
N PRO C 195 19.68 16.86 -36.88
CA PRO C 195 20.47 17.56 -35.86
C PRO C 195 20.12 19.04 -35.72
N VAL C 196 20.01 19.49 -34.48
CA VAL C 196 19.86 20.90 -34.15
C VAL C 196 21.06 21.33 -33.31
N HIS C 197 21.74 22.39 -33.73
CA HIS C 197 22.95 22.84 -33.04
C HIS C 197 22.65 23.35 -31.63
N ALA C 198 21.61 24.16 -31.51
CA ALA C 198 21.17 24.67 -30.23
C ALA C 198 19.75 25.20 -30.34
N ALA C 199 19.01 25.12 -29.23
CA ALA C 199 17.63 25.61 -29.18
C ALA C 199 17.42 26.52 -27.98
N TYR C 200 16.66 27.59 -28.17
CA TYR C 200 16.36 28.50 -27.07
C TYR C 200 14.88 28.83 -27.07
N GLU C 201 14.24 28.78 -25.90
CA GLU C 201 12.87 29.23 -25.80
C GLU C 201 12.73 30.40 -24.82
N LEU C 202 12.19 31.50 -25.33
CA LEU C 202 11.84 32.64 -24.50
C LEU C 202 10.40 32.46 -24.00
N HIS C 203 10.18 32.70 -22.72
CA HIS C 203 8.86 32.46 -22.13
C HIS C 203 8.68 33.29 -20.85
N ILE C 204 7.46 33.74 -20.58
CA ILE C 204 7.22 34.41 -19.32
C ILE C 204 7.35 33.38 -18.19
N GLU C 205 7.76 33.83 -17.00
CA GLU C 205 8.05 32.91 -15.90
C GLU C 205 6.88 32.03 -15.46
N GLN C 206 5.66 32.57 -15.55
CA GLN C 206 4.45 31.93 -15.00
C GLN C 206 4.49 31.87 -13.48
N GLY C 207 5.22 32.80 -12.87
CA GLY C 207 5.36 32.85 -11.43
C GLY C 207 5.86 34.22 -11.00
N ALA C 208 6.11 34.37 -9.70
CA ALA C 208 6.40 35.69 -9.14
C ALA C 208 7.84 35.86 -8.67
N ILE C 209 8.69 34.88 -8.98
CA ILE C 209 10.08 34.91 -8.48
C ILE C 209 10.86 36.10 -9.02
N LEU C 210 10.87 36.27 -10.34
CA LEU C 210 11.60 37.37 -10.95
C LEU C 210 11.03 38.72 -10.53
N GLU C 211 9.71 38.82 -10.52
CA GLU C 211 9.04 40.07 -10.19
C GLU C 211 9.35 40.54 -8.77
N ARG C 212 9.31 39.61 -7.81
CA ARG C 212 9.56 39.96 -6.42
C ARG C 212 11.05 40.16 -6.14
N ALA C 213 11.91 39.51 -6.93
CA ALA C 213 13.34 39.69 -6.77
C ALA C 213 13.85 40.95 -7.47
N GLY C 214 13.00 41.54 -8.30
CA GLY C 214 13.39 42.73 -9.03
C GLY C 214 14.42 42.44 -10.10
N LYS C 215 14.42 41.21 -10.60
CA LYS C 215 15.33 40.81 -11.68
C LYS C 215 14.57 40.70 -12.98
N THR C 216 15.16 41.21 -14.05
CA THR C 216 14.50 41.24 -15.35
C THR C 216 14.57 39.91 -16.08
N ILE C 217 15.72 39.26 -16.02
CA ILE C 217 15.95 38.05 -16.81
C ILE C 217 16.16 36.82 -15.96
N GLY C 218 15.39 35.77 -16.25
CA GLY C 218 15.60 34.49 -15.63
C GLY C 218 16.46 33.59 -16.50
N VAL C 219 17.62 33.23 -15.98
CA VAL C 219 18.49 32.28 -16.66
C VAL C 219 18.08 30.86 -16.25
N VAL C 220 17.28 30.21 -17.09
CA VAL C 220 16.69 28.93 -16.70
C VAL C 220 17.72 27.81 -16.73
N THR C 221 17.97 27.21 -15.57
CA THR C 221 18.99 26.18 -15.45
C THR C 221 18.42 24.78 -15.67
N ALA C 222 17.13 24.62 -15.39
CA ALA C 222 16.52 23.29 -15.43
C ALA C 222 15.01 23.35 -15.37
N GLY C 223 14.37 22.27 -15.81
CA GLY C 223 12.96 22.03 -15.54
C GLY C 223 12.88 21.09 -14.35
N GLN C 224 11.90 21.30 -13.49
CA GLN C 224 11.76 20.50 -12.25
C GLN C 224 11.50 19.02 -12.51
N GLY C 225 12.15 18.16 -11.73
CA GLY C 225 11.71 16.78 -11.63
C GLY C 225 10.50 16.74 -10.71
N GLN C 226 9.68 15.69 -10.82
CA GLN C 226 8.49 15.56 -9.98
C GLN C 226 8.32 14.14 -9.44
N ARG C 227 7.76 14.03 -8.24
CA ARG C 227 7.30 12.75 -7.69
C ARG C 227 5.92 12.94 -7.05
N TRP C 228 4.93 12.18 -7.52
CA TRP C 228 3.56 12.29 -6.99
C TRP C 228 3.20 11.05 -6.20
N TYR C 229 2.45 11.23 -5.12
CA TYR C 229 2.04 10.12 -4.27
C TYR C 229 0.55 10.18 -3.93
N GLU C 230 -0.01 9.02 -3.61
CA GLU C 230 -1.32 8.92 -2.98
C GLU C 230 -1.16 8.16 -1.68
N VAL C 231 -1.72 8.72 -0.61
CA VAL C 231 -1.63 8.12 0.72
C VAL C 231 -3.03 7.86 1.26
N THR C 232 -3.22 6.67 1.81
CA THR C 232 -4.48 6.37 2.49
C THR C 232 -4.22 5.96 3.93
N LEU C 233 -4.84 6.68 4.85
CA LEU C 233 -4.78 6.35 6.26
C LEU C 233 -6.07 5.69 6.69
N THR C 234 -5.94 4.60 7.43
CA THR C 234 -7.10 3.87 7.91
C THR C 234 -7.14 3.85 9.43
N GLY C 235 -8.23 4.34 9.98
CA GLY C 235 -8.42 4.32 11.42
C GLY C 235 -9.72 3.64 11.79
N VAL C 236 -10.39 4.17 12.80
CA VAL C 236 -11.66 3.61 13.26
C VAL C 236 -12.73 4.69 13.36
N ASP C 237 -13.80 4.53 12.59
CA ASP C 237 -14.98 5.37 12.73
C ASP C 237 -15.50 5.27 14.16
N ALA C 238 -15.78 6.41 14.79
CA ALA C 238 -16.30 6.41 16.14
C ALA C 238 -17.11 7.67 16.42
N HIS C 239 -18.14 7.54 17.25
CA HIS C 239 -18.91 8.67 17.72
C HIS C 239 -18.03 9.54 18.61
N ALA C 240 -17.94 10.83 18.32
CA ALA C 240 -17.00 11.71 19.02
C ALA C 240 -17.29 11.80 20.51
N GLY C 241 -18.55 11.98 20.86
CA GLY C 241 -18.94 12.22 22.25
C GLY C 241 -18.68 11.04 23.17
N THR C 242 -18.87 9.83 22.68
CA THR C 242 -18.74 8.65 23.52
C THR C 242 -17.35 8.03 23.49
N THR C 243 -16.45 8.60 22.70
CA THR C 243 -15.12 8.01 22.51
C THR C 243 -14.01 8.91 23.08
N PRO C 244 -13.48 8.54 24.26
CA PRO C 244 -12.35 9.25 24.89
C PRO C 244 -11.16 9.34 23.96
N MET C 245 -10.32 10.37 24.15
CA MET C 245 -9.21 10.61 23.23
C MET C 245 -8.27 9.41 23.15
N ALA C 246 -8.02 8.76 24.28
CA ALA C 246 -7.08 7.65 24.34
C ALA C 246 -7.51 6.41 23.52
N PHE C 247 -8.80 6.33 23.20
CA PHE C 247 -9.33 5.18 22.47
C PHE C 247 -9.33 5.39 20.95
N ARG C 248 -8.98 6.60 20.51
CA ARG C 248 -9.23 6.99 19.12
C ARG C 248 -8.18 6.54 18.13
N ARG C 249 -8.64 6.29 16.90
CA ARG C 249 -7.77 6.05 15.76
C ARG C 249 -8.25 7.00 14.66
N ASP C 250 -7.89 8.27 14.83
CA ASP C 250 -8.38 9.36 13.98
C ASP C 250 -7.50 9.51 12.74
N ALA C 251 -8.02 9.13 11.58
CA ALA C 251 -7.25 9.20 10.34
C ALA C 251 -6.97 10.64 9.88
N LEU C 252 -7.86 11.57 10.20
CA LEU C 252 -7.67 12.95 9.77
C LEU C 252 -6.52 13.61 10.53
N VAL C 253 -6.39 13.30 11.82
CA VAL C 253 -5.29 13.84 12.61
C VAL C 253 -3.97 13.26 12.10
N GLY C 254 -3.99 11.98 11.71
CA GLY C 254 -2.85 11.38 11.06
C GLY C 254 -2.50 12.14 9.80
N ALA C 255 -3.52 12.46 9.00
CA ALA C 255 -3.31 13.20 7.77
C ALA C 255 -2.74 14.59 8.05
N ALA C 256 -3.25 15.23 9.10
CA ALA C 256 -2.82 16.57 9.47
C ALA C 256 -1.34 16.58 9.84
N ARG C 257 -0.92 15.57 10.60
CA ARG C 257 0.49 15.40 10.93
C ARG C 257 1.36 15.32 9.66
N MET C 258 0.88 14.55 8.67
CA MET C 258 1.64 14.38 7.43
C MET C 258 1.65 15.65 6.58
N ILE C 259 0.54 16.39 6.58
CA ILE C 259 0.43 17.65 5.86
C ILE C 259 1.43 18.68 6.40
N SER C 260 1.49 18.77 7.72
CA SER C 260 2.43 19.67 8.38
C SER C 260 3.87 19.27 8.06
N PHE C 261 4.12 17.96 8.03
CA PHE C 261 5.46 17.46 7.74
C PHE C 261 5.87 17.72 6.29
N VAL C 262 4.92 17.57 5.37
CA VAL C 262 5.21 17.85 3.96
C VAL C 262 5.65 19.32 3.80
N GLU C 263 4.98 20.23 4.49
CA GLU C 263 5.38 21.63 4.43
C GLU C 263 6.76 21.84 5.03
N VAL C 264 7.03 21.14 6.13
CA VAL C 264 8.34 21.21 6.77
C VAL C 264 9.45 20.73 5.82
N LEU C 265 9.16 19.67 5.08
CA LEU C 265 10.11 19.13 4.10
C LEU C 265 10.45 20.15 3.01
N GLY C 266 9.40 20.78 2.47
CA GLY C 266 9.58 21.79 1.44
C GLY C 266 10.50 22.91 1.91
N ARG C 267 10.31 23.36 3.14
CA ARG C 267 11.13 24.45 3.65
C ARG C 267 12.54 23.98 3.98
N ARG C 268 12.67 22.73 4.42
CA ARG C 268 13.97 22.14 4.71
C ARG C 268 14.89 22.15 3.47
N TYR C 269 14.31 21.97 2.29
CA TYR C 269 15.09 21.92 1.06
C TYR C 269 14.87 23.17 0.20
N ALA C 270 14.65 24.30 0.86
CA ALA C 270 14.60 25.59 0.19
C ALA C 270 15.96 25.88 -0.44
N PRO C 271 15.99 26.70 -1.51
CA PRO C 271 14.91 27.48 -2.12
C PRO C 271 14.08 26.77 -3.19
N ASP C 272 14.57 25.64 -3.70
CA ASP C 272 14.00 25.09 -4.93
C ASP C 272 13.00 23.96 -4.76
N ALA C 273 12.88 23.41 -3.55
CA ALA C 273 11.94 22.31 -3.36
C ALA C 273 10.49 22.79 -3.38
N ARG C 274 9.61 22.01 -3.99
CA ARG C 274 8.18 22.24 -3.89
C ARG C 274 7.57 21.02 -3.25
N ALA C 275 6.86 21.22 -2.15
CA ALA C 275 6.24 20.11 -1.42
C ALA C 275 4.81 20.48 -1.05
N THR C 276 3.86 19.69 -1.53
CA THR C 276 2.47 20.13 -1.48
C THR C 276 1.50 18.98 -1.27
N VAL C 277 0.55 19.19 -0.36
CA VAL C 277 -0.64 18.37 -0.29
C VAL C 277 -1.80 19.18 -0.85
N GLY C 278 -2.22 18.86 -2.06
CA GLY C 278 -3.26 19.66 -2.72
C GLY C 278 -4.64 19.04 -2.63
N MET C 279 -4.70 17.75 -2.31
CA MET C 279 -5.99 17.06 -2.29
C MET C 279 -6.14 16.21 -1.03
N ILE C 280 -7.31 16.32 -0.39
CA ILE C 280 -7.60 15.51 0.79
C ILE C 280 -9.07 15.09 0.78
N GLU C 281 -9.34 13.86 1.22
CA GLU C 281 -10.71 13.39 1.34
C GLU C 281 -10.86 12.58 2.61
N ALA C 282 -11.61 13.12 3.56
CA ALA C 282 -11.83 12.41 4.82
C ALA C 282 -13.11 11.59 4.75
N ARG C 283 -13.18 10.54 5.56
CA ARG C 283 -14.33 9.64 5.59
C ARG C 283 -14.63 9.29 7.05
N PRO C 284 -15.92 9.34 7.45
CA PRO C 284 -17.09 9.71 6.65
C PRO C 284 -17.30 11.23 6.52
N ASN C 285 -16.46 12.02 7.19
CA ASN C 285 -16.47 13.48 7.06
C ASN C 285 -17.72 14.11 7.64
N SER C 286 -18.20 13.55 8.76
CA SER C 286 -19.29 14.16 9.49
C SER C 286 -18.74 14.79 10.77
N ARG C 287 -19.27 15.95 11.13
N ARG C 287 -19.26 15.96 11.12
CA ARG C 287 -18.67 16.76 12.20
CA ARG C 287 -18.74 16.79 12.20
C ARG C 287 -18.73 16.12 13.58
C ARG C 287 -18.68 16.07 13.54
N ASN C 288 -19.63 15.17 13.79
CA ASN C 288 -19.74 14.53 15.10
C ASN C 288 -19.10 13.14 15.16
N THR C 289 -18.28 12.81 14.17
CA THR C 289 -17.62 11.51 14.20
C THR C 289 -16.10 11.65 14.02
N VAL C 290 -15.38 10.78 14.71
CA VAL C 290 -13.95 10.66 14.49
C VAL C 290 -13.73 10.03 13.12
N PRO C 291 -13.01 10.72 12.22
CA PRO C 291 -12.80 10.19 10.88
C PRO C 291 -12.00 8.89 10.92
N GLY C 292 -12.52 7.82 10.31
CA GLY C 292 -11.81 6.55 10.30
C GLY C 292 -11.04 6.30 9.01
N GLY C 293 -11.16 7.22 8.07
CA GLY C 293 -10.42 7.10 6.82
C GLY C 293 -10.02 8.46 6.27
N CYS C 294 -8.82 8.53 5.71
CA CYS C 294 -8.42 9.76 5.04
C CYS C 294 -7.46 9.51 3.89
N PHE C 295 -7.82 10.04 2.73
CA PHE C 295 -6.98 9.98 1.54
C PHE C 295 -6.39 11.35 1.28
N PHE C 296 -5.10 11.39 0.93
CA PHE C 296 -4.50 12.64 0.50
C PHE C 296 -3.33 12.42 -0.45
N THR C 297 -3.02 13.46 -1.22
CA THR C 297 -1.96 13.39 -2.20
C THR C 297 -0.73 14.14 -1.73
N VAL C 298 0.42 13.75 -2.26
CA VAL C 298 1.65 14.46 -1.99
C VAL C 298 2.40 14.62 -3.31
N GLU C 299 2.94 15.80 -3.56
CA GLU C 299 3.86 15.94 -4.70
C GLU C 299 5.10 16.73 -4.31
N PHE C 300 6.24 16.20 -4.72
CA PHE C 300 7.53 16.86 -4.57
C PHE C 300 8.03 17.30 -5.95
N ARG C 301 8.62 18.50 -6.02
CA ARG C 301 9.26 18.97 -7.24
C ARG C 301 10.59 19.61 -6.87
N HIS C 302 11.63 19.36 -7.68
CA HIS C 302 12.98 19.85 -7.41
C HIS C 302 13.87 19.60 -8.65
N PRO C 303 14.85 20.49 -8.90
CA PRO C 303 15.71 20.26 -10.07
C PRO C 303 16.76 19.15 -9.88
N ASP C 304 16.90 18.62 -8.67
CA ASP C 304 17.93 17.62 -8.34
C ASP C 304 17.27 16.29 -7.99
N ASP C 305 17.52 15.27 -8.81
CA ASP C 305 16.89 13.97 -8.58
C ASP C 305 17.36 13.33 -7.27
N ALA C 306 18.55 13.68 -6.82
CA ALA C 306 19.07 13.16 -5.56
C ALA C 306 18.32 13.79 -4.39
N VAL C 307 17.89 15.03 -4.55
CA VAL C 307 17.09 15.67 -3.51
C VAL C 307 15.68 15.08 -3.50
N LEU C 308 15.16 14.77 -4.68
CA LEU C 308 13.86 14.09 -4.77
C LEU C 308 13.95 12.71 -4.12
N ASP C 309 15.11 12.08 -4.17
CA ASP C 309 15.33 10.83 -3.46
C ASP C 309 15.25 11.04 -1.95
N GLU C 310 15.85 12.13 -1.46
CA GLU C 310 15.82 12.45 -0.05
C GLU C 310 14.39 12.75 0.43
N LEU C 311 13.67 13.52 -0.37
CA LEU C 311 12.29 13.88 -0.03
C LEU C 311 11.42 12.64 0.01
N ASP C 312 11.61 11.75 -0.96
CA ASP C 312 10.91 10.47 -0.99
C ASP C 312 11.16 9.63 0.25
N ALA C 313 12.43 9.45 0.60
CA ALA C 313 12.80 8.65 1.78
C ALA C 313 12.24 9.25 3.06
N ALA C 314 12.36 10.57 3.21
CA ALA C 314 11.88 11.24 4.42
C ALA C 314 10.37 11.10 4.58
N LEU C 315 9.66 11.21 3.45
CA LEU C 315 8.20 11.07 3.45
C LEU C 315 7.79 9.67 3.91
N ARG C 316 8.42 8.65 3.31
CA ARG C 316 8.07 7.27 3.64
C ARG C 316 8.44 6.93 5.08
N ALA C 317 9.58 7.44 5.53
CA ALA C 317 10.05 7.17 6.89
C ALA C 317 9.09 7.79 7.91
N GLU C 318 8.64 9.00 7.63
CA GLU C 318 7.76 9.71 8.55
C GLU C 318 6.37 9.09 8.54
N LEU C 319 5.91 8.66 7.37
CA LEU C 319 4.60 8.00 7.28
C LEU C 319 4.58 6.74 8.12
N ALA C 320 5.66 5.96 8.05
CA ALA C 320 5.76 4.74 8.83
C ALA C 320 5.79 5.06 10.32
N ARG C 321 6.48 6.14 10.68
CA ARG C 321 6.60 6.55 12.07
C ARG C 321 5.25 7.00 12.61
N VAL C 322 4.56 7.83 11.84
CA VAL C 322 3.24 8.33 12.22
C VAL C 322 2.24 7.17 12.36
N ALA C 323 2.30 6.22 11.42
CA ALA C 323 1.43 5.05 11.47
C ALA C 323 1.65 4.24 12.74
N ASP C 324 2.92 4.05 13.09
CA ASP C 324 3.27 3.27 14.28
C ASP C 324 2.88 4.00 15.57
N GLU C 325 3.03 5.31 15.59
CA GLU C 325 2.72 6.10 16.78
C GLU C 325 1.21 6.24 16.99
N THR C 326 0.47 6.47 15.92
CA THR C 326 -0.98 6.67 16.01
C THR C 326 -1.78 5.38 16.04
N GLY C 327 -1.20 4.28 15.57
CA GLY C 327 -1.96 3.05 15.42
C GLY C 327 -2.80 3.02 14.16
N LEU C 328 -2.61 4.01 13.30
CA LEU C 328 -3.29 4.05 12.00
C LEU C 328 -2.63 3.10 11.00
N GLY C 329 -3.45 2.49 10.14
CA GLY C 329 -2.92 1.76 9.00
C GLY C 329 -2.58 2.75 7.90
N ALA C 330 -1.43 2.56 7.26
CA ALA C 330 -0.98 3.50 6.24
C ALA C 330 -0.61 2.78 4.96
N GLN C 331 -1.06 3.32 3.83
CA GLN C 331 -0.67 2.83 2.52
C GLN C 331 -0.24 3.99 1.64
N ILE C 332 0.83 3.79 0.89
CA ILE C 332 1.31 4.83 0.01
C ILE C 332 1.72 4.25 -1.33
N GLU C 333 1.35 4.94 -2.41
CA GLU C 333 1.83 4.59 -3.74
C GLU C 333 2.35 5.83 -4.45
N GLN C 334 3.57 5.73 -4.97
CA GLN C 334 4.11 6.72 -5.86
C GLN C 334 3.50 6.50 -7.24
N ILE C 335 2.68 7.45 -7.70
CA ILE C 335 1.93 7.22 -8.93
C ILE C 335 2.53 7.92 -10.15
N PHE C 336 3.41 8.88 -9.92
CA PHE C 336 4.04 9.58 -11.03
C PHE C 336 5.49 9.92 -10.72
N THR C 337 6.34 9.73 -11.73
CA THR C 337 7.76 10.01 -11.62
C THR C 337 8.22 10.73 -12.89
N TYR C 338 8.87 11.87 -12.70
CA TYR C 338 9.39 12.67 -13.81
C TYR C 338 10.79 13.16 -13.45
N ALA C 339 11.78 12.75 -14.22
CA ALA C 339 13.14 13.17 -13.97
C ALA C 339 13.30 14.66 -14.29
N PRO C 340 14.18 15.35 -13.55
CA PRO C 340 14.48 16.75 -13.85
C PRO C 340 15.03 16.91 -15.26
N VAL C 341 14.84 18.08 -15.86
CA VAL C 341 15.40 18.36 -17.17
C VAL C 341 16.47 19.43 -17.08
N PRO C 342 17.74 19.02 -16.96
CA PRO C 342 18.81 20.00 -16.92
C PRO C 342 19.04 20.59 -18.30
N PHE C 343 19.11 21.90 -18.41
CA PHE C 343 19.40 22.51 -19.72
C PHE C 343 20.90 22.51 -19.99
N ALA C 344 21.28 22.67 -21.26
CA ALA C 344 22.68 22.58 -21.65
C ALA C 344 23.52 23.71 -21.03
N PRO C 345 24.64 23.33 -20.37
CA PRO C 345 25.54 24.28 -19.70
C PRO C 345 25.93 25.46 -20.60
N ARG C 346 26.19 25.19 -21.87
CA ARG C 346 26.58 26.24 -22.79
C ARG C 346 25.41 27.15 -23.20
N CYS C 347 24.22 26.57 -23.33
CA CYS C 347 23.05 27.42 -23.60
C CYS C 347 22.76 28.28 -22.37
N ILE C 348 22.87 27.67 -21.19
CA ILE C 348 22.70 28.40 -19.93
C ILE C 348 23.70 29.54 -19.83
N ASP C 349 24.97 29.23 -20.05
CA ASP C 349 26.03 30.23 -19.97
C ASP C 349 25.87 31.31 -21.03
N THR C 350 25.45 30.92 -22.22
CA THR C 350 25.24 31.87 -23.32
C THR C 350 24.15 32.87 -22.96
N VAL C 351 23.08 32.37 -22.35
CA VAL C 351 21.97 33.23 -21.92
C VAL C 351 22.44 34.20 -20.84
N ARG C 352 23.16 33.68 -19.84
CA ARG C 352 23.65 34.53 -18.76
C ARG C 352 24.63 35.59 -19.28
N ASP C 353 25.53 35.19 -20.16
CA ASP C 353 26.51 36.12 -20.75
C ASP C 353 25.81 37.22 -21.53
N ALA C 354 24.77 36.84 -22.25
CA ALA C 354 23.94 37.79 -22.98
C ALA C 354 23.36 38.85 -22.06
N ALA C 355 22.72 38.40 -20.97
CA ALA C 355 22.12 39.31 -19.99
C ALA C 355 23.17 40.24 -19.39
N ARG C 356 24.31 39.67 -19.00
CA ARG C 356 25.40 40.46 -18.46
C ARG C 356 25.88 41.51 -19.45
N SER C 357 26.14 41.10 -20.69
CA SER C 357 26.69 42.00 -21.69
C SER C 357 25.71 43.13 -22.02
N LEU C 358 24.42 42.85 -21.87
CA LEU C 358 23.37 43.84 -22.09
C LEU C 358 23.11 44.69 -20.86
N GLY C 359 23.80 44.37 -19.76
CA GLY C 359 23.62 45.09 -18.51
C GLY C 359 22.24 44.89 -17.90
N LEU C 360 21.61 43.77 -18.20
CA LEU C 360 20.29 43.47 -17.65
C LEU C 360 20.37 42.72 -16.34
N SER C 361 19.57 43.12 -15.36
CA SER C 361 19.47 42.38 -14.11
C SER C 361 18.99 40.96 -14.38
N HIS C 362 19.56 39.99 -13.67
CA HIS C 362 19.28 38.60 -13.94
C HIS C 362 19.54 37.72 -12.74
N MET C 363 18.97 36.52 -12.76
CA MET C 363 19.22 35.51 -11.74
C MET C 363 18.97 34.12 -12.32
N ASP C 364 19.61 33.11 -11.77
CA ASP C 364 19.33 31.73 -12.13
C ASP C 364 17.94 31.34 -11.65
N ILE C 365 17.23 30.54 -12.43
CA ILE C 365 15.89 30.14 -12.05
C ILE C 365 15.55 28.76 -12.59
N VAL C 366 14.68 28.05 -11.87
CA VAL C 366 14.21 26.74 -12.28
C VAL C 366 12.80 26.87 -12.83
N SER C 367 12.52 26.25 -13.97
CA SER C 367 11.18 26.28 -14.53
C SER C 367 10.23 25.44 -13.69
N GLY C 368 9.13 26.04 -13.27
CA GLY C 368 8.17 25.36 -12.42
C GLY C 368 7.01 24.76 -13.20
N ALA C 369 7.10 24.87 -14.52
CA ALA C 369 6.07 24.30 -15.39
C ALA C 369 6.71 23.72 -16.65
N GLY C 370 5.98 22.84 -17.33
CA GLY C 370 6.48 22.24 -18.55
C GLY C 370 6.45 23.21 -19.71
N HIS C 371 7.44 23.07 -20.60
CA HIS C 371 7.48 23.83 -21.84
C HIS C 371 7.97 22.92 -22.96
N ASP C 372 7.71 23.29 -24.20
CA ASP C 372 8.20 22.52 -25.35
C ASP C 372 9.72 22.30 -25.25
N ALA C 373 10.43 23.29 -24.73
CA ALA C 373 11.89 23.22 -24.62
C ALA C 373 12.36 22.08 -23.72
N CYS C 374 11.53 21.71 -22.75
CA CYS C 374 11.86 20.60 -21.84
C CYS C 374 12.00 19.30 -22.62
N TYR C 375 11.20 19.16 -23.67
CA TYR C 375 11.32 17.98 -24.53
C TYR C 375 12.45 18.12 -25.54
N VAL C 376 12.56 19.28 -26.19
CA VAL C 376 13.62 19.51 -27.17
C VAL C 376 15.01 19.26 -26.58
N ALA C 377 15.15 19.56 -25.28
CA ALA C 377 16.40 19.38 -24.56
C ALA C 377 17.00 17.97 -24.68
N ARG C 378 16.16 16.97 -24.89
CA ARG C 378 16.65 15.60 -24.92
C ARG C 378 17.22 15.22 -26.30
N VAL C 379 17.04 16.09 -27.31
CA VAL C 379 17.66 15.82 -28.61
C VAL C 379 18.61 16.91 -29.06
N ALA C 380 18.68 18.01 -28.32
CA ALA C 380 19.56 19.12 -28.70
C ALA C 380 19.94 19.95 -27.49
N PRO C 381 21.14 20.54 -27.52
CA PRO C 381 21.53 21.50 -26.48
C PRO C 381 20.51 22.62 -26.41
N THR C 382 19.85 22.78 -25.26
CA THR C 382 18.71 23.68 -25.16
C THR C 382 18.85 24.60 -23.95
N GLY C 383 18.39 25.83 -24.10
CA GLY C 383 18.30 26.76 -22.98
C GLY C 383 16.97 27.49 -23.01
N MET C 384 16.61 28.14 -21.91
CA MET C 384 15.40 28.93 -21.85
C MET C 384 15.71 30.29 -21.25
N ILE C 385 14.89 31.26 -21.60
CA ILE C 385 14.99 32.61 -21.07
C ILE C 385 13.64 33.02 -20.49
N PHE C 386 13.62 33.41 -19.22
CA PHE C 386 12.39 33.89 -18.60
C PHE C 386 12.39 35.40 -18.45
N VAL C 387 11.20 35.99 -18.55
CA VAL C 387 10.96 37.37 -18.16
C VAL C 387 9.86 37.33 -17.10
N PRO C 388 9.75 38.39 -16.28
CA PRO C 388 8.75 38.30 -15.21
C PRO C 388 7.34 38.50 -15.74
N CYS C 389 6.33 38.26 -14.90
CA CYS C 389 4.98 38.72 -15.22
C CYS C 389 4.37 39.45 -14.04
N VAL C 390 3.49 40.40 -14.34
CA VAL C 390 2.86 41.23 -13.32
C VAL C 390 2.02 40.41 -12.35
N LEU C 393 0.41 36.47 -12.51
CA LEU C 393 0.04 35.08 -12.75
C LEU C 393 0.00 34.77 -14.24
N SER C 394 -0.41 33.55 -14.57
CA SER C 394 -0.55 33.14 -15.97
C SER C 394 -1.69 32.13 -16.12
N HIS C 395 -1.93 31.72 -17.37
CA HIS C 395 -3.14 30.98 -17.73
C HIS C 395 -4.36 31.73 -17.21
N ASN C 396 -4.22 33.05 -17.22
CA ASN C 396 -5.26 33.97 -16.78
C ASN C 396 -5.27 35.15 -17.74
N GLU C 397 -6.46 35.66 -18.04
CA GLU C 397 -6.60 36.68 -19.08
C GLU C 397 -5.99 38.03 -18.69
N ALA C 398 -5.59 38.16 -17.43
CA ALA C 398 -4.97 39.39 -16.95
C ALA C 398 -3.44 39.28 -16.89
N GLU C 399 -2.92 38.11 -17.24
CA GLU C 399 -1.48 37.89 -17.36
C GLU C 399 -0.83 38.98 -18.22
N ALA C 400 0.25 39.56 -17.70
CA ALA C 400 0.86 40.70 -18.39
C ALA C 400 2.36 40.83 -18.17
N ILE C 401 3.03 41.37 -19.18
CA ILE C 401 4.42 41.79 -19.08
C ILE C 401 4.52 43.24 -19.51
N THR C 402 5.60 43.92 -19.12
CA THR C 402 5.80 45.30 -19.53
C THR C 402 6.58 45.34 -20.84
N PRO C 403 6.45 46.44 -21.60
CA PRO C 403 7.26 46.59 -22.82
C PRO C 403 8.76 46.46 -22.52
N GLU C 404 9.18 46.96 -21.35
CA GLU C 404 10.56 46.86 -20.92
C GLU C 404 11.00 45.40 -20.83
N TRP C 405 10.20 44.60 -20.14
CA TRP C 405 10.51 43.18 -19.97
C TRP C 405 10.51 42.43 -21.29
N ALA C 406 9.55 42.76 -22.14
CA ALA C 406 9.42 42.11 -23.44
C ALA C 406 10.66 42.38 -24.30
N THR C 407 11.09 43.63 -24.33
CA THR C 407 12.27 44.03 -25.09
C THR C 407 13.52 43.34 -24.56
N ALA C 408 13.66 43.32 -23.24
CA ALA C 408 14.82 42.71 -22.59
C ALA C 408 14.96 41.22 -22.94
N GLY C 409 13.88 40.48 -22.80
CA GLY C 409 13.88 39.06 -23.12
C GLY C 409 14.28 38.82 -24.55
N ALA C 410 13.73 39.62 -25.46
CA ALA C 410 14.03 39.52 -26.88
C ALA C 410 15.50 39.84 -27.17
N ASP C 411 16.04 40.83 -26.46
CA ASP C 411 17.44 41.22 -26.63
C ASP C 411 18.37 40.10 -26.20
N VAL C 412 18.05 39.47 -25.07
CA VAL C 412 18.82 38.33 -24.60
C VAL C 412 18.76 37.21 -25.64
N LEU C 413 17.55 36.96 -26.15
CA LEU C 413 17.34 35.91 -27.15
C LEU C 413 18.13 36.18 -28.42
N LEU C 414 18.08 37.43 -28.89
CA LEU C 414 18.86 37.87 -30.06
C LEU C 414 20.35 37.57 -29.88
N ARG C 415 20.91 38.02 -28.77
CA ARG C 415 22.32 37.81 -28.46
C ARG C 415 22.72 36.32 -28.39
N ALA C 416 21.90 35.53 -27.72
CA ALA C 416 22.19 34.10 -27.56
C ALA C 416 22.09 33.35 -28.88
N VAL C 417 21.03 33.61 -29.62
CA VAL C 417 20.83 32.97 -30.91
C VAL C 417 21.98 33.35 -31.85
N LEU C 418 22.36 34.63 -31.86
CA LEU C 418 23.45 35.10 -32.70
C LEU C 418 24.76 34.40 -32.36
N GLN C 419 25.09 34.38 -31.08
CA GLN C 419 26.33 33.76 -30.64
C GLN C 419 26.39 32.30 -31.05
N SER C 420 25.30 31.57 -30.78
N SER C 420 25.29 31.58 -30.77
CA SER C 420 25.25 30.15 -31.10
CA SER C 420 25.21 30.16 -31.09
C SER C 420 25.28 29.91 -32.61
C SER C 420 25.27 29.92 -32.60
N ALA C 421 24.67 30.82 -33.37
CA ALA C 421 24.59 30.65 -34.82
C ALA C 421 25.88 30.97 -35.56
N GLN C 422 26.84 31.58 -34.86
CA GLN C 422 28.14 31.88 -35.46
C GLN C 422 29.20 30.87 -35.04
N GLU C 423 28.78 29.81 -34.35
CA GLU C 423 29.72 28.81 -33.90
C GLU C 423 30.07 27.84 -35.03
N ALA C 424 31.36 27.49 -35.10
CA ALA C 424 31.86 26.62 -36.17
C ALA C 424 31.18 25.25 -36.19
N MET D 16 35.59 1.83 -51.67
CA MET D 16 35.84 2.16 -50.27
C MET D 16 36.87 1.21 -49.67
N PRO D 17 37.60 1.66 -48.63
CA PRO D 17 38.65 0.85 -48.01
C PRO D 17 38.13 -0.34 -47.21
N ARG D 18 39.04 -1.21 -46.78
CA ARG D 18 38.68 -2.37 -45.96
C ARG D 18 39.58 -2.44 -44.72
N VAL D 19 39.05 -2.93 -43.61
CA VAL D 19 39.86 -3.05 -42.41
C VAL D 19 40.77 -4.27 -42.50
N ASP D 20 41.87 -4.23 -41.75
CA ASP D 20 42.77 -5.37 -41.62
C ASP D 20 42.31 -6.20 -40.44
N GLY D 21 41.54 -7.25 -40.72
CA GLY D 21 40.94 -8.08 -39.69
C GLY D 21 41.94 -8.69 -38.74
N ASP D 22 43.05 -9.17 -39.30
CA ASP D 22 44.09 -9.81 -38.50
C ASP D 22 44.74 -8.82 -37.53
N ARG D 23 44.97 -7.60 -38.02
CA ARG D 23 45.53 -6.53 -37.19
C ARG D 23 44.58 -6.17 -36.05
N LEU D 24 43.29 -6.09 -36.36
CA LEU D 24 42.28 -5.82 -35.35
C LEU D 24 42.24 -6.92 -34.30
N TRP D 25 42.25 -8.17 -34.76
CA TRP D 25 42.21 -9.32 -33.87
C TRP D 25 43.41 -9.34 -32.93
N ALA D 26 44.58 -8.99 -33.47
CA ALA D 26 45.81 -8.98 -32.68
C ALA D 26 45.77 -7.93 -31.57
N SER D 27 45.10 -6.81 -31.84
CA SER D 27 45.02 -5.74 -30.85
C SER D 27 44.08 -6.13 -29.73
N LEU D 28 43.00 -6.82 -30.08
CA LEU D 28 42.07 -7.33 -29.10
C LEU D 28 42.73 -8.37 -28.21
N GLU D 29 43.54 -9.23 -28.84
CA GLU D 29 44.27 -10.27 -28.11
C GLU D 29 45.28 -9.66 -27.14
N ARG D 30 45.99 -8.63 -27.60
CA ARG D 30 46.98 -7.95 -26.77
C ARG D 30 46.34 -7.22 -25.59
N MET D 31 45.26 -6.50 -25.87
CA MET D 31 44.59 -5.71 -24.85
C MET D 31 43.96 -6.61 -23.77
N ALA D 32 43.50 -7.78 -24.18
CA ALA D 32 42.82 -8.71 -23.28
C ALA D 32 43.75 -9.32 -22.22
N GLN D 33 45.06 -9.14 -22.39
CA GLN D 33 46.03 -9.60 -21.40
C GLN D 33 45.96 -8.76 -20.14
N ILE D 34 45.59 -7.49 -20.31
CA ILE D 34 45.54 -6.55 -19.19
C ILE D 34 44.29 -6.77 -18.35
N GLY D 35 44.46 -7.38 -17.19
CA GLY D 35 43.36 -7.71 -16.31
C GLY D 35 42.76 -9.08 -16.58
N ALA D 36 43.49 -9.88 -17.35
CA ALA D 36 43.05 -11.23 -17.73
C ALA D 36 42.75 -12.11 -16.52
N THR D 37 41.62 -12.81 -16.56
CA THR D 37 41.23 -13.72 -15.50
C THR D 37 41.47 -15.16 -15.96
N PRO D 38 41.67 -16.09 -15.01
CA PRO D 38 41.93 -17.49 -15.35
C PRO D 38 40.88 -18.14 -16.25
N LYS D 39 39.63 -17.71 -16.13
CA LYS D 39 38.56 -18.24 -16.98
C LYS D 39 38.61 -17.66 -18.40
N GLY D 40 39.58 -16.79 -18.66
CA GLY D 40 39.72 -16.18 -19.97
C GLY D 40 38.89 -14.91 -20.11
N GLY D 41 38.55 -14.31 -18.99
CA GLY D 41 37.80 -13.06 -19.00
C GLY D 41 38.67 -11.88 -18.63
N VAL D 42 38.05 -10.74 -18.37
CA VAL D 42 38.78 -9.53 -18.01
C VAL D 42 38.19 -8.85 -16.78
N CYS D 43 39.05 -8.51 -15.82
CA CYS D 43 38.62 -7.69 -14.70
C CYS D 43 39.41 -6.39 -14.69
N ARG D 44 38.88 -5.38 -15.40
CA ARG D 44 39.49 -4.07 -15.45
C ARG D 44 38.54 -3.02 -14.95
N LEU D 45 38.43 -2.88 -13.63
CA LEU D 45 37.52 -1.91 -13.04
C LEU D 45 37.97 -0.47 -13.33
N ALA D 46 36.98 0.41 -13.44
CA ALA D 46 37.22 1.79 -13.84
C ALA D 46 38.20 2.51 -12.92
N LEU D 47 39.19 3.14 -13.54
CA LEU D 47 40.18 3.99 -12.88
C LEU D 47 41.10 3.24 -11.91
N THR D 48 41.15 1.91 -12.02
CA THR D 48 42.18 1.14 -11.33
C THR D 48 43.49 1.25 -12.11
N ASP D 49 44.56 0.67 -11.59
CA ASP D 49 45.85 0.68 -12.30
C ASP D 49 45.76 -0.09 -13.61
N LEU D 50 44.94 -1.14 -13.62
CA LEU D 50 44.75 -1.93 -14.83
C LEU D 50 43.99 -1.15 -15.88
N ASP D 51 43.03 -0.34 -15.44
CA ASP D 51 42.35 0.58 -16.35
C ASP D 51 43.36 1.55 -16.97
N ARG D 52 44.25 2.09 -16.12
CA ARG D 52 45.29 2.99 -16.60
C ARG D 52 46.18 2.31 -17.63
N GLU D 53 46.59 1.07 -17.35
CA GLU D 53 47.46 0.34 -18.26
C GLU D 53 46.80 0.17 -19.63
N SER D 54 45.51 -0.13 -19.62
CA SER D 54 44.74 -0.29 -20.84
C SER D 54 44.64 1.04 -21.60
N ARG D 55 44.29 2.10 -20.88
CA ARG D 55 44.24 3.43 -21.46
C ARG D 55 45.58 3.82 -22.07
N ASP D 56 46.66 3.60 -21.34
CA ASP D 56 48.01 3.93 -21.80
C ASP D 56 48.34 3.25 -23.12
N LEU D 57 47.95 1.98 -23.24
CA LEU D 57 48.24 1.21 -24.43
C LEU D 57 47.47 1.74 -25.64
N PHE D 58 46.20 2.05 -25.43
CA PHE D 58 45.39 2.69 -26.47
C PHE D 58 46.03 3.98 -26.94
N VAL D 59 46.45 4.80 -25.98
CA VAL D 59 47.07 6.08 -26.29
C VAL D 59 48.31 5.89 -27.15
N GLN D 60 49.15 4.93 -26.75
CA GLN D 60 50.36 4.61 -27.50
C GLN D 60 50.02 4.22 -28.93
N TRP D 61 49.07 3.31 -29.08
CA TRP D 61 48.68 2.83 -30.39
C TRP D 61 48.08 3.94 -31.26
N ALA D 62 47.26 4.79 -30.64
CA ALA D 62 46.64 5.91 -31.33
C ALA D 62 47.71 6.88 -31.86
N ARG D 63 48.66 7.23 -31.01
CA ARG D 63 49.75 8.13 -31.41
C ARG D 63 50.64 7.49 -32.47
N GLU D 64 50.81 6.17 -32.38
CA GLU D 64 51.57 5.44 -33.38
C GLU D 64 50.84 5.50 -34.72
N ALA D 65 49.52 5.65 -34.67
CA ALA D 65 48.70 5.80 -35.88
C ALA D 65 48.60 7.24 -36.34
N GLY D 66 49.40 8.13 -35.72
CA GLY D 66 49.45 9.52 -36.14
C GLY D 66 48.28 10.36 -35.64
N CYS D 67 47.56 9.86 -34.63
CA CYS D 67 46.46 10.60 -34.03
C CYS D 67 46.95 11.62 -33.00
N THR D 68 46.13 12.64 -32.76
CA THR D 68 46.35 13.55 -31.65
C THR D 68 45.41 13.15 -30.51
N VAL D 69 45.99 12.81 -29.37
CA VAL D 69 45.19 12.29 -28.26
C VAL D 69 44.98 13.33 -27.18
N ARG D 70 43.72 13.62 -26.87
CA ARG D 70 43.40 14.54 -25.78
C ARG D 70 42.57 13.84 -24.70
N VAL D 71 42.52 14.45 -23.52
CA VAL D 71 41.77 13.90 -22.38
C VAL D 71 40.93 15.00 -21.74
N ASP D 72 39.65 14.74 -21.49
CA ASP D 72 38.83 15.77 -20.86
C ASP D 72 38.79 15.59 -19.34
N ARG D 73 38.02 16.44 -18.67
CA ARG D 73 38.04 16.49 -17.21
C ARG D 73 37.38 15.28 -16.54
N MET D 74 36.67 14.45 -17.33
CA MET D 74 36.14 13.21 -16.80
C MET D 74 37.02 12.02 -17.19
N GLY D 75 38.17 12.33 -17.78
CA GLY D 75 39.12 11.30 -18.18
C GLY D 75 38.75 10.58 -19.45
N ASN D 76 37.77 11.09 -20.18
CA ASN D 76 37.48 10.52 -21.49
C ASN D 76 38.67 10.75 -22.41
N VAL D 77 39.07 9.70 -23.13
CA VAL D 77 40.20 9.81 -24.04
C VAL D 77 39.73 9.91 -25.47
N PHE D 78 40.21 10.91 -26.20
CA PHE D 78 39.84 11.11 -27.60
C PHE D 78 41.08 11.09 -28.48
N ALA D 79 41.14 10.11 -29.39
CA ALA D 79 42.20 10.07 -30.39
C ALA D 79 41.66 10.65 -31.69
N ARG D 80 42.15 11.82 -32.08
CA ARG D 80 41.64 12.48 -33.27
C ARG D 80 42.48 12.19 -34.51
N ARG D 81 41.82 11.72 -35.55
CA ARG D 81 42.45 11.65 -36.86
C ARG D 81 42.07 12.90 -37.66
N ALA D 82 43.06 13.48 -38.32
CA ALA D 82 42.90 14.74 -39.03
C ALA D 82 41.77 14.75 -40.06
N GLY D 83 41.14 15.91 -40.22
CA GLY D 83 40.20 16.16 -41.29
C GLY D 83 40.60 17.41 -42.07
N ARG D 84 40.07 17.58 -43.27
CA ARG D 84 40.39 18.76 -44.09
C ARG D 84 40.00 20.04 -43.38
N ARG D 85 38.83 20.03 -42.73
CA ARG D 85 38.37 21.18 -41.94
C ARG D 85 38.62 20.94 -40.47
N PRO D 86 39.68 21.54 -39.90
CA PRO D 86 40.07 21.23 -38.52
C PRO D 86 39.06 21.72 -37.48
N ASP D 87 38.21 22.69 -37.85
CA ASP D 87 37.23 23.25 -36.94
C ASP D 87 35.83 22.67 -37.14
N ALA D 88 35.68 21.78 -38.12
CA ALA D 88 34.38 21.16 -38.38
C ALA D 88 34.03 20.16 -37.27
N ALA D 89 32.73 20.04 -36.97
CA ALA D 89 32.26 19.05 -36.00
C ALA D 89 32.68 17.66 -36.44
N PRO D 90 33.27 16.88 -35.53
CA PRO D 90 33.86 15.58 -35.89
C PRO D 90 32.84 14.46 -36.00
N VAL D 91 33.26 13.36 -36.62
CA VAL D 91 32.56 12.10 -36.49
C VAL D 91 33.22 11.30 -35.37
N MET D 92 32.44 10.87 -34.38
CA MET D 92 33.02 10.21 -33.22
C MET D 92 32.64 8.74 -33.19
N THR D 93 33.59 7.88 -32.83
CA THR D 93 33.28 6.47 -32.62
C THR D 93 34.09 5.95 -31.44
N GLY D 94 33.56 4.94 -30.78
CA GLY D 94 34.26 4.36 -29.65
C GLY D 94 33.31 3.80 -28.62
N SER D 95 33.87 3.48 -27.45
CA SER D 95 33.12 2.76 -26.44
C SER D 95 33.86 2.88 -25.11
N HIS D 96 33.82 1.82 -24.30
CA HIS D 96 34.49 1.85 -23.00
C HIS D 96 35.57 0.78 -22.89
N ALA D 97 36.58 1.03 -22.08
CA ALA D 97 37.64 0.05 -21.89
C ALA D 97 37.48 -0.69 -20.56
N ASP D 98 36.74 -0.10 -19.63
CA ASP D 98 36.55 -0.70 -18.32
C ASP D 98 35.53 -1.82 -18.40
N SER D 99 35.54 -2.71 -17.41
CA SER D 99 34.68 -3.89 -17.46
C SER D 99 33.91 -4.11 -16.17
N GLN D 100 33.02 -5.10 -16.21
CA GLN D 100 32.45 -5.68 -15.00
C GLN D 100 33.52 -6.49 -14.30
N PRO D 101 33.37 -6.73 -12.98
CA PRO D 101 34.33 -7.55 -12.23
C PRO D 101 34.60 -8.90 -12.88
N THR D 102 33.59 -9.50 -13.50
CA THR D 102 33.76 -10.75 -14.22
C THR D 102 33.37 -10.55 -15.67
N GLY D 103 33.95 -9.53 -16.30
CA GLY D 103 33.64 -9.20 -17.67
C GLY D 103 34.37 -10.07 -18.69
N GLY D 104 34.00 -9.90 -19.96
CA GLY D 104 34.65 -10.64 -21.02
C GLY D 104 35.66 -9.81 -21.78
N ARG D 105 36.23 -10.40 -22.82
CA ARG D 105 37.31 -9.75 -23.57
C ARG D 105 36.82 -8.77 -24.62
N TYR D 106 35.51 -8.58 -24.75
CA TYR D 106 34.99 -7.78 -25.86
C TYR D 106 33.96 -6.69 -25.48
N ASP D 107 33.29 -6.82 -24.32
CA ASP D 107 32.39 -5.80 -23.77
C ASP D 107 33.13 -4.48 -23.80
N GLY D 108 32.65 -3.55 -24.62
CA GLY D 108 33.23 -2.22 -24.69
C GLY D 108 34.50 -2.09 -25.52
N ILE D 109 35.53 -2.86 -25.15
CA ILE D 109 36.84 -2.67 -25.76
C ILE D 109 36.84 -2.94 -27.27
N TYR D 110 35.93 -3.80 -27.73
CA TYR D 110 35.82 -4.10 -29.15
C TYR D 110 35.46 -2.84 -29.94
N GLY D 111 34.62 -1.99 -29.34
CA GLY D 111 34.25 -0.75 -29.98
C GLY D 111 35.39 0.26 -30.01
N VAL D 112 36.24 0.21 -28.99
CA VAL D 112 37.37 1.11 -28.88
C VAL D 112 38.43 0.74 -29.92
N LEU D 113 38.75 -0.55 -29.98
CA LEU D 113 39.77 -1.03 -30.90
C LEU D 113 39.26 -1.10 -32.33
N GLY D 114 37.94 -1.25 -32.49
CA GLY D 114 37.32 -1.16 -33.80
C GLY D 114 37.50 0.23 -34.38
N GLY D 115 37.32 1.24 -33.53
CA GLY D 115 37.52 2.63 -33.93
C GLY D 115 38.98 2.89 -34.30
N LEU D 116 39.89 2.33 -33.52
CA LEU D 116 41.31 2.46 -33.81
C LEU D 116 41.66 1.86 -35.18
N GLU D 117 41.09 0.68 -35.47
CA GLU D 117 41.34 0.01 -36.75
C GLU D 117 40.75 0.81 -37.90
N VAL D 118 39.65 1.52 -37.65
CA VAL D 118 39.10 2.41 -38.67
C VAL D 118 40.11 3.49 -39.05
N VAL D 119 40.70 4.13 -38.05
CA VAL D 119 41.73 5.13 -38.29
C VAL D 119 42.89 4.55 -39.08
N ARG D 120 43.38 3.39 -38.63
CA ARG D 120 44.47 2.71 -39.31
C ARG D 120 44.13 2.41 -40.77
N ALA D 121 42.89 1.97 -41.01
CA ALA D 121 42.42 1.64 -42.35
C ALA D 121 42.35 2.90 -43.22
N LEU D 122 41.89 4.00 -42.65
CA LEU D 122 41.87 5.28 -43.36
C LEU D 122 43.29 5.73 -43.69
N ASN D 123 44.21 5.48 -42.76
CA ASN D 123 45.63 5.81 -43.01
C ASN D 123 46.22 5.00 -44.16
N ASP D 124 45.99 3.68 -44.14
CA ASP D 124 46.54 2.80 -45.15
C ASP D 124 46.04 3.15 -46.55
N ALA D 125 44.78 3.59 -46.62
CA ALA D 125 44.17 3.97 -47.89
C ALA D 125 44.50 5.41 -48.28
N ALA D 126 45.24 6.11 -47.42
CA ALA D 126 45.62 7.51 -47.64
C ALA D 126 44.39 8.41 -47.87
N ILE D 127 43.34 8.18 -47.11
CA ILE D 127 42.09 8.91 -47.30
C ILE D 127 42.06 10.23 -46.52
N GLU D 128 41.66 11.29 -47.21
CA GLU D 128 41.34 12.54 -46.54
C GLU D 128 39.82 12.67 -46.34
N THR D 129 39.42 12.91 -45.10
CA THR D 129 38.02 13.16 -44.78
C THR D 129 37.79 14.66 -44.60
N GLU D 130 36.56 15.10 -44.83
CA GLU D 130 36.21 16.50 -44.62
C GLU D 130 36.27 16.87 -43.14
N ARG D 131 35.80 15.96 -42.30
CA ARG D 131 35.73 16.20 -40.85
C ARG D 131 36.71 15.32 -40.10
N PRO D 132 37.23 15.81 -38.97
CA PRO D 132 38.08 14.99 -38.11
C PRO D 132 37.30 13.77 -37.62
N VAL D 133 38.00 12.70 -37.30
CA VAL D 133 37.38 11.54 -36.69
C VAL D 133 37.95 11.34 -35.28
N ASP D 134 37.06 11.31 -34.29
CA ASP D 134 37.45 11.05 -32.91
C ASP D 134 37.17 9.60 -32.52
N VAL D 135 38.19 8.94 -32.00
CA VAL D 135 38.00 7.62 -31.39
C VAL D 135 38.03 7.81 -29.88
N VAL D 136 36.95 7.42 -29.20
CA VAL D 136 36.78 7.74 -27.79
C VAL D 136 36.78 6.52 -26.85
N ILE D 137 37.39 6.72 -25.68
CA ILE D 137 37.17 5.85 -24.54
C ILE D 137 36.36 6.62 -23.50
N TRP D 138 35.18 6.14 -23.19
CA TRP D 138 34.35 6.73 -22.14
C TRP D 138 34.73 6.17 -20.77
N THR D 139 34.93 7.06 -19.80
CA THR D 139 35.26 6.68 -18.43
C THR D 139 34.09 5.98 -17.72
N ASN D 140 34.39 4.88 -17.03
CA ASN D 140 33.42 4.21 -16.16
C ASN D 140 32.06 3.99 -16.80
N GLU D 141 32.00 3.21 -17.88
CA GLU D 141 30.71 2.90 -18.46
C GLU D 141 29.93 1.94 -17.59
N GLU D 142 30.62 0.94 -17.03
CA GLU D 142 29.89 -0.19 -16.46
C GLU D 142 29.27 0.15 -15.09
N GLY D 143 29.74 1.21 -14.45
CA GLY D 143 29.17 1.66 -13.19
C GLY D 143 29.25 0.66 -12.05
N SER D 144 30.38 -0.03 -11.95
CA SER D 144 30.58 -1.04 -10.92
C SER D 144 31.35 -0.50 -9.72
N ARG D 145 32.47 0.16 -9.97
CA ARG D 145 33.27 0.76 -8.90
C ARG D 145 32.62 2.05 -8.40
N PHE D 146 32.15 2.87 -9.34
CA PHE D 146 31.39 4.08 -9.04
C PHE D 146 30.04 4.01 -9.75
N ALA D 147 28.97 4.40 -9.05
CA ALA D 147 27.66 4.53 -9.66
C ALA D 147 27.40 6.00 -10.01
N PRO D 148 26.61 6.27 -11.06
CA PRO D 148 25.93 5.33 -11.95
C PRO D 148 26.75 4.89 -13.15
N ALA D 149 26.20 3.93 -13.88
CA ALA D 149 26.78 3.49 -15.14
C ALA D 149 26.69 4.63 -16.16
N MET D 150 27.56 4.57 -17.18
CA MET D 150 27.53 5.53 -18.29
C MET D 150 27.65 6.99 -17.83
N VAL D 151 28.29 7.21 -16.68
CA VAL D 151 28.27 8.52 -16.05
C VAL D 151 29.06 9.56 -16.84
N SER D 152 30.14 9.13 -17.50
CA SER D 152 31.04 10.07 -18.17
C SER D 152 30.48 10.52 -19.52
N ALA D 153 29.98 9.58 -20.30
CA ALA D 153 29.22 9.91 -21.50
C ALA D 153 28.00 10.74 -21.12
N GLY D 154 27.49 10.50 -19.91
CA GLY D 154 26.37 11.25 -19.37
C GLY D 154 26.74 12.71 -19.17
N VAL D 155 27.89 12.95 -18.56
CA VAL D 155 28.37 14.32 -18.40
C VAL D 155 28.55 14.94 -19.77
N PHE D 156 29.19 14.19 -20.66
CA PHE D 156 29.45 14.66 -22.03
C PHE D 156 28.16 15.08 -22.72
N SER D 157 27.08 14.37 -22.43
CA SER D 157 25.83 14.54 -23.14
C SER D 157 24.82 15.38 -22.38
N GLY D 158 25.26 16.00 -21.28
CA GLY D 158 24.39 16.84 -20.48
C GLY D 158 23.37 16.11 -19.62
N VAL D 159 23.54 14.80 -19.44
CA VAL D 159 22.66 14.06 -18.53
C VAL D 159 23.01 14.39 -17.08
N TYR D 160 24.31 14.43 -16.79
CA TYR D 160 24.82 14.80 -15.48
C TYR D 160 25.72 16.01 -15.59
N THR D 161 25.91 16.74 -14.49
CA THR D 161 26.89 17.82 -14.46
C THR D 161 28.29 17.26 -14.25
N LEU D 162 29.30 18.09 -14.51
CA LEU D 162 30.68 17.70 -14.25
C LEU D 162 30.89 17.53 -12.74
N GLU D 163 30.29 18.42 -11.96
CA GLU D 163 30.40 18.36 -10.52
C GLU D 163 29.90 17.02 -9.99
N TYR D 164 28.77 16.56 -10.54
CA TYR D 164 28.20 15.28 -10.15
C TYR D 164 29.10 14.13 -10.59
N GLY D 165 29.55 14.18 -11.84
CA GLY D 165 30.41 13.15 -12.39
C GLY D 165 31.67 12.93 -11.57
N LEU D 166 32.32 14.02 -11.19
CA LEU D 166 33.60 13.94 -10.48
C LEU D 166 33.46 13.50 -9.01
N SER D 167 32.28 13.73 -8.44
CA SER D 167 32.10 13.47 -7.01
C SER D 167 31.56 12.07 -6.72
N ARG D 168 31.39 11.25 -7.74
CA ARG D 168 30.93 9.87 -7.53
C ARG D 168 32.02 9.09 -6.82
N THR D 169 31.65 8.32 -5.80
CA THR D 169 32.65 7.69 -4.94
C THR D 169 32.59 6.18 -4.97
N ASP D 170 33.74 5.55 -4.72
CA ASP D 170 33.77 4.09 -4.63
C ASP D 170 33.62 3.66 -3.18
N GLY D 171 33.77 2.36 -2.92
CA GLY D 171 33.59 1.81 -1.59
C GLY D 171 34.57 2.34 -0.56
N ALA D 172 35.70 2.86 -1.02
CA ALA D 172 36.71 3.38 -0.11
C ALA D 172 36.56 4.89 0.07
N GLY D 173 35.57 5.47 -0.59
CA GLY D 173 35.33 6.90 -0.47
C GLY D 173 36.20 7.75 -1.38
N ARG D 174 36.84 7.11 -2.35
CA ARG D 174 37.60 7.84 -3.35
C ARG D 174 36.65 8.31 -4.45
N THR D 175 36.75 9.58 -4.85
CA THR D 175 35.92 10.10 -5.94
C THR D 175 36.56 9.84 -7.29
N ILE D 176 35.75 9.91 -8.34
CA ILE D 176 36.25 9.77 -9.71
C ILE D 176 37.32 10.83 -9.99
N GLY D 177 37.05 12.07 -9.59
CA GLY D 177 38.00 13.15 -9.74
C GLY D 177 39.34 12.88 -9.08
N GLU D 178 39.30 12.30 -7.88
CA GLU D 178 40.52 11.96 -7.16
C GLU D 178 41.30 10.84 -7.87
N GLU D 179 40.58 9.85 -8.38
CA GLU D 179 41.21 8.72 -9.04
C GLU D 179 41.74 9.09 -10.42
N LEU D 180 41.04 9.99 -11.11
CA LEU D 180 41.52 10.48 -12.41
C LEU D 180 42.88 11.13 -12.25
N GLU D 181 43.06 11.86 -11.16
CA GLU D 181 44.33 12.50 -10.87
C GLU D 181 45.39 11.46 -10.50
N ARG D 182 44.98 10.43 -9.78
CA ARG D 182 45.92 9.39 -9.34
C ARG D 182 46.52 8.63 -10.53
N ILE D 183 45.70 8.29 -11.52
CA ILE D 183 46.20 7.51 -12.64
C ILE D 183 46.63 8.37 -13.82
N GLY D 184 46.58 9.70 -13.64
CA GLY D 184 47.07 10.61 -14.65
C GLY D 184 46.13 10.90 -15.82
N TYR D 185 44.84 10.76 -15.59
CA TYR D 185 43.87 11.06 -16.64
C TYR D 185 42.90 12.16 -16.21
N ALA D 186 43.37 13.04 -15.34
CA ALA D 186 42.64 14.25 -15.01
C ALA D 186 42.88 15.30 -16.10
N GLY D 187 42.17 15.16 -17.22
CA GLY D 187 42.43 15.94 -18.42
C GLY D 187 42.03 17.40 -18.34
N ALA D 188 42.50 18.20 -19.29
CA ALA D 188 42.25 19.63 -19.26
C ALA D 188 41.04 20.03 -20.09
N GLU D 189 40.65 19.19 -21.05
CA GLU D 189 39.59 19.55 -21.98
C GLU D 189 38.22 19.59 -21.31
N PRO D 190 37.36 20.53 -21.76
CA PRO D 190 35.96 20.52 -21.33
C PRO D 190 35.31 19.19 -21.70
N VAL D 191 34.36 18.74 -20.90
CA VAL D 191 33.64 17.51 -21.18
C VAL D 191 32.41 17.82 -22.03
N GLY D 192 32.46 17.44 -23.30
CA GLY D 192 31.39 17.76 -24.23
C GLY D 192 31.19 19.25 -24.40
N GLY D 193 30.02 19.63 -24.92
CA GLY D 193 29.72 21.03 -25.17
C GLY D 193 30.08 21.50 -26.57
N TYR D 194 30.82 20.68 -27.31
CA TYR D 194 31.12 21.05 -28.69
C TYR D 194 30.25 20.25 -29.64
N PRO D 195 29.98 20.81 -30.84
CA PRO D 195 29.18 20.06 -31.80
C PRO D 195 29.87 18.77 -32.27
N VAL D 196 29.08 17.71 -32.37
CA VAL D 196 29.54 16.45 -32.92
C VAL D 196 28.67 16.15 -34.12
N HIS D 197 29.29 15.89 -35.27
CA HIS D 197 28.49 15.73 -36.48
C HIS D 197 27.69 14.43 -36.48
N ALA D 198 28.34 13.35 -36.07
CA ALA D 198 27.67 12.05 -35.93
C ALA D 198 28.47 11.18 -34.99
N ALA D 199 27.84 10.15 -34.46
CA ALA D 199 28.51 9.24 -33.55
C ALA D 199 28.06 7.80 -33.80
N TYR D 200 29.01 6.88 -33.75
CA TYR D 200 28.73 5.46 -33.95
C TYR D 200 29.41 4.63 -32.87
N GLU D 201 28.66 3.73 -32.25
CA GLU D 201 29.28 2.82 -31.31
C GLU D 201 29.15 1.37 -31.77
N LEU D 202 30.28 0.72 -31.93
CA LEU D 202 30.35 -0.70 -32.26
C LEU D 202 30.39 -1.49 -30.96
N HIS D 203 29.52 -2.49 -30.85
CA HIS D 203 29.41 -3.25 -29.60
C HIS D 203 28.89 -4.66 -29.89
N ILE D 204 29.31 -5.63 -29.08
CA ILE D 204 28.72 -6.95 -29.19
C ILE D 204 27.28 -6.89 -28.67
N GLU D 205 26.43 -7.81 -29.16
CA GLU D 205 25.01 -7.76 -28.87
C GLU D 205 24.69 -7.96 -27.38
N GLN D 206 25.51 -8.77 -26.71
CA GLN D 206 25.25 -9.20 -25.33
C GLN D 206 23.94 -9.99 -25.27
N GLY D 207 23.65 -10.72 -26.34
CA GLY D 207 22.46 -11.55 -26.43
C GLY D 207 22.65 -12.58 -27.52
N ALA D 208 21.58 -13.28 -27.87
CA ALA D 208 21.68 -14.40 -28.81
C ALA D 208 20.85 -14.19 -30.09
N ILE D 209 20.31 -12.99 -30.28
CA ILE D 209 19.39 -12.76 -31.39
C ILE D 209 20.09 -12.91 -32.75
N LEU D 210 21.20 -12.19 -32.93
CA LEU D 210 21.94 -12.25 -34.19
C LEU D 210 22.45 -13.65 -34.45
N GLU D 211 23.05 -14.27 -33.43
CA GLU D 211 23.62 -15.60 -33.56
C GLU D 211 22.59 -16.64 -33.99
N ARG D 212 21.44 -16.66 -33.32
CA ARG D 212 20.41 -17.65 -33.65
C ARG D 212 19.71 -17.36 -34.98
N ALA D 213 19.66 -16.09 -35.36
CA ALA D 213 19.05 -15.70 -36.63
C ALA D 213 20.03 -15.84 -37.78
N GLY D 214 21.29 -16.11 -37.45
CA GLY D 214 22.32 -16.29 -38.45
C GLY D 214 22.68 -15.01 -39.17
N LYS D 215 22.50 -13.88 -38.47
CA LYS D 215 22.81 -12.57 -39.03
C LYS D 215 24.07 -12.00 -38.40
N THR D 216 24.97 -11.49 -39.24
CA THR D 216 26.26 -11.00 -38.77
C THR D 216 26.18 -9.59 -38.18
N ILE D 217 25.36 -8.73 -38.77
CA ILE D 217 25.31 -7.34 -38.32
C ILE D 217 23.95 -6.93 -37.77
N GLY D 218 23.95 -6.35 -36.58
CA GLY D 218 22.74 -5.82 -35.98
C GLY D 218 22.62 -4.33 -36.22
N VAL D 219 21.62 -3.94 -37.00
CA VAL D 219 21.32 -2.53 -37.21
C VAL D 219 20.45 -2.03 -36.06
N VAL D 220 21.06 -1.36 -35.10
CA VAL D 220 20.34 -1.00 -33.88
C VAL D 220 19.41 0.18 -34.12
N THR D 221 18.12 -0.05 -33.92
CA THR D 221 17.13 0.97 -34.23
C THR D 221 16.76 1.81 -33.01
N ALA D 222 16.91 1.22 -31.82
CA ALA D 222 16.50 1.89 -30.60
C ALA D 222 17.00 1.17 -29.35
N GLY D 223 16.92 1.88 -28.23
CA GLY D 223 17.12 1.27 -26.93
C GLY D 223 15.74 0.91 -26.39
N GLN D 224 15.69 0.19 -25.28
CA GLN D 224 14.42 -0.18 -24.69
C GLN D 224 13.96 0.83 -23.65
N GLY D 225 12.67 1.08 -23.62
CA GLY D 225 12.06 1.76 -22.49
C GLY D 225 11.90 0.74 -21.37
N GLN D 226 11.77 1.21 -20.13
CA GLN D 226 11.64 0.30 -18.99
C GLN D 226 10.60 0.77 -17.97
N ARG D 227 9.85 -0.18 -17.42
CA ARG D 227 8.98 0.04 -16.27
C ARG D 227 9.26 -1.04 -15.23
N TRP D 228 9.63 -0.64 -14.01
CA TRP D 228 9.87 -1.60 -12.93
C TRP D 228 8.81 -1.48 -11.85
N TYR D 229 8.34 -2.61 -11.34
CA TYR D 229 7.32 -2.62 -10.31
C TYR D 229 7.73 -3.45 -9.11
N GLU D 230 7.17 -3.12 -7.96
CA GLU D 230 7.21 -4.00 -6.80
C GLU D 230 5.77 -4.31 -6.40
N VAL D 231 5.47 -5.59 -6.16
CA VAL D 231 4.13 -6.01 -5.80
C VAL D 231 4.15 -6.73 -4.45
N THR D 232 3.25 -6.35 -3.55
CA THR D 232 3.13 -7.06 -2.29
C THR D 232 1.72 -7.63 -2.11
N LEU D 233 1.65 -8.95 -1.93
CA LEU D 233 0.39 -9.64 -1.70
C LEU D 233 0.27 -10.03 -0.25
N THR D 234 -0.89 -9.78 0.34
CA THR D 234 -1.11 -10.07 1.74
C THR D 234 -2.25 -11.06 1.90
N GLY D 235 -1.96 -12.19 2.52
CA GLY D 235 -2.98 -13.19 2.82
C GLY D 235 -2.98 -13.47 4.30
N VAL D 236 -3.17 -14.74 4.66
CA VAL D 236 -3.25 -15.15 6.06
C VAL D 236 -2.29 -16.32 6.33
N ASP D 237 -1.34 -16.13 7.24
CA ASP D 237 -0.50 -17.22 7.71
C ASP D 237 -1.40 -18.29 8.32
N ALA D 238 -1.30 -19.52 7.83
CA ALA D 238 -2.11 -20.60 8.39
C ALA D 238 -1.36 -21.94 8.36
N HIS D 239 -1.62 -22.77 9.35
CA HIS D 239 -1.08 -24.12 9.39
C HIS D 239 -1.70 -24.94 8.26
N ALA D 240 -0.86 -25.63 7.49
CA ALA D 240 -1.33 -26.32 6.29
C ALA D 240 -2.28 -27.44 6.62
N GLY D 241 -1.97 -28.19 7.67
CA GLY D 241 -2.76 -29.36 8.05
C GLY D 241 -4.16 -29.03 8.50
N THR D 242 -4.31 -27.99 9.32
CA THR D 242 -5.58 -27.68 9.96
C THR D 242 -6.46 -26.71 9.16
N THR D 243 -5.94 -26.18 8.07
CA THR D 243 -6.67 -25.20 7.27
C THR D 243 -7.09 -25.78 5.93
N PRO D 244 -8.38 -26.06 5.76
CA PRO D 244 -8.90 -26.57 4.48
C PRO D 244 -8.76 -25.55 3.37
N MET D 245 -8.73 -26.02 2.13
CA MET D 245 -8.44 -25.16 0.99
C MET D 245 -9.38 -23.96 0.91
N ALA D 246 -10.65 -24.14 1.26
CA ALA D 246 -11.64 -23.08 1.13
C ALA D 246 -11.40 -21.90 2.08
N PHE D 247 -10.67 -22.12 3.17
CA PHE D 247 -10.44 -21.07 4.15
C PHE D 247 -9.17 -20.27 3.88
N ARG D 248 -8.39 -20.71 2.89
CA ARG D 248 -7.04 -20.17 2.72
C ARG D 248 -7.00 -18.81 2.03
N ARG D 249 -6.00 -18.02 2.42
CA ARG D 249 -5.59 -16.83 1.70
C ARG D 249 -4.10 -16.95 1.40
N ASP D 250 -3.77 -17.74 0.38
CA ASP D 250 -2.41 -18.10 0.07
C ASP D 250 -1.76 -17.07 -0.87
N ALA D 251 -0.87 -16.25 -0.32
CA ALA D 251 -0.25 -15.16 -1.07
C ALA D 251 0.71 -15.67 -2.15
N LEU D 252 1.31 -16.82 -1.92
CA LEU D 252 2.26 -17.37 -2.89
C LEU D 252 1.55 -17.86 -4.16
N VAL D 253 0.38 -18.46 -3.99
CA VAL D 253 -0.43 -18.88 -5.13
C VAL D 253 -0.88 -17.65 -5.93
N GLY D 254 -1.25 -16.60 -5.22
CA GLY D 254 -1.60 -15.34 -5.85
C GLY D 254 -0.44 -14.84 -6.70
N ALA D 255 0.76 -14.89 -6.15
CA ALA D 255 1.95 -14.45 -6.86
C ALA D 255 2.25 -15.34 -8.07
N ALA D 256 2.05 -16.64 -7.90
CA ALA D 256 2.23 -17.59 -8.98
C ALA D 256 1.32 -17.28 -10.15
N ARG D 257 0.08 -16.89 -9.86
CA ARG D 257 -0.85 -16.47 -10.89
C ARG D 257 -0.31 -15.26 -11.65
N MET D 258 0.23 -14.29 -10.92
CA MET D 258 0.79 -13.08 -11.51
C MET D 258 2.05 -13.37 -12.33
N ILE D 259 2.92 -14.23 -11.80
CA ILE D 259 4.14 -14.64 -12.50
C ILE D 259 3.83 -15.26 -13.86
N SER D 260 2.81 -16.11 -13.88
CA SER D 260 2.35 -16.73 -15.12
C SER D 260 1.81 -15.69 -16.08
N PHE D 261 1.08 -14.71 -15.55
CA PHE D 261 0.47 -13.71 -16.40
C PHE D 261 1.50 -12.75 -16.97
N VAL D 262 2.58 -12.52 -16.22
CA VAL D 262 3.65 -11.67 -16.71
C VAL D 262 4.31 -12.31 -17.93
N GLU D 263 4.50 -13.63 -17.88
CA GLU D 263 5.06 -14.34 -19.02
C GLU D 263 4.09 -14.24 -20.21
N VAL D 264 2.80 -14.40 -19.93
CA VAL D 264 1.79 -14.26 -20.96
C VAL D 264 1.89 -12.89 -21.64
N LEU D 265 2.04 -11.84 -20.84
CA LEU D 265 2.15 -10.48 -21.37
C LEU D 265 3.36 -10.32 -22.28
N GLY D 266 4.48 -10.93 -21.88
CA GLY D 266 5.70 -10.86 -22.68
C GLY D 266 5.54 -11.48 -24.05
N ARG D 267 4.87 -12.62 -24.09
CA ARG D 267 4.63 -13.29 -25.36
C ARG D 267 3.53 -12.58 -26.15
N ARG D 268 2.59 -11.96 -25.43
CA ARG D 268 1.50 -11.26 -26.07
C ARG D 268 1.99 -10.09 -26.94
N TYR D 269 3.08 -9.46 -26.51
CA TYR D 269 3.61 -8.31 -27.25
C TYR D 269 4.96 -8.61 -27.86
N ALA D 270 5.15 -9.86 -28.27
CA ALA D 270 6.32 -10.28 -29.03
C ALA D 270 6.39 -9.50 -30.35
N PRO D 271 7.60 -9.36 -30.92
CA PRO D 271 8.89 -9.92 -30.50
C PRO D 271 9.71 -9.05 -29.56
N ASP D 272 9.33 -7.79 -29.39
CA ASP D 272 10.23 -6.82 -28.74
C ASP D 272 9.99 -6.62 -27.23
N ALA D 273 8.89 -7.15 -26.72
CA ALA D 273 8.59 -7.01 -25.31
C ALA D 273 9.50 -7.88 -24.44
N ARG D 274 9.92 -7.34 -23.32
CA ARG D 274 10.54 -8.14 -22.27
C ARG D 274 9.67 -8.04 -21.02
N ALA D 275 9.26 -9.19 -20.49
CA ALA D 275 8.43 -9.22 -19.30
C ALA D 275 8.93 -10.29 -18.32
N THR D 276 9.31 -9.87 -17.12
CA THR D 276 10.04 -10.75 -16.22
C THR D 276 9.74 -10.50 -14.75
N VAL D 277 9.44 -11.59 -14.03
CA VAL D 277 9.51 -11.57 -12.57
C VAL D 277 10.80 -12.27 -12.14
N GLY D 278 11.76 -11.48 -11.66
CA GLY D 278 13.09 -11.98 -11.38
C GLY D 278 13.38 -12.19 -9.91
N MET D 279 12.57 -11.55 -9.06
CA MET D 279 12.76 -11.64 -7.62
C MET D 279 11.46 -11.93 -6.90
N ILE D 280 11.49 -12.88 -5.98
CA ILE D 280 10.33 -13.21 -5.17
C ILE D 280 10.76 -13.52 -3.74
N GLU D 281 9.95 -13.10 -2.76
CA GLU D 281 10.16 -13.45 -1.37
C GLU D 281 8.83 -13.81 -0.73
N ALA D 282 8.69 -15.05 -0.30
CA ALA D 282 7.48 -15.49 0.39
C ALA D 282 7.70 -15.52 1.89
N ARG D 283 6.64 -15.25 2.65
CA ARG D 283 6.71 -15.33 4.10
C ARG D 283 5.51 -16.12 4.66
N PRO D 284 5.73 -16.88 5.75
CA PRO D 284 7.01 -17.05 6.44
C PRO D 284 8.01 -17.94 5.70
N ASN D 285 7.57 -18.54 4.59
CA ASN D 285 8.40 -19.40 3.76
C ASN D 285 8.78 -20.70 4.48
N SER D 286 7.85 -21.24 5.27
CA SER D 286 8.08 -22.56 5.86
C SER D 286 7.16 -23.57 5.19
N ARG D 287 7.70 -24.76 4.93
CA ARG D 287 7.03 -25.74 4.08
C ARG D 287 5.66 -26.20 4.59
N ASN D 288 5.45 -26.17 5.90
CA ASN D 288 4.18 -26.66 6.44
C ASN D 288 3.18 -25.54 6.74
N THR D 289 3.41 -24.35 6.19
CA THR D 289 2.49 -23.23 6.42
C THR D 289 2.03 -22.61 5.11
N VAL D 290 0.78 -22.18 5.08
CA VAL D 290 0.28 -21.39 3.96
C VAL D 290 0.92 -20.01 4.03
N PRO D 291 1.62 -19.60 2.95
CA PRO D 291 2.24 -18.27 2.95
C PRO D 291 1.21 -17.15 3.04
N GLY D 292 1.38 -16.27 4.02
CA GLY D 292 0.45 -15.17 4.21
C GLY D 292 0.95 -13.88 3.60
N GLY D 293 2.16 -13.90 3.06
CA GLY D 293 2.70 -12.75 2.37
C GLY D 293 3.62 -13.14 1.25
N CYS D 294 3.69 -12.31 0.22
CA CYS D 294 4.62 -12.54 -0.86
C CYS D 294 4.96 -11.22 -1.56
N PHE D 295 6.25 -10.96 -1.68
CA PHE D 295 6.76 -9.82 -2.42
C PHE D 295 7.39 -10.31 -3.71
N PHE D 296 7.12 -9.62 -4.82
CA PHE D 296 7.83 -9.92 -6.05
C PHE D 296 7.95 -8.69 -6.94
N THR D 297 8.93 -8.75 -7.85
CA THR D 297 9.19 -7.65 -8.77
C THR D 297 8.66 -7.94 -10.16
N VAL D 298 8.36 -6.88 -10.90
CA VAL D 298 7.98 -6.98 -12.29
C VAL D 298 8.78 -5.95 -13.08
N GLU D 299 9.32 -6.34 -14.22
CA GLU D 299 9.92 -5.35 -15.10
C GLU D 299 9.45 -5.56 -16.55
N PHE D 300 9.03 -4.47 -17.17
CA PHE D 300 8.66 -4.47 -18.58
C PHE D 300 9.70 -3.69 -19.38
N ARG D 301 10.11 -4.25 -20.52
CA ARG D 301 10.97 -3.51 -21.44
C ARG D 301 10.38 -3.58 -22.85
N HIS D 302 10.41 -2.45 -23.54
CA HIS D 302 9.91 -2.36 -24.92
C HIS D 302 10.31 -1.02 -25.51
N PRO D 303 10.63 -0.99 -26.81
CA PRO D 303 11.05 0.28 -27.44
C PRO D 303 9.91 1.30 -27.60
N ASP D 304 8.66 0.88 -27.43
CA ASP D 304 7.53 1.77 -27.63
C ASP D 304 6.82 2.07 -26.31
N ASP D 305 6.78 3.35 -25.93
CA ASP D 305 6.13 3.77 -24.69
C ASP D 305 4.63 3.45 -24.68
N ALA D 306 4.02 3.46 -25.86
CA ALA D 306 2.61 3.13 -25.99
C ALA D 306 2.34 1.68 -25.58
N VAL D 307 3.26 0.79 -25.95
CA VAL D 307 3.13 -0.63 -25.62
C VAL D 307 3.36 -0.85 -24.13
N LEU D 308 4.37 -0.16 -23.58
CA LEU D 308 4.63 -0.20 -22.15
C LEU D 308 3.41 0.24 -21.36
N ASP D 309 2.68 1.24 -21.87
CA ASP D 309 1.45 1.69 -21.22
C ASP D 309 0.39 0.59 -21.22
N GLU D 310 0.29 -0.14 -22.33
CA GLU D 310 -0.59 -1.30 -22.43
C GLU D 310 -0.20 -2.38 -21.42
N LEU D 311 1.09 -2.65 -21.33
CA LEU D 311 1.60 -3.64 -20.38
C LEU D 311 1.27 -3.23 -18.95
N ASP D 312 1.49 -1.95 -18.65
CA ASP D 312 1.16 -1.41 -17.33
C ASP D 312 -0.31 -1.60 -16.98
N ALA D 313 -1.19 -1.27 -17.92
CA ALA D 313 -2.62 -1.34 -17.66
C ALA D 313 -3.10 -2.78 -17.50
N ALA D 314 -2.52 -3.68 -18.29
CA ALA D 314 -2.87 -5.09 -18.21
C ALA D 314 -2.42 -5.70 -16.88
N LEU D 315 -1.21 -5.37 -16.45
CA LEU D 315 -0.67 -5.85 -15.19
C LEU D 315 -1.53 -5.42 -14.00
N ARG D 316 -1.90 -4.14 -13.98
CA ARG D 316 -2.68 -3.59 -12.88
C ARG D 316 -4.11 -4.15 -12.85
N ALA D 317 -4.72 -4.25 -14.03
CA ALA D 317 -6.08 -4.81 -14.15
C ALA D 317 -6.10 -6.27 -13.71
N GLU D 318 -5.09 -7.03 -14.12
CA GLU D 318 -5.01 -8.43 -13.73
C GLU D 318 -4.75 -8.58 -12.22
N LEU D 319 -3.88 -7.73 -11.68
CA LEU D 319 -3.60 -7.77 -10.25
C LEU D 319 -4.88 -7.54 -9.45
N ALA D 320 -5.73 -6.67 -9.97
CA ALA D 320 -7.01 -6.35 -9.33
C ALA D 320 -7.96 -7.56 -9.38
N ARG D 321 -7.96 -8.27 -10.50
CA ARG D 321 -8.79 -9.47 -10.64
C ARG D 321 -8.32 -10.56 -9.70
N VAL D 322 -7.01 -10.78 -9.65
CA VAL D 322 -6.45 -11.79 -8.77
C VAL D 322 -6.79 -11.51 -7.31
N ALA D 323 -6.62 -10.26 -6.90
CA ALA D 323 -6.93 -9.88 -5.53
C ALA D 323 -8.41 -10.12 -5.24
N ASP D 324 -9.26 -9.72 -6.18
CA ASP D 324 -10.70 -9.88 -6.02
C ASP D 324 -11.10 -11.34 -5.91
N GLU D 325 -10.56 -12.17 -6.80
CA GLU D 325 -10.91 -13.59 -6.79
C GLU D 325 -10.34 -14.30 -5.57
N THR D 326 -9.13 -13.96 -5.16
CA THR D 326 -8.46 -14.70 -4.09
C THR D 326 -8.75 -14.18 -2.69
N GLY D 327 -9.20 -12.93 -2.60
CA GLY D 327 -9.38 -12.31 -1.29
C GLY D 327 -8.08 -11.82 -0.70
N LEU D 328 -7.01 -11.86 -1.49
CA LEU D 328 -5.72 -11.32 -1.08
C LEU D 328 -5.75 -9.80 -1.11
N GLY D 329 -5.00 -9.17 -0.22
CA GLY D 329 -4.72 -7.75 -0.32
C GLY D 329 -3.56 -7.52 -1.28
N ALA D 330 -3.68 -6.53 -2.16
CA ALA D 330 -2.63 -6.27 -3.14
C ALA D 330 -2.14 -4.83 -3.10
N GLN D 331 -0.82 -4.67 -3.16
CA GLN D 331 -0.20 -3.36 -3.34
C GLN D 331 0.81 -3.42 -4.47
N ILE D 332 0.77 -2.43 -5.35
CA ILE D 332 1.74 -2.34 -6.44
C ILE D 332 2.29 -0.92 -6.51
N GLU D 333 3.57 -0.82 -6.86
CA GLU D 333 4.21 0.48 -7.01
C GLU D 333 5.24 0.44 -8.13
N GLN D 334 5.09 1.36 -9.07
CA GLN D 334 6.08 1.52 -10.13
C GLN D 334 7.28 2.26 -9.56
N ILE D 335 8.44 1.61 -9.55
CA ILE D 335 9.61 2.17 -8.85
C ILE D 335 10.68 2.71 -9.81
N PHE D 336 10.60 2.34 -11.08
CA PHE D 336 11.54 2.85 -12.09
C PHE D 336 10.85 3.05 -13.43
N THR D 337 11.20 4.14 -14.10
CA THR D 337 10.63 4.44 -15.41
C THR D 337 11.72 5.07 -16.26
N TYR D 338 11.89 4.54 -17.46
CA TYR D 338 12.94 5.00 -18.36
C TYR D 338 12.44 4.99 -19.78
N ALA D 339 12.58 6.13 -20.46
CA ALA D 339 12.26 6.21 -21.87
C ALA D 339 13.56 6.23 -22.67
N PRO D 340 13.64 5.37 -23.71
CA PRO D 340 14.86 5.23 -24.50
C PRO D 340 15.15 6.47 -25.34
N PRO D 342 16.30 7.82 -28.51
CA PRO D 342 16.07 7.36 -29.88
C PRO D 342 17.26 7.63 -30.79
N PHE D 343 17.75 6.60 -31.47
CA PHE D 343 18.90 6.79 -32.37
C PHE D 343 18.44 7.54 -33.64
N ALA D 344 19.37 8.21 -34.30
CA ALA D 344 19.04 9.01 -35.46
C ALA D 344 18.78 8.14 -36.69
N PRO D 345 17.67 8.40 -37.39
CA PRO D 345 17.34 7.71 -38.64
C PRO D 345 18.49 7.69 -39.65
N ARG D 346 19.21 8.81 -39.79
CA ARG D 346 20.33 8.92 -40.72
C ARG D 346 21.45 7.94 -40.43
N CYS D 347 21.82 7.82 -39.15
CA CYS D 347 22.87 6.92 -38.74
C CYS D 347 22.43 5.47 -38.89
N ILE D 348 21.20 5.20 -38.47
CA ILE D 348 20.58 3.89 -38.64
C ILE D 348 20.63 3.45 -40.11
N ASP D 349 20.18 4.32 -41.00
CA ASP D 349 20.22 4.04 -42.43
C ASP D 349 21.65 3.89 -42.95
N THR D 350 22.56 4.71 -42.43
CA THR D 350 23.96 4.64 -42.84
C THR D 350 24.57 3.29 -42.47
N VAL D 351 24.26 2.81 -41.27
CA VAL D 351 24.70 1.50 -40.79
C VAL D 351 24.14 0.39 -41.66
N ARG D 352 22.84 0.43 -41.91
CA ARG D 352 22.19 -0.58 -42.76
C ARG D 352 22.79 -0.58 -44.16
N ASP D 353 22.91 0.60 -44.75
CA ASP D 353 23.47 0.74 -46.10
C ASP D 353 24.91 0.23 -46.18
N ALA D 354 25.67 0.49 -45.13
CA ALA D 354 27.04 0.00 -45.06
C ALA D 354 27.09 -1.52 -45.05
N ALA D 355 26.25 -2.13 -44.23
CA ALA D 355 26.15 -3.58 -44.16
C ALA D 355 25.75 -4.15 -45.51
N ARG D 356 24.80 -3.50 -46.15
CA ARG D 356 24.28 -3.95 -47.45
C ARG D 356 25.35 -3.86 -48.52
N SER D 357 26.06 -2.74 -48.59
CA SER D 357 27.06 -2.55 -49.63
C SER D 357 28.26 -3.48 -49.41
N LEU D 358 28.43 -3.94 -48.17
CA LEU D 358 29.52 -4.86 -47.86
C LEU D 358 29.13 -6.31 -48.10
N GLY D 359 27.87 -6.52 -48.48
CA GLY D 359 27.36 -7.87 -48.69
C GLY D 359 27.27 -8.69 -47.40
N LEU D 360 27.05 -8.01 -46.28
CA LEU D 360 26.96 -8.68 -44.99
C LEU D 360 25.50 -8.93 -44.58
N SER D 361 25.21 -10.12 -44.07
CA SER D 361 23.89 -10.42 -43.54
C SER D 361 23.58 -9.52 -42.36
N HIS D 362 22.35 -9.01 -42.30
CA HIS D 362 21.99 -8.05 -41.28
C HIS D 362 20.50 -8.06 -40.96
N MET D 363 20.15 -7.47 -39.83
CA MET D 363 18.77 -7.35 -39.40
C MET D 363 18.63 -6.19 -38.43
N ASP D 364 17.45 -5.57 -38.41
CA ASP D 364 17.18 -4.56 -37.40
C ASP D 364 17.18 -5.24 -36.04
N ILE D 365 17.63 -4.53 -35.03
CA ILE D 365 17.65 -5.07 -33.68
C ILE D 365 17.49 -3.95 -32.66
N VAL D 366 16.89 -4.29 -31.52
CA VAL D 366 16.76 -3.37 -30.41
C VAL D 366 17.82 -3.71 -29.37
N SER D 367 18.50 -2.70 -28.85
CA SER D 367 19.46 -2.93 -27.76
C SER D 367 18.73 -3.23 -26.46
N GLY D 368 19.18 -4.30 -25.79
CA GLY D 368 18.54 -4.74 -24.56
C GLY D 368 19.34 -4.33 -23.34
N ALA D 369 20.38 -3.54 -23.59
CA ALA D 369 21.21 -3.02 -22.51
C ALA D 369 21.60 -1.57 -22.78
N GLY D 370 21.97 -0.85 -21.73
CA GLY D 370 22.41 0.51 -21.86
C GLY D 370 23.82 0.57 -22.44
N HIS D 371 24.10 1.63 -23.18
CA HIS D 371 25.45 1.88 -23.70
C HIS D 371 25.70 3.39 -23.67
N ASP D 372 26.98 3.77 -23.70
CA ASP D 372 27.33 5.19 -23.73
C ASP D 372 26.61 5.91 -24.86
N ALA D 373 26.48 5.22 -26.01
CA ALA D 373 25.83 5.79 -27.18
C ALA D 373 24.40 6.24 -26.89
N CYS D 374 23.75 5.60 -25.91
CA CYS D 374 22.38 5.95 -25.56
C CYS D 374 22.29 7.39 -25.06
N TYR D 375 23.34 7.83 -24.38
CA TYR D 375 23.39 9.21 -23.90
C TYR D 375 23.92 10.16 -24.98
N VAL D 376 24.91 9.72 -25.75
CA VAL D 376 25.47 10.55 -26.82
C VAL D 376 24.41 10.94 -27.84
N ALA D 377 23.42 10.05 -28.01
CA ALA D 377 22.29 10.29 -28.89
C ALA D 377 21.53 11.57 -28.55
N ARG D 378 21.64 12.03 -27.31
CA ARG D 378 20.95 13.24 -26.89
C ARG D 378 21.56 14.53 -27.46
N VAL D 379 22.80 14.46 -27.92
CA VAL D 379 23.49 15.67 -28.37
C VAL D 379 24.00 15.60 -29.81
N ALA D 380 24.04 14.38 -30.36
CA ALA D 380 24.50 14.22 -31.74
C ALA D 380 23.75 13.06 -32.41
N PRO D 381 23.58 13.14 -33.73
CA PRO D 381 22.99 12.01 -34.47
C PRO D 381 23.82 10.77 -34.24
N THR D 382 23.20 9.73 -33.66
CA THR D 382 23.95 8.58 -33.18
C THR D 382 23.35 7.28 -33.69
N GLY D 383 24.23 6.32 -34.00
CA GLY D 383 23.79 4.97 -34.31
C GLY D 383 24.65 3.94 -33.59
N MET D 384 24.20 2.69 -33.57
CA MET D 384 25.01 1.61 -33.04
C MET D 384 25.07 0.46 -34.03
N ILE D 385 26.13 -0.32 -33.92
CA ILE D 385 26.35 -1.50 -34.76
C ILE D 385 26.60 -2.70 -33.86
N PHE D 386 25.76 -3.72 -33.98
CA PHE D 386 25.92 -4.94 -33.17
C PHE D 386 26.57 -6.05 -33.98
N VAL D 387 27.42 -6.84 -33.32
CA VAL D 387 27.88 -8.11 -33.86
C VAL D 387 27.41 -9.23 -32.92
N PRO D 388 27.36 -10.48 -33.40
CA PRO D 388 26.88 -11.54 -32.49
C PRO D 388 27.92 -11.91 -31.45
N CYS D 389 27.48 -12.64 -30.43
CA CYS D 389 28.39 -13.30 -29.50
C CYS D 389 27.84 -14.69 -29.20
N VAL D 390 28.73 -15.63 -28.90
CA VAL D 390 28.36 -17.03 -28.77
C VAL D 390 27.24 -17.27 -27.75
N SER D 394 26.55 -12.63 -22.10
CA SER D 394 27.58 -11.64 -21.81
C SER D 394 27.66 -11.34 -20.32
N HIS D 395 28.38 -10.27 -19.97
CA HIS D 395 28.71 -9.94 -18.59
C HIS D 395 29.33 -11.15 -17.92
N ASN D 396 30.06 -11.92 -18.73
CA ASN D 396 30.56 -13.23 -18.35
C ASN D 396 31.94 -13.45 -18.96
N GLU D 397 32.81 -14.13 -18.24
CA GLU D 397 34.19 -14.27 -18.66
C GLU D 397 34.38 -15.14 -19.90
N ALA D 398 33.31 -15.81 -20.34
CA ALA D 398 33.41 -16.73 -21.46
C ALA D 398 32.83 -16.15 -22.75
N GLU D 399 32.23 -14.96 -22.67
CA GLU D 399 31.66 -14.31 -23.85
C GLU D 399 32.71 -14.19 -24.95
N ALA D 400 32.29 -14.41 -26.19
CA ALA D 400 33.25 -14.47 -27.29
C ALA D 400 32.63 -14.10 -28.64
N ILE D 401 33.49 -13.60 -29.52
CA ILE D 401 33.11 -13.36 -30.90
C ILE D 401 34.14 -14.05 -31.78
N THR D 402 33.80 -14.25 -33.05
CA THR D 402 34.71 -14.87 -34.00
C THR D 402 35.50 -13.79 -34.72
N PRO D 403 36.68 -14.15 -35.25
CA PRO D 403 37.44 -13.17 -36.05
C PRO D 403 36.62 -12.59 -37.19
N GLU D 404 35.80 -13.41 -37.84
CA GLU D 404 34.95 -12.95 -38.94
C GLU D 404 33.96 -11.89 -38.47
N TRP D 405 33.36 -12.12 -37.30
CA TRP D 405 32.43 -11.17 -36.73
C TRP D 405 33.12 -9.86 -36.34
N ALA D 406 34.31 -9.99 -35.76
CA ALA D 406 35.07 -8.83 -35.33
C ALA D 406 35.36 -7.93 -36.53
N THR D 407 35.83 -8.57 -37.60
CA THR D 407 36.17 -7.87 -38.83
C THR D 407 34.94 -7.23 -39.47
N ALA D 408 33.84 -7.98 -39.50
CA ALA D 408 32.63 -7.52 -40.15
C ALA D 408 32.04 -6.29 -39.48
N GLY D 409 31.98 -6.30 -38.15
CA GLY D 409 31.50 -5.13 -37.43
C GLY D 409 32.39 -3.93 -37.70
N ALA D 410 33.69 -4.18 -37.74
CA ALA D 410 34.66 -3.11 -37.96
C ALA D 410 34.59 -2.56 -39.39
N ASP D 411 34.28 -3.42 -40.36
CA ASP D 411 34.13 -2.98 -41.75
C ASP D 411 32.89 -2.12 -41.90
N VAL D 412 31.83 -2.49 -41.18
CA VAL D 412 30.61 -1.69 -41.19
C VAL D 412 30.88 -0.33 -40.55
N LEU D 413 31.63 -0.34 -39.45
CA LEU D 413 32.00 0.88 -38.74
C LEU D 413 32.79 1.83 -39.64
N LEU D 414 33.78 1.28 -40.33
CA LEU D 414 34.60 2.05 -41.26
C LEU D 414 33.76 2.75 -42.32
N ARG D 415 32.91 1.98 -43.01
CA ARG D 415 32.04 2.52 -44.04
C ARG D 415 31.15 3.64 -43.51
N ALA D 416 30.52 3.41 -42.36
CA ALA D 416 29.60 4.37 -41.78
C ALA D 416 30.31 5.65 -41.35
N VAL D 417 31.43 5.50 -40.65
CA VAL D 417 32.22 6.65 -40.20
C VAL D 417 32.71 7.46 -41.41
N LEU D 418 33.22 6.76 -42.42
CA LEU D 418 33.76 7.43 -43.60
C LEU D 418 32.69 8.27 -44.29
N GLN D 419 31.49 7.70 -44.42
CA GLN D 419 30.41 8.39 -45.12
C GLN D 419 30.04 9.68 -44.39
N SER D 420 29.85 9.58 -43.08
CA SER D 420 29.54 10.74 -42.26
C SER D 420 30.67 11.78 -42.31
N ALA D 421 31.91 11.31 -42.34
CA ALA D 421 33.07 12.19 -42.28
C ALA D 421 33.30 12.98 -43.56
N GLN D 422 32.69 12.53 -44.65
CA GLN D 422 32.81 13.24 -45.92
C GLN D 422 31.65 14.20 -46.14
N GLU D 423 30.77 14.30 -45.14
CA GLU D 423 29.57 15.13 -45.28
C GLU D 423 29.89 16.61 -45.08
N ALA D 424 29.39 17.44 -45.99
CA ALA D 424 29.62 18.88 -45.95
C ALA D 424 29.08 19.48 -44.66
ZN ZN E . -2.53 -30.40 22.09
ZN ZN E . -0.54 -27.90 20.98
S SO4 F . -11.41 -57.74 29.58
O1 SO4 F . -11.44 -57.71 28.11
O2 SO4 F . -10.07 -57.37 30.04
O3 SO4 F . -12.38 -56.81 30.13
O4 SO4 F . -11.75 -59.07 30.07
S SO4 G . 2.93 -30.54 11.40
O1 SO4 G . 3.10 -29.39 10.52
O2 SO4 G . 3.15 -31.78 10.66
O3 SO4 G . 3.89 -30.46 12.50
O4 SO4 G . 1.57 -30.54 11.95
C1 EDO H . 20.14 -2.90 -16.76
O1 EDO H . 19.53 -4.09 -16.24
C2 EDO H . 20.31 -3.05 -18.27
O2 EDO H . 20.50 -1.77 -18.88
C1 EDO I . -3.27 -52.02 33.47
O1 EDO I . -4.68 -51.86 33.70
C2 EDO I . -2.47 -51.28 34.55
O2 EDO I . -1.09 -51.30 34.18
C1 EDO J . -6.27 -40.73 24.85
O1 EDO J . -5.79 -41.23 26.11
C2 EDO J . -5.08 -40.22 24.05
O2 EDO J . -4.45 -39.17 24.78
C1 EDO K . -15.12 -50.23 22.08
O1 EDO K . -14.08 -50.87 21.35
C2 EDO K . -14.94 -48.72 21.98
O2 EDO K . -15.54 -48.12 23.14
ZN ZN L . -30.98 5.47 23.60
ZN ZN L . -29.92 5.75 20.35
S SO4 M . -44.93 13.13 48.20
O1 SO4 M . -43.48 13.23 48.11
O2 SO4 M . -45.29 12.62 49.52
O3 SO4 M . -45.51 14.45 48.00
O4 SO4 M . -45.41 12.22 47.17
S SO4 N . -16.80 3.32 45.90
O1 SO4 N . -16.10 3.64 44.66
O2 SO4 N . -15.90 2.59 46.80
O3 SO4 N . -17.23 4.57 46.54
O4 SO4 N . -17.98 2.50 45.61
S SO4 O . 1.58 20.60 -13.94
O1 SO4 O . 0.61 21.35 -14.74
O2 SO4 O . 2.92 21.10 -14.24
O3 SO4 O . 1.27 20.77 -12.53
O4 SO4 O . 1.51 19.18 -14.29
S SO4 P . -45.96 -13.64 22.80
O1 SO4 P . -45.18 -13.15 23.95
O2 SO4 P . -46.42 -14.99 23.11
O3 SO4 P . -47.11 -12.77 22.57
O4 SO4 P . -45.11 -13.66 21.61
S SO4 Q . -50.78 10.36 36.89
O1 SO4 Q . -50.40 11.32 35.87
O2 SO4 Q . -49.71 9.41 37.09
O3 SO4 Q . -51.03 11.05 38.16
O4 SO4 Q . -52.00 9.65 36.49
C1 EDO R . -25.11 13.29 18.93
O1 EDO R . -23.90 13.72 18.31
C2 EDO R . -24.89 13.16 20.43
O2 EDO R . -26.12 12.91 21.09
C1 EDO S . -34.44 10.94 45.63
O1 EDO S . -34.01 10.59 46.95
C2 EDO S . -33.74 10.02 44.65
O2 EDO S . -34.19 8.68 44.86
ZN ZN T . 3.49 28.38 -22.53
ZN ZN T . 0.42 28.01 -20.94
S SO4 U . 27.54 20.47 -38.14
O1 SO4 U . 28.65 20.83 -39.02
O2 SO4 U . 27.56 19.02 -37.92
O3 SO4 U . 27.68 21.16 -36.86
O4 SO4 U . 26.28 20.87 -38.76
S SO4 V . 26.36 37.00 -12.55
O1 SO4 V . 25.05 36.48 -12.18
O2 SO4 V . 26.50 38.37 -12.03
O3 SO4 V . 27.40 36.15 -11.97
O4 SO4 V . 26.50 37.02 -14.00
C1 EDO W . -0.39 41.61 -42.05
O1 EDO W . 0.99 41.56 -42.44
C2 EDO W . -0.51 42.23 -40.67
O2 EDO W . -0.25 43.64 -40.75
ZN ZN X . 29.62 -2.41 -23.01
ZN ZN X . 29.27 -4.06 -20.15
S SO4 Y . 17.49 -4.86 -46.63
O1 SO4 Y . 18.66 -4.03 -46.92
O2 SO4 Y . 17.01 -4.56 -45.28
O3 SO4 Y . 16.44 -4.56 -47.60
O4 SO4 Y . 17.86 -6.27 -46.72
S SO4 Z . 35.16 25.20 -46.49
O1 SO4 Z . 35.61 25.16 -45.09
O2 SO4 Z . 34.42 26.43 -46.72
O3 SO4 Z . 36.33 25.14 -47.37
O4 SO4 Z . 34.30 24.06 -46.76
#